data_7IBG
# 
_entry.id   7IBG 
# 
_audit_conform.dict_name       mmcif_pdbx.dic 
_audit_conform.dict_version    5.408 
_audit_conform.dict_location   http://mmcif.pdb.org/dictionaries/ascii/mmcif_pdbx.dic 
# 
loop_
_database_2.database_id 
_database_2.database_code 
_database_2.pdbx_database_accession 
_database_2.pdbx_DOI 
PDB   7IBG         pdb_00007ibg 10.2210/pdb7ibg/pdb 
WWPDB D_1001408555 ?            ?                   
# 
loop_
_pdbx_audit_revision_history.ordinal 
_pdbx_audit_revision_history.data_content_type 
_pdbx_audit_revision_history.major_revision 
_pdbx_audit_revision_history.minor_revision 
_pdbx_audit_revision_history.revision_date 
_pdbx_audit_revision_history.part_number 
1 'Structure model' 1 0 2025-10-22 ? 
2 'Structure model' 1 1 2025-12-10 ? 
# 
_pdbx_audit_revision_details.ordinal             1 
_pdbx_audit_revision_details.revision_ordinal    1 
_pdbx_audit_revision_details.data_content_type   'Structure model' 
_pdbx_audit_revision_details.provider            repository 
_pdbx_audit_revision_details.type                'Initial release' 
_pdbx_audit_revision_details.description         ? 
_pdbx_audit_revision_details.details             ? 
# 
_pdbx_audit_revision_group.ordinal             1 
_pdbx_audit_revision_group.revision_ordinal    2 
_pdbx_audit_revision_group.data_content_type   'Structure model' 
_pdbx_audit_revision_group.group               'Database references' 
# 
_pdbx_audit_revision_category.ordinal             1 
_pdbx_audit_revision_category.revision_ordinal    2 
_pdbx_audit_revision_category.data_content_type   'Structure model' 
_pdbx_audit_revision_category.category            citation 
# 
loop_
_pdbx_audit_revision_item.ordinal 
_pdbx_audit_revision_item.revision_ordinal 
_pdbx_audit_revision_item.data_content_type 
_pdbx_audit_revision_item.item 
1 2 'Structure model' '_citation.journal_volume' 
2 2 'Structure model' '_citation.page_first'     
3 2 'Structure model' '_citation.page_last'      
# 
loop_
_database_PDB_caveat.id 
_database_PDB_caveat.text 
1 
'Residues LEU A 46 and LYS A 47 that are next to each other in the sample sequence are not properly linked in conformers C and D.' 
2 
'Residues LYS A 47 and ASP A 48 that are next to each other in the sample sequence are not properly linked in conformers C and D.' 
# 
_pdbx_database_status.entry_id                        7IBG 
_pdbx_database_status.status_code                     REL 
_pdbx_database_status.status_code_sf                  REL 
_pdbx_database_status.status_code_mr                  ? 
_pdbx_database_status.status_code_cs                  ? 
_pdbx_database_status.recvd_initial_deposition_date   2025-05-27 
_pdbx_database_status.status_code_nmr_data            ? 
_pdbx_database_status.deposit_site                    RCSB 
_pdbx_database_status.process_site                    RCSB 
_pdbx_database_status.SG_entry                        ? 
_pdbx_database_status.pdb_format_compatible           N 
_pdbx_database_status.methods_development_category    ? 
# 
_pdbx_contact_author.id                 2 
_pdbx_contact_author.name_last          Weiss 
_pdbx_contact_author.name_first         Manfred 
_pdbx_contact_author.name_mi            S. 
_pdbx_contact_author.email              manfred.weiss@helmholtz-berlin.de 
_pdbx_contact_author.identifier_ORCID   0000-0002-2362-7047 
_pdbx_contact_author.role               'principal investigator/group leader' 
# 
loop_
_audit_author.pdbx_ordinal 
_audit_author.name 
_audit_author.identifier_ORCID 
1 'Lennartz, F.' 0000-0001-5617-5502 
2 'Weiss, M.S.'  0000-0002-2362-7047 
# 
_citation.id                        primary 
_citation.title                     
;Crystallographic fragment screening against SARS-CoV-2 nonstructural protein 1 using the F2X-Entry Screen and a newly developed fragment library.
;
_citation.journal_abbrev            'Acta Crystallogr D Struct Biol' 
_citation.journal_volume            81 
_citation.page_first                630 
_citation.page_last                 645 
_citation.year                      2025 
_citation.journal_id_ASTM           ? 
_citation.country                   ? 
_citation.journal_id_ISSN           2059-7983 
_citation.journal_id_CSD            ? 
_citation.book_publisher            ? 
_citation.pdbx_database_id_PubMed   41081353 
_citation.pdbx_database_id_DOI      10.1107/S2059798325008563 
# 
loop_
_citation_author.ordinal 
_citation_author.citation_id 
_citation_author.name 
_citation_author.identifier_ORCID 
1  primary 'Lennartz, F.'    ?                   
2  primary 'Wollenhaupt, J.' 0000-0002-3418-5213 
3  primary 'Oelker, M.'      0000-0001-7301-8445 
4  primary 'Froling, P.'     ?                   
5  primary 'Mueller, U.'     0000-0002-7139-0718 
6  primary 'Deckers, A.'     ?                   
7  primary 'Grathwol, C.'    ?                   
8  primary 'Brase, S.'       ?                   
9  primary 'Jung, N.'        0000-0001-9513-2468 
10 primary 'Weiss, M.S.'     0000-0002-2362-7047 
# 
loop_
_entity.id 
_entity.type 
_entity.src_method 
_entity.pdbx_description 
_entity.formula_weight 
_entity.pdbx_number_of_molecules 
_entity.pdbx_ec 
_entity.pdbx_mutation 
_entity.pdbx_fragment 
_entity.details 
1 polymer     man 'Host translation inhibitor nsp1'             12863.854 1  ? ? ? ? 
2 non-polymer syn 'methyl (1S)-2-oxocyclopentane-1-carboxylate' 142.152   1  ? ? ? ? 
3 water       nat water                                         18.015    82 ? ? ? ? 
# 
_entity_name_com.entity_id   1 
_entity_name_com.name        'Leader protein,Non-structural protein 1,nsp1' 
# 
_entity_poly.entity_id                      1 
_entity_poly.type                           'polypeptide(L)' 
_entity_poly.nstd_linkage                   no 
_entity_poly.nstd_monomer                   no 
_entity_poly.pdbx_seq_one_letter_code       
;EKTHVQLSLPVLQVRDVLVRGFGDSVEEVLSEARQHLKDGTCGLVEVEKGVLPQLEQPYVFIKRSDARTAPHGHVMVELV
AELEGIQYGRSGETLGVLVPHVGEIPVAYRKVLLRK
;
_entity_poly.pdbx_seq_one_letter_code_can   
;EKTHVQLSLPVLQVRDVLVRGFGDSVEEVLSEARQHLKDGTCGLVEVEKGVLPQLEQPYVFIKRSDARTAPHGHVMVELV
AELEGIQYGRSGETLGVLVPHVGEIPVAYRKVLLRK
;
_entity_poly.pdbx_strand_id                 A 
_entity_poly.pdbx_target_identifier         ? 
# 
loop_
_pdbx_entity_nonpoly.entity_id 
_pdbx_entity_nonpoly.name 
_pdbx_entity_nonpoly.comp_id 
2 'methyl (1S)-2-oxocyclopentane-1-carboxylate' A1CS3 
3 water                                         HOH   
# 
loop_
_entity_poly_seq.entity_id 
_entity_poly_seq.num 
_entity_poly_seq.mon_id 
_entity_poly_seq.hetero 
1 1   GLU n 
1 2   LYS n 
1 3   THR n 
1 4   HIS n 
1 5   VAL n 
1 6   GLN n 
1 7   LEU n 
1 8   SER n 
1 9   LEU n 
1 10  PRO n 
1 11  VAL n 
1 12  LEU n 
1 13  GLN n 
1 14  VAL n 
1 15  ARG n 
1 16  ASP n 
1 17  VAL n 
1 18  LEU n 
1 19  VAL n 
1 20  ARG n 
1 21  GLY n 
1 22  PHE n 
1 23  GLY n 
1 24  ASP n 
1 25  SER n 
1 26  VAL n 
1 27  GLU n 
1 28  GLU n 
1 29  VAL n 
1 30  LEU n 
1 31  SER n 
1 32  GLU n 
1 33  ALA n 
1 34  ARG n 
1 35  GLN n 
1 36  HIS n 
1 37  LEU n 
1 38  LYS n 
1 39  ASP n 
1 40  GLY n 
1 41  THR n 
1 42  CYS n 
1 43  GLY n 
1 44  LEU n 
1 45  VAL n 
1 46  GLU n 
1 47  VAL n 
1 48  GLU n 
1 49  LYS n 
1 50  GLY n 
1 51  VAL n 
1 52  LEU n 
1 53  PRO n 
1 54  GLN n 
1 55  LEU n 
1 56  GLU n 
1 57  GLN n 
1 58  PRO n 
1 59  TYR n 
1 60  VAL n 
1 61  PHE n 
1 62  ILE n 
1 63  LYS n 
1 64  ARG n 
1 65  SER n 
1 66  ASP n 
1 67  ALA n 
1 68  ARG n 
1 69  THR n 
1 70  ALA n 
1 71  PRO n 
1 72  HIS n 
1 73  GLY n 
1 74  HIS n 
1 75  VAL n 
1 76  MET n 
1 77  VAL n 
1 78  GLU n 
1 79  LEU n 
1 80  VAL n 
1 81  ALA n 
1 82  GLU n 
1 83  LEU n 
1 84  GLU n 
1 85  GLY n 
1 86  ILE n 
1 87  GLN n 
1 88  TYR n 
1 89  GLY n 
1 90  ARG n 
1 91  SER n 
1 92  GLY n 
1 93  GLU n 
1 94  THR n 
1 95  LEU n 
1 96  GLY n 
1 97  VAL n 
1 98  LEU n 
1 99  VAL n 
1 100 PRO n 
1 101 HIS n 
1 102 VAL n 
1 103 GLY n 
1 104 GLU n 
1 105 ILE n 
1 106 PRO n 
1 107 VAL n 
1 108 ALA n 
1 109 TYR n 
1 110 ARG n 
1 111 LYS n 
1 112 VAL n 
1 113 LEU n 
1 114 LEU n 
1 115 ARG n 
1 116 LYS n 
# 
_entity_src_gen.entity_id                          1 
_entity_src_gen.pdbx_src_id                        1 
_entity_src_gen.pdbx_alt_source_flag               sample 
_entity_src_gen.pdbx_seq_type                      'Biological sequence' 
_entity_src_gen.pdbx_beg_seq_num                   1 
_entity_src_gen.pdbx_end_seq_num                   116 
_entity_src_gen.gene_src_common_name               ? 
_entity_src_gen.gene_src_genus                     ? 
_entity_src_gen.pdbx_gene_src_gene                 'rep, 1a-1b' 
_entity_src_gen.gene_src_species                   ? 
_entity_src_gen.gene_src_strain                    ? 
_entity_src_gen.gene_src_tissue                    ? 
_entity_src_gen.gene_src_tissue_fraction           ? 
_entity_src_gen.gene_src_details                   ? 
_entity_src_gen.pdbx_gene_src_fragment             ? 
_entity_src_gen.pdbx_gene_src_scientific_name      'Severe acute respiratory syndrome coronavirus 2' 
_entity_src_gen.pdbx_gene_src_ncbi_taxonomy_id     2697049 
_entity_src_gen.pdbx_gene_src_variant              ? 
_entity_src_gen.pdbx_gene_src_cell_line            ? 
_entity_src_gen.pdbx_gene_src_atcc                 ? 
_entity_src_gen.pdbx_gene_src_organ                ? 
_entity_src_gen.pdbx_gene_src_organelle            ? 
_entity_src_gen.pdbx_gene_src_cell                 ? 
_entity_src_gen.pdbx_gene_src_cellular_location    ? 
_entity_src_gen.host_org_common_name               ? 
_entity_src_gen.pdbx_host_org_scientific_name      'Escherichia coli BL21(DE3)' 
_entity_src_gen.pdbx_host_org_ncbi_taxonomy_id     469008 
_entity_src_gen.host_org_genus                     ? 
_entity_src_gen.pdbx_host_org_gene                 ? 
_entity_src_gen.pdbx_host_org_organ                ? 
_entity_src_gen.host_org_species                   ? 
_entity_src_gen.pdbx_host_org_tissue               ? 
_entity_src_gen.pdbx_host_org_tissue_fraction      ? 
_entity_src_gen.pdbx_host_org_strain               ? 
_entity_src_gen.pdbx_host_org_variant              ? 
_entity_src_gen.pdbx_host_org_cell_line            ? 
_entity_src_gen.pdbx_host_org_atcc                 ? 
_entity_src_gen.pdbx_host_org_culture_collection   ? 
_entity_src_gen.pdbx_host_org_cell                 ? 
_entity_src_gen.pdbx_host_org_organelle            ? 
_entity_src_gen.pdbx_host_org_cellular_location    ? 
_entity_src_gen.pdbx_host_org_vector_type          plasmid 
_entity_src_gen.pdbx_host_org_vector               ? 
_entity_src_gen.host_org_details                   ? 
_entity_src_gen.expression_system_id               ? 
_entity_src_gen.plasmid_name                       pET15b 
_entity_src_gen.plasmid_details                    ? 
_entity_src_gen.pdbx_description                   ? 
# 
loop_
_chem_comp.id 
_chem_comp.type 
_chem_comp.mon_nstd_flag 
_chem_comp.name 
_chem_comp.pdbx_synonyms 
_chem_comp.formula 
_chem_comp.formula_weight 
A1CS3 non-polymer         . 'methyl (1S)-2-oxocyclopentane-1-carboxylate' ? 'C7 H10 O3'      142.152 
ALA   'L-peptide linking' y ALANINE                                       ? 'C3 H7 N O2'     89.093  
ARG   'L-peptide linking' y ARGININE                                      ? 'C6 H15 N4 O2 1' 175.209 
ASP   'L-peptide linking' y 'ASPARTIC ACID'                               ? 'C4 H7 N O4'     133.103 
CYS   'L-peptide linking' y CYSTEINE                                      ? 'C3 H7 N O2 S'   121.158 
GLN   'L-peptide linking' y GLUTAMINE                                     ? 'C5 H10 N2 O3'   146.144 
GLU   'L-peptide linking' y 'GLUTAMIC ACID'                               ? 'C5 H9 N O4'     147.129 
GLY   'peptide linking'   y GLYCINE                                       ? 'C2 H5 N O2'     75.067  
HIS   'L-peptide linking' y HISTIDINE                                     ? 'C6 H10 N3 O2 1' 156.162 
HOH   non-polymer         . WATER                                         ? 'H2 O'           18.015  
ILE   'L-peptide linking' y ISOLEUCINE                                    ? 'C6 H13 N O2'    131.173 
LEU   'L-peptide linking' y LEUCINE                                       ? 'C6 H13 N O2'    131.173 
LYS   'L-peptide linking' y LYSINE                                        ? 'C6 H15 N2 O2 1' 147.195 
MET   'L-peptide linking' y METHIONINE                                    ? 'C5 H11 N O2 S'  149.211 
PHE   'L-peptide linking' y PHENYLALANINE                                 ? 'C9 H11 N O2'    165.189 
PRO   'L-peptide linking' y PROLINE                                       ? 'C5 H9 N O2'     115.130 
SER   'L-peptide linking' y SERINE                                        ? 'C3 H7 N O3'     105.093 
THR   'L-peptide linking' y THREONINE                                     ? 'C4 H9 N O3'     119.119 
TYR   'L-peptide linking' y TYROSINE                                      ? 'C9 H11 N O3'    181.189 
VAL   'L-peptide linking' y VALINE                                        ? 'C5 H11 N O2'    117.146 
# 
loop_
_pdbx_poly_seq_scheme.asym_id 
_pdbx_poly_seq_scheme.entity_id 
_pdbx_poly_seq_scheme.seq_id 
_pdbx_poly_seq_scheme.mon_id 
_pdbx_poly_seq_scheme.ndb_seq_num 
_pdbx_poly_seq_scheme.pdb_seq_num 
_pdbx_poly_seq_scheme.auth_seq_num 
_pdbx_poly_seq_scheme.pdb_mon_id 
_pdbx_poly_seq_scheme.auth_mon_id 
_pdbx_poly_seq_scheme.pdb_strand_id 
_pdbx_poly_seq_scheme.pdb_ins_code 
_pdbx_poly_seq_scheme.hetero 
A 1 1   GLU 1   10  ?   ?   ?   A . n 
A 1 2   LYS 2   11  11  LYS LYS A . n 
A 1 3   THR 3   12  12  THR THR A . n 
A 1 4   HIS 4   13  13  HIS HIS A . n 
A 1 5   VAL 5   14  14  VAL VAL A . n 
A 1 6   GLN 6   15  15  GLN GLN A . n 
A 1 7   LEU 7   16  16  LEU LEU A . n 
A 1 8   SER 8   17  17  SER SER A . n 
A 1 9   LEU 9   18  18  LEU LEU A . n 
A 1 10  PRO 10  19  19  PRO PRO A . n 
A 1 11  VAL 11  20  20  VAL VAL A . n 
A 1 12  LEU 12  21  21  LEU LEU A . n 
A 1 13  GLN 13  22  22  GLN GLN A . n 
A 1 14  VAL 14  23  23  VAL VAL A . n 
A 1 15  ARG 15  24  24  ARG ARG A . n 
A 1 16  ASP 16  25  25  ASP ASP A . n 
A 1 17  VAL 17  26  26  VAL VAL A . n 
A 1 18  LEU 18  27  27  LEU LEU A . n 
A 1 19  VAL 19  28  28  VAL VAL A . n 
A 1 20  ARG 20  29  29  ARG ARG A . n 
A 1 21  GLY 21  30  30  GLY GLY A . n 
A 1 22  PHE 22  31  31  PHE PHE A . n 
A 1 23  GLY 23  32  32  GLY GLY A . n 
A 1 24  ASP 24  33  33  ASP ASP A . n 
A 1 25  SER 25  34  34  SER SER A . n 
A 1 26  VAL 26  35  35  VAL VAL A . n 
A 1 27  GLU 27  36  36  GLU GLU A . n 
A 1 28  GLU 28  37  37  GLU GLU A . n 
A 1 29  VAL 29  38  38  VAL VAL A . n 
A 1 30  LEU 30  39  39  LEU LEU A . n 
A 1 31  SER 31  40  40  SER SER A . n 
A 1 32  GLU 32  41  41  GLU GLU A . n 
A 1 33  ALA 33  42  42  ALA ALA A . n 
A 1 34  ARG 34  43  43  ARG ARG A . n 
A 1 35  GLN 35  44  44  GLN GLN A . n 
A 1 36  HIS 36  45  45  HIS HIS A . n 
A 1 37  LEU 37  46  46  LEU LEU A . n 
A 1 38  LYS 38  47  47  LYS LYS A . n 
A 1 39  ASP 39  48  48  ASP ASP A . n 
A 1 40  GLY 40  49  49  GLY GLY A . n 
A 1 41  THR 41  50  50  THR THR A . n 
A 1 42  CYS 42  51  51  CYS CYS A . n 
A 1 43  GLY 43  52  52  GLY GLY A . n 
A 1 44  LEU 44  53  53  LEU LEU A . n 
A 1 45  VAL 45  54  54  VAL VAL A . n 
A 1 46  GLU 46  55  55  GLU GLU A . n 
A 1 47  VAL 47  56  56  VAL VAL A . n 
A 1 48  GLU 48  57  57  GLU GLU A . n 
A 1 49  LYS 49  58  58  LYS LYS A . n 
A 1 50  GLY 50  59  59  GLY GLY A . n 
A 1 51  VAL 51  60  60  VAL VAL A . n 
A 1 52  LEU 52  61  61  LEU LEU A . n 
A 1 53  PRO 53  62  62  PRO PRO A . n 
A 1 54  GLN 54  63  63  GLN GLN A . n 
A 1 55  LEU 55  64  64  LEU LEU A . n 
A 1 56  GLU 56  65  65  GLU GLU A . n 
A 1 57  GLN 57  66  66  GLN GLN A . n 
A 1 58  PRO 58  67  67  PRO PRO A . n 
A 1 59  TYR 59  68  68  TYR TYR A . n 
A 1 60  VAL 60  69  69  VAL VAL A . n 
A 1 61  PHE 61  70  70  PHE PHE A . n 
A 1 62  ILE 62  71  71  ILE ILE A . n 
A 1 63  LYS 63  72  72  LYS LYS A . n 
A 1 64  ARG 64  73  73  ARG ARG A . n 
A 1 65  SER 65  74  74  SER SER A . n 
A 1 66  ASP 66  75  75  ASP ASP A . n 
A 1 67  ALA 67  76  76  ALA ALA A . n 
A 1 68  ARG 68  77  ?   ?   ?   A . n 
A 1 69  THR 69  78  ?   ?   ?   A . n 
A 1 70  ALA 70  79  79  ALA ALA A . n 
A 1 71  PRO 71  80  80  PRO PRO A . n 
A 1 72  HIS 72  81  81  HIS HIS A . n 
A 1 73  GLY 73  82  82  GLY GLY A . n 
A 1 74  HIS 74  83  83  HIS HIS A . n 
A 1 75  VAL 75  84  84  VAL VAL A . n 
A 1 76  MET 76  85  85  MET MET A . n 
A 1 77  VAL 77  86  86  VAL VAL A . n 
A 1 78  GLU 78  87  87  GLU GLU A . n 
A 1 79  LEU 79  88  88  LEU LEU A . n 
A 1 80  VAL 80  89  89  VAL VAL A . n 
A 1 81  ALA 81  90  90  ALA ALA A . n 
A 1 82  GLU 82  91  91  GLU GLU A . n 
A 1 83  LEU 83  92  92  LEU LEU A . n 
A 1 84  GLU 84  93  93  GLU GLU A . n 
A 1 85  GLY 85  94  94  GLY GLY A . n 
A 1 86  ILE 86  95  95  ILE ILE A . n 
A 1 87  GLN 87  96  96  GLN GLN A . n 
A 1 88  TYR 88  97  97  TYR TYR A . n 
A 1 89  GLY 89  98  98  GLY GLY A . n 
A 1 90  ARG 90  99  99  ARG ARG A . n 
A 1 91  SER 91  100 100 SER SER A . n 
A 1 92  GLY 92  101 101 GLY GLY A . n 
A 1 93  GLU 93  102 102 GLU GLU A . n 
A 1 94  THR 94  103 103 THR THR A . n 
A 1 95  LEU 95  104 104 LEU LEU A . n 
A 1 96  GLY 96  105 105 GLY GLY A . n 
A 1 97  VAL 97  106 106 VAL VAL A . n 
A 1 98  LEU 98  107 107 LEU LEU A . n 
A 1 99  VAL 99  108 108 VAL VAL A . n 
A 1 100 PRO 100 109 109 PRO PRO A . n 
A 1 101 HIS 101 110 110 HIS HIS A . n 
A 1 102 VAL 102 111 111 VAL VAL A . n 
A 1 103 GLY 103 112 112 GLY GLY A . n 
A 1 104 GLU 104 113 113 GLU GLU A . n 
A 1 105 ILE 105 114 114 ILE ILE A . n 
A 1 106 PRO 106 115 115 PRO PRO A . n 
A 1 107 VAL 107 116 116 VAL VAL A . n 
A 1 108 ALA 108 117 117 ALA ALA A . n 
A 1 109 TYR 109 118 118 TYR TYR A . n 
A 1 110 ARG 110 119 119 ARG ARG A . n 
A 1 111 LYS 111 120 120 LYS LYS A . n 
A 1 112 VAL 112 121 121 VAL VAL A . n 
A 1 113 LEU 113 122 122 LEU LEU A . n 
A 1 114 LEU 114 123 123 LEU LEU A . n 
A 1 115 ARG 115 124 124 ARG ARG A . n 
A 1 116 LYS 116 125 125 LYS LYS A . n 
# 
loop_
_pdbx_nonpoly_scheme.asym_id 
_pdbx_nonpoly_scheme.entity_id 
_pdbx_nonpoly_scheme.mon_id 
_pdbx_nonpoly_scheme.ndb_seq_num 
_pdbx_nonpoly_scheme.pdb_seq_num 
_pdbx_nonpoly_scheme.auth_seq_num 
_pdbx_nonpoly_scheme.pdb_mon_id 
_pdbx_nonpoly_scheme.auth_mon_id 
_pdbx_nonpoly_scheme.pdb_strand_id 
_pdbx_nonpoly_scheme.pdb_ins_code 
B 2 A1CS3 1  201 210 A1CS3 LIG A . 
C 3 HOH   1  301 26  HOH   HOH A . 
C 3 HOH   2  302 42  HOH   HOH A . 
C 3 HOH   3  303 72  HOH   HOH A . 
C 3 HOH   4  304 68  HOH   HOH A . 
C 3 HOH   5  305 44  HOH   HOH A . 
C 3 HOH   6  306 56  HOH   HOH A . 
C 3 HOH   7  307 43  HOH   HOH A . 
C 3 HOH   8  308 19  HOH   HOH A . 
C 3 HOH   9  309 16  HOH   HOH A . 
C 3 HOH   10 310 46  HOH   HOH A . 
C 3 HOH   11 311 28  HOH   HOH A . 
C 3 HOH   12 312 66  HOH   HOH A . 
C 3 HOH   13 313 37  HOH   HOH A . 
C 3 HOH   14 314 80  HOH   HOH A . 
C 3 HOH   15 315 2   HOH   HOH A . 
C 3 HOH   16 316 6   HOH   HOH A . 
C 3 HOH   17 317 40  HOH   HOH A . 
C 3 HOH   18 318 3   HOH   HOH A . 
C 3 HOH   19 319 76  HOH   HOH A . 
C 3 HOH   20 320 35  HOH   HOH A . 
C 3 HOH   21 321 12  HOH   HOH A . 
C 3 HOH   22 322 9   HOH   HOH A . 
C 3 HOH   23 323 39  HOH   HOH A . 
C 3 HOH   24 324 21  HOH   HOH A . 
C 3 HOH   25 325 22  HOH   HOH A . 
C 3 HOH   26 326 10  HOH   HOH A . 
C 3 HOH   27 327 71  HOH   HOH A . 
C 3 HOH   28 328 23  HOH   HOH A . 
C 3 HOH   29 329 64  HOH   HOH A . 
C 3 HOH   30 330 20  HOH   HOH A . 
C 3 HOH   31 331 77  HOH   HOH A . 
C 3 HOH   32 332 74  HOH   HOH A . 
C 3 HOH   33 333 15  HOH   HOH A . 
C 3 HOH   34 334 36  HOH   HOH A . 
C 3 HOH   35 335 25  HOH   HOH A . 
C 3 HOH   36 336 55  HOH   HOH A . 
C 3 HOH   37 337 14  HOH   HOH A . 
C 3 HOH   38 338 38  HOH   HOH A . 
C 3 HOH   39 339 48  HOH   HOH A . 
C 3 HOH   40 340 51  HOH   HOH A . 
C 3 HOH   41 341 69  HOH   HOH A . 
C 3 HOH   42 342 7   HOH   HOH A . 
C 3 HOH   43 343 50  HOH   HOH A . 
C 3 HOH   44 344 4   HOH   HOH A . 
C 3 HOH   45 345 27  HOH   HOH A . 
C 3 HOH   46 346 60  HOH   HOH A . 
C 3 HOH   47 347 17  HOH   HOH A . 
C 3 HOH   48 348 30  HOH   HOH A . 
C 3 HOH   49 349 24  HOH   HOH A . 
C 3 HOH   50 350 1   HOH   HOH A . 
C 3 HOH   51 351 18  HOH   HOH A . 
C 3 HOH   52 352 45  HOH   HOH A . 
C 3 HOH   53 353 8   HOH   HOH A . 
C 3 HOH   54 354 13  HOH   HOH A . 
C 3 HOH   55 355 79  HOH   HOH A . 
C 3 HOH   56 356 52  HOH   HOH A . 
C 3 HOH   57 357 29  HOH   HOH A . 
C 3 HOH   58 358 33  HOH   HOH A . 
C 3 HOH   59 359 49  HOH   HOH A . 
C 3 HOH   60 360 58  HOH   HOH A . 
C 3 HOH   61 361 73  HOH   HOH A . 
C 3 HOH   62 362 11  HOH   HOH A . 
C 3 HOH   63 363 47  HOH   HOH A . 
C 3 HOH   64 364 5   HOH   HOH A . 
C 3 HOH   65 365 81  HOH   HOH A . 
C 3 HOH   66 366 31  HOH   HOH A . 
C 3 HOH   67 367 57  HOH   HOH A . 
C 3 HOH   68 368 32  HOH   HOH A . 
C 3 HOH   69 369 34  HOH   HOH A . 
C 3 HOH   70 370 53  HOH   HOH A . 
C 3 HOH   71 371 63  HOH   HOH A . 
C 3 HOH   72 372 62  HOH   HOH A . 
C 3 HOH   73 373 78  HOH   HOH A . 
C 3 HOH   74 374 65  HOH   HOH A . 
C 3 HOH   75 375 41  HOH   HOH A . 
C 3 HOH   76 376 61  HOH   HOH A . 
C 3 HOH   77 377 70  HOH   HOH A . 
C 3 HOH   78 378 67  HOH   HOH A . 
C 3 HOH   79 379 59  HOH   HOH A . 
C 3 HOH   80 380 54  HOH   HOH A . 
C 3 HOH   81 381 82  HOH   HOH A . 
C 3 HOH   82 382 75  HOH   HOH A . 
# 
loop_
_pdbx_unobs_or_zero_occ_atoms.id 
_pdbx_unobs_or_zero_occ_atoms.PDB_model_num 
_pdbx_unobs_or_zero_occ_atoms.polymer_flag 
_pdbx_unobs_or_zero_occ_atoms.occupancy_flag 
_pdbx_unobs_or_zero_occ_atoms.auth_asym_id 
_pdbx_unobs_or_zero_occ_atoms.auth_comp_id 
_pdbx_unobs_or_zero_occ_atoms.auth_seq_id 
_pdbx_unobs_or_zero_occ_atoms.PDB_ins_code 
_pdbx_unobs_or_zero_occ_atoms.auth_atom_id 
_pdbx_unobs_or_zero_occ_atoms.label_alt_id 
_pdbx_unobs_or_zero_occ_atoms.label_asym_id 
_pdbx_unobs_or_zero_occ_atoms.label_comp_id 
_pdbx_unobs_or_zero_occ_atoms.label_seq_id 
_pdbx_unobs_or_zero_occ_atoms.label_atom_id 
1 1 Y 1 A LYS 125 ? CG ? A LYS 116 CG 
2 1 Y 1 A LYS 125 ? CD ? A LYS 116 CD 
3 1 Y 1 A LYS 125 ? CE ? A LYS 116 CE 
4 1 Y 1 A LYS 125 ? NZ ? A LYS 116 NZ 
# 
loop_
_software.classification 
_software.name 
_software.version 
_software.citation_id 
_software.pdbx_ordinal 
refinement       REFMAC 5.8.0267 ? 1 
phasing          PHASER .        ? 2 
'data scaling'   XDS    .        ? 3 
'data reduction' XDS    .        ? 4 
# 
_cell.entry_id           7IBG 
_cell.length_a           36.630 
_cell.length_b           36.630 
_cell.length_c           141.950 
_cell.angle_alpha        90.00 
_cell.angle_beta         90.00 
_cell.angle_gamma        90.00 
_cell.Z_PDB              8 
_cell.pdbx_unique_axis   ? 
# 
_symmetry.entry_id                         7IBG 
_symmetry.space_group_name_H-M             'P 43 21 2' 
_symmetry.pdbx_full_space_group_name_H-M   ? 
_symmetry.cell_setting                     ? 
_symmetry.Int_Tables_number                96 
# 
_exptl.entry_id          7IBG 
_exptl.method            'X-RAY DIFFRACTION' 
_exptl.crystals_number   1 
# 
_exptl_crystal.id                    1 
_exptl_crystal.density_Matthews      1.85 
_exptl_crystal.density_percent_sol   33.68 
_exptl_crystal.density_meas          ? 
_exptl_crystal.description           ? 
# 
_exptl_crystal_grow.crystal_id      1 
_exptl_crystal_grow.method          'VAPOR DIFFUSION, SITTING DROP' 
_exptl_crystal_grow.pdbx_details    '0.1 M HEPES pH 7.5 and 25% (w/v) PEG 3350. Reproducibility was improved by seeding.' 
_exptl_crystal_grow.temp            293 
_exptl_crystal_grow.pH              7.5 
_exptl_crystal_grow.temp_details    ? 
_exptl_crystal_grow.pdbx_pH_range   ? 
# 
_diffrn.id                     1 
_diffrn.ambient_temp           100 
_diffrn.crystal_id             1 
_diffrn.ambient_temp_details   ? 
# 
_diffrn_detector.diffrn_id              1 
_diffrn_detector.detector               PIXEL 
_diffrn_detector.pdbx_collection_date   2023-05-02 
_diffrn_detector.type                   'DECTRIS PILATUS3 6M' 
_diffrn_detector.id                     1 
_diffrn_detector.details                ? 
# 
_diffrn_radiation.diffrn_id                        1 
_diffrn_radiation.pdbx_diffrn_protocol             'SINGLE WAVELENGTH' 
_diffrn_radiation.pdbx_monochromatic_or_laue_m_l   M 
_diffrn_radiation.pdbx_scattering_type             x-ray 
_diffrn_radiation.wavelength_id                    1 
_diffrn_radiation.monochromator                    ? 
# 
_diffrn_radiation_wavelength.id           1 
_diffrn_radiation_wavelength.wavelength   0.9184 
_diffrn_radiation_wavelength.wt           1.0 
# 
_diffrn_source.diffrn_id                   1 
_diffrn_source.pdbx_wavelength_list        0.9184 
_diffrn_source.source                      SYNCHROTRON 
_diffrn_source.type                        'BESSY BEAMLINE 14.1' 
_diffrn_source.pdbx_synchrotron_site       BESSY 
_diffrn_source.pdbx_synchrotron_beamline   14.1 
_diffrn_source.pdbx_wavelength             ? 
# 
_reflns.entry_id                     7IBG 
_reflns.pdbx_diffrn_id               1 
_reflns.pdbx_ordinal                 1 
_reflns.d_resolution_low             35.49 
_reflns.d_resolution_high            1.88 
_reflns.number_obs                   8535 
_reflns.percent_possible_obs         100.0 
_reflns.pdbx_Rmerge_I_obs            0.076 
_reflns.pdbx_netI_over_sigmaI        18.96 
_reflns.pdbx_Rrim_I_all              0.08 
_reflns.pdbx_CC_half                 0.9990000000000001 
_reflns.pdbx_number_measured_all     103534 
_reflns.observed_criterion_sigma_I   ? 
_reflns.observed_criterion_sigma_F   ? 
_reflns.number_all                   ? 
_reflns.pdbx_Rsym_value              ? 
_reflns.B_iso_Wilson_estimate        ? 
_reflns.pdbx_redundancy              ? 
# 
loop_
_reflns_shell.pdbx_diffrn_id 
_reflns_shell.pdbx_ordinal 
_reflns_shell.d_res_high 
_reflns_shell.d_res_low 
_reflns_shell.number_measured_obs 
_reflns_shell.number_unique_obs 
_reflns_shell.Rmerge_I_obs 
_reflns_shell.percent_possible_obs 
_reflns_shell.pdbx_netI_over_sigmaI_obs 
_reflns_shell.pdbx_Rrim_I_all 
_reflns_shell.pdbx_CC_half 
_reflns_shell.percent_possible_all 
_reflns_shell.pdbx_Rsym_value 
_reflns_shell.meanI_over_sigI_obs 
_reflns_shell.pdbx_redundancy 
1 1 1.88 1.99 17250 1341 1.0090000000000001   99.9  2.29  1.05                 0.7559999999999999 ? ? ? ? 
1 2 1.99 2.13 16039 1249 0.616                100.0 3.90  0.642                0.895              ? ? ? ? 
1 3 2.13 2.3  14521 1168 0.379                100.0 6.24  0.396                0.958              ? ? ? ? 
1 4 2.30 2.52 12997 1095 0.25                 100.0 9.27  0.261                0.982              ? ? ? ? 
1 5 2.52 2.82 12886 1007 0.16399999999999998  100.0 14.99 0.171                0.9940000000000001 ? ? ? ? 
1 6 2.82 3.25 10607 884  0.094                99.9  25.82 0.099                0.998              ? ? ? ? 
1 7 3.25 3.97 8384  772  0.05                 100.0 45.74 0.053                0.9990000000000001 ? ? ? ? 
1 8 3.97 5.58 6966  620  0.036000000000000004 100.0 62.30 0.037000000000000005 1.0                ? ? ? ? 
1 9 5.58 ?    3884  399  0.027999999999999997 100.0 61.60 0.03                 0.9990000000000001 ? ? ? ? 
# 
_refine.pdbx_refine_id                           'X-RAY DIFFRACTION' 
_refine.entry_id                                 7IBG 
_refine.pdbx_diffrn_id                           1 
_refine.pdbx_TLS_residual_ADP_flag               ? 
_refine.ls_number_reflns_obs                     8108 
_refine.ls_number_reflns_all                     ? 
_refine.pdbx_ls_sigma_I                          ? 
_refine.pdbx_ls_sigma_F                          ? 
_refine.pdbx_data_cutoff_high_absF               ? 
_refine.pdbx_data_cutoff_low_absF                ? 
_refine.pdbx_data_cutoff_high_rms_absF           ? 
_refine.ls_d_res_low                             35.49 
_refine.ls_d_res_high                            1.88 
_refine.ls_percent_reflns_obs                    99.96 
_refine.ls_R_factor_obs                          0.19578 
_refine.ls_R_factor_all                          ? 
_refine.ls_R_factor_R_work                       0.19405 
_refine.ls_R_factor_R_free                       0.23060 
_refine.ls_R_factor_R_free_error                 ? 
_refine.ls_R_factor_R_free_error_details         ? 
_refine.ls_percent_reflns_R_free                 5.0 
_refine.ls_number_reflns_R_free                  427 
_refine.ls_number_parameters                     ? 
_refine.ls_number_restraints                     ? 
_refine.occupancy_min                            ? 
_refine.occupancy_max                            ? 
_refine.correlation_coeff_Fo_to_Fc               0.960 
_refine.correlation_coeff_Fo_to_Fc_free          0.945 
_refine.B_iso_mean                               38.997 
_refine.aniso_B[1][1]                            -0.43 
_refine.aniso_B[2][2]                            -0.43 
_refine.aniso_B[3][3]                            0.86 
_refine.aniso_B[1][2]                            0.00 
_refine.aniso_B[1][3]                            0.00 
_refine.aniso_B[2][3]                            0.00 
_refine.solvent_model_details                    MASK 
_refine.solvent_model_param_ksol                 ? 
_refine.solvent_model_param_bsol                 ? 
_refine.pdbx_solvent_vdw_probe_radii             1.20 
_refine.pdbx_solvent_ion_probe_radii             0.80 
_refine.pdbx_solvent_shrinkage_radii             0.80 
_refine.pdbx_ls_cross_valid_method               THROUGHOUT 
_refine.details                                  'HYDROGENS HAVE BEEN ADDED IN THE RIDING POSITIONS' 
_refine.pdbx_starting_model                      ? 
_refine.pdbx_method_to_determine_struct          'MOLECULAR REPLACEMENT' 
_refine.pdbx_isotropic_thermal_model             ? 
_refine.pdbx_stereochemistry_target_values       'MAXIMUM LIKELIHOOD' 
_refine.pdbx_stereochem_target_val_spec_case     ? 
_refine.pdbx_R_Free_selection_details            RANDOM 
_refine.pdbx_overall_ESU_R                       0.234 
_refine.pdbx_overall_ESU_R_Free                  0.173 
_refine.overall_SU_ML                            0.134 
_refine.pdbx_overall_phase_error                 ? 
_refine.overall_SU_B                             4.801 
_refine.overall_SU_R_Cruickshank_DPI             ? 
_refine.pdbx_overall_SU_R_free_Cruickshank_DPI   ? 
_refine.pdbx_overall_SU_R_Blow_DPI               ? 
_refine.pdbx_overall_SU_R_free_Blow_DPI          ? 
# 
_refine_hist.pdbx_refine_id                   'X-RAY DIFFRACTION' 
_refine_hist.cycle_id                         1 
_refine_hist.pdbx_number_atoms_protein        873 
_refine_hist.pdbx_number_atoms_nucleic_acid   0 
_refine_hist.pdbx_number_atoms_ligand         10 
_refine_hist.number_atoms_solvent             82 
_refine_hist.number_atoms_total               965 
_refine_hist.d_res_high                       1.88 
_refine_hist.d_res_low                        35.49 
# 
loop_
_refine_ls_restr.type 
_refine_ls_restr.dev_ideal 
_refine_ls_restr.dev_ideal_target 
_refine_ls_restr.weight 
_refine_ls_restr.number 
_refine_ls_restr.pdbx_refine_id 
_refine_ls_restr.pdbx_restraint_function 
r_bond_refined_d             0.009  0.014  ? 1356 'X-RAY DIFFRACTION' ? 
r_bond_other_d               0.001  0.018  ? 1141 'X-RAY DIFFRACTION' ? 
r_angle_refined_deg          1.550  1.645  ? 1597 'X-RAY DIFFRACTION' ? 
r_angle_other_deg            1.274  1.606  ? 2633 'X-RAY DIFFRACTION' ? 
r_dihedral_angle_1_deg       7.104  5.000  ? 149  'X-RAY DIFFRACTION' ? 
r_dihedral_angle_2_deg       28.508 21.970 ? 66   'X-RAY DIFFRACTION' ? 
r_dihedral_angle_3_deg       14.988 15.000 ? 205  'X-RAY DIFFRACTION' ? 
r_dihedral_angle_4_deg       7.710  15.000 ? 10   'X-RAY DIFFRACTION' ? 
r_chiral_restr               0.071  0.200  ? 143  'X-RAY DIFFRACTION' ? 
r_gen_planes_refined         0.007  0.020  ? 1357 'X-RAY DIFFRACTION' ? 
r_gen_planes_other           0.002  0.020  ? 255  'X-RAY DIFFRACTION' ? 
r_nbd_refined                ?      ?      ? ?    'X-RAY DIFFRACTION' ? 
r_nbd_other                  ?      ?      ? ?    'X-RAY DIFFRACTION' ? 
r_nbtor_refined              ?      ?      ? ?    'X-RAY DIFFRACTION' ? 
r_nbtor_other                ?      ?      ? ?    'X-RAY DIFFRACTION' ? 
r_xyhbond_nbd_refined        ?      ?      ? ?    'X-RAY DIFFRACTION' ? 
r_xyhbond_nbd_other          ?      ?      ? ?    'X-RAY DIFFRACTION' ? 
r_metal_ion_refined          ?      ?      ? ?    'X-RAY DIFFRACTION' ? 
r_metal_ion_other            ?      ?      ? ?    'X-RAY DIFFRACTION' ? 
r_symmetry_vdw_refined       ?      ?      ? ?    'X-RAY DIFFRACTION' ? 
r_symmetry_vdw_other         ?      ?      ? ?    'X-RAY DIFFRACTION' ? 
r_symmetry_hbond_refined     ?      ?      ? ?    'X-RAY DIFFRACTION' ? 
r_symmetry_hbond_other       ?      ?      ? ?    'X-RAY DIFFRACTION' ? 
r_symmetry_metal_ion_refined ?      ?      ? ?    'X-RAY DIFFRACTION' ? 
r_symmetry_metal_ion_other   ?      ?      ? ?    'X-RAY DIFFRACTION' ? 
r_mcbond_it                  2.867  3.717  ? 672  'X-RAY DIFFRACTION' ? 
r_mcbond_other               2.875  3.730  ? 668  'X-RAY DIFFRACTION' ? 
r_mcangle_it                 4.210  5.610  ? 739  'X-RAY DIFFRACTION' ? 
r_mcangle_other              4.207  5.605  ? 740  'X-RAY DIFFRACTION' ? 
r_scbond_it                  3.628  4.241  ? 684  'X-RAY DIFFRACTION' ? 
r_scbond_other               3.625  4.237  ? 685  'X-RAY DIFFRACTION' ? 
r_scangle_it                 ?      ?      ? ?    'X-RAY DIFFRACTION' ? 
r_scangle_other              6.155  6.217  ? 859  'X-RAY DIFFRACTION' ? 
r_long_range_B_refined       9.177  45.284 ? 1236 'X-RAY DIFFRACTION' ? 
r_long_range_B_other         9.173  45.266 ? 1237 'X-RAY DIFFRACTION' ? 
r_rigid_bond_restr           ?      ?      ? ?    'X-RAY DIFFRACTION' ? 
r_sphericity_free            ?      ?      ? ?    'X-RAY DIFFRACTION' ? 
r_sphericity_bonded          ?      ?      ? ?    'X-RAY DIFFRACTION' ? 
# 
_refine_ls_shell.pdbx_refine_id                   'X-RAY DIFFRACTION' 
_refine_ls_shell.pdbx_total_number_of_bins_used   20 
_refine_ls_shell.d_res_high                       1.881 
_refine_ls_shell.d_res_low                        1.929 
_refine_ls_shell.number_reflns_R_work             598 
_refine_ls_shell.R_factor_R_work                  0.288 
_refine_ls_shell.percent_reflns_obs               99.68 
_refine_ls_shell.R_factor_R_free                  0.271 
_refine_ls_shell.R_factor_R_free_error            ? 
_refine_ls_shell.percent_reflns_R_free            ? 
_refine_ls_shell.number_reflns_R_free             31 
_refine_ls_shell.number_reflns_all                ? 
_refine_ls_shell.R_factor_all                     ? 
# 
_struct.entry_id                  7IBG 
_struct.title                     
'PanDDA analysis group deposition -- SARS-CoV-2 Nsp1 in complex with fragment X5449 (well G01) from the KIT library' 
_struct.pdbx_CASP_flag            N 
_struct.pdbx_model_details        ? 
_struct.pdbx_model_type_details   ? 
# 
_struct_keywords.entry_id        7IBG 
_struct_keywords.pdbx_keywords   'VIRAL PROTEIN' 
_struct_keywords.text            'SARS-CoV-2, fragment screen, Nsp1, KIT library, VIRAL PROTEIN' 
# 
loop_
_struct_asym.id 
_struct_asym.pdbx_blank_PDB_chainid_flag 
_struct_asym.pdbx_modified 
_struct_asym.entity_id 
_struct_asym.details 
A N N 1 ? 
B N N 2 ? 
C N N 3 ? 
# 
_struct_ref.id                         1 
_struct_ref.db_name                    UNP 
_struct_ref.db_code                    R1AB_SARS2 
_struct_ref.pdbx_db_accession          P0DTD1 
_struct_ref.pdbx_db_isoform            ? 
_struct_ref.entity_id                  1 
_struct_ref.pdbx_seq_one_letter_code   
;EKTHVQLSLPVLQVRDVLVRGFGDSVEEVLSEARQHLKDGTCGLVEVEKGVLPQLEQPYVFIKRSDARTAPHGHVMVELV
AELEGIQYGRSGETLGVLVPHVGEIPVAYRKVLLRK
;
_struct_ref.pdbx_align_begin           10 
# 
_struct_ref_seq.align_id                      1 
_struct_ref_seq.ref_id                        1 
_struct_ref_seq.pdbx_PDB_id_code              7IBG 
_struct_ref_seq.pdbx_strand_id                A 
_struct_ref_seq.seq_align_beg                 1 
_struct_ref_seq.pdbx_seq_align_beg_ins_code   ? 
_struct_ref_seq.seq_align_end                 116 
_struct_ref_seq.pdbx_seq_align_end_ins_code   ? 
_struct_ref_seq.pdbx_db_accession             P0DTD1 
_struct_ref_seq.db_align_beg                  10 
_struct_ref_seq.pdbx_db_align_beg_ins_code    ? 
_struct_ref_seq.db_align_end                  125 
_struct_ref_seq.pdbx_db_align_end_ins_code    ? 
_struct_ref_seq.pdbx_auth_seq_align_beg       10 
_struct_ref_seq.pdbx_auth_seq_align_end       125 
# 
_pdbx_struct_assembly.id                   1 
_pdbx_struct_assembly.details              author_and_software_defined_assembly 
_pdbx_struct_assembly.method_details       PISA 
_pdbx_struct_assembly.oligomeric_details   monomeric 
_pdbx_struct_assembly.oligomeric_count     1 
# 
loop_
_pdbx_struct_assembly_prop.biol_id 
_pdbx_struct_assembly_prop.type 
_pdbx_struct_assembly_prop.value 
_pdbx_struct_assembly_prop.details 
1 'ABSA (A^2)' 0    ? 
1 MORE         0    ? 
1 'SSA (A^2)'  6380 ? 
# 
_pdbx_struct_assembly_gen.assembly_id       1 
_pdbx_struct_assembly_gen.oper_expression   1 
_pdbx_struct_assembly_gen.asym_id_list      A,B,C 
# 
_pdbx_struct_oper_list.id                   1 
_pdbx_struct_oper_list.type                 'identity operation' 
_pdbx_struct_oper_list.name                 1_555 
_pdbx_struct_oper_list.symmetry_operation   x,y,z 
_pdbx_struct_oper_list.matrix[1][1]         1.0000000000 
_pdbx_struct_oper_list.matrix[1][2]         0.0000000000 
_pdbx_struct_oper_list.matrix[1][3]         0.0000000000 
_pdbx_struct_oper_list.vector[1]            0.0000000000 
_pdbx_struct_oper_list.matrix[2][1]         0.0000000000 
_pdbx_struct_oper_list.matrix[2][2]         1.0000000000 
_pdbx_struct_oper_list.matrix[2][3]         0.0000000000 
_pdbx_struct_oper_list.vector[2]            0.0000000000 
_pdbx_struct_oper_list.matrix[3][1]         0.0000000000 
_pdbx_struct_oper_list.matrix[3][2]         0.0000000000 
_pdbx_struct_oper_list.matrix[3][3]         1.0000000000 
_pdbx_struct_oper_list.vector[3]            0.0000000000 
# 
loop_
_struct_conf.conf_type_id 
_struct_conf.id 
_struct_conf.pdbx_PDB_helix_id 
_struct_conf.beg_label_comp_id 
_struct_conf.beg_label_asym_id 
_struct_conf.beg_label_seq_id 
_struct_conf.pdbx_beg_PDB_ins_code 
_struct_conf.end_label_comp_id 
_struct_conf.end_label_asym_id 
_struct_conf.end_label_seq_id 
_struct_conf.pdbx_end_PDB_ins_code 
_struct_conf.beg_auth_comp_id 
_struct_conf.beg_auth_asym_id 
_struct_conf.beg_auth_seq_id 
_struct_conf.end_auth_comp_id 
_struct_conf.end_auth_asym_id 
_struct_conf.end_auth_seq_id 
_struct_conf.pdbx_PDB_helix_class 
_struct_conf.details 
_struct_conf.pdbx_PDB_helix_length 
HELX_P HELX_P1 AA1 GLN A 13 ? VAL A 17 ? GLN A 22 VAL A 26 5 ? 5  
HELX_P HELX_P2 AA2 SER A 25 ? GLY A 40 ? SER A 34 GLY A 49 1 ? 16 
HELX_P HELX_P3 AA3 VAL A 51 ? LEU A 55 ? VAL A 60 LEU A 64 5 ? 5  
HELX_P HELX_P4 AA4 ALA A 70 ? HIS A 74 ? ALA A 79 HIS A 83 5 ? 5  
# 
_struct_conf_type.id          HELX_P 
_struct_conf_type.criteria    ? 
_struct_conf_type.reference   ? 
# 
_struct_mon_prot_cis.pdbx_id                1 
_struct_mon_prot_cis.label_comp_id          GLN 
_struct_mon_prot_cis.label_seq_id           57 
_struct_mon_prot_cis.label_asym_id          A 
_struct_mon_prot_cis.label_alt_id           . 
_struct_mon_prot_cis.pdbx_PDB_ins_code      ? 
_struct_mon_prot_cis.auth_comp_id           GLN 
_struct_mon_prot_cis.auth_seq_id            66 
_struct_mon_prot_cis.auth_asym_id           A 
_struct_mon_prot_cis.pdbx_label_comp_id_2   PRO 
_struct_mon_prot_cis.pdbx_label_seq_id_2    58 
_struct_mon_prot_cis.pdbx_label_asym_id_2   A 
_struct_mon_prot_cis.pdbx_PDB_ins_code_2    ? 
_struct_mon_prot_cis.pdbx_auth_comp_id_2    PRO 
_struct_mon_prot_cis.pdbx_auth_seq_id_2     67 
_struct_mon_prot_cis.pdbx_auth_asym_id_2    A 
_struct_mon_prot_cis.pdbx_PDB_model_num     1 
_struct_mon_prot_cis.pdbx_omega_angle       -4.69 
# 
_struct_sheet.id               AA1 
_struct_sheet.type             ? 
_struct_sheet.number_strands   8 
_struct_sheet.details          ? 
# 
loop_
_struct_sheet_order.sheet_id 
_struct_sheet_order.range_id_1 
_struct_sheet_order.range_id_2 
_struct_sheet_order.offset 
_struct_sheet_order.sense 
AA1 1 2 ? anti-parallel 
AA1 2 3 ? parallel      
AA1 3 4 ? anti-parallel 
AA1 4 5 ? parallel      
AA1 5 6 ? anti-parallel 
AA1 6 7 ? anti-parallel 
AA1 7 8 ? anti-parallel 
# 
loop_
_struct_sheet_range.sheet_id 
_struct_sheet_range.id 
_struct_sheet_range.beg_label_comp_id 
_struct_sheet_range.beg_label_asym_id 
_struct_sheet_range.beg_label_seq_id 
_struct_sheet_range.pdbx_beg_PDB_ins_code 
_struct_sheet_range.end_label_comp_id 
_struct_sheet_range.end_label_asym_id 
_struct_sheet_range.end_label_seq_id 
_struct_sheet_range.pdbx_end_PDB_ins_code 
_struct_sheet_range.beg_auth_comp_id 
_struct_sheet_range.beg_auth_asym_id 
_struct_sheet_range.beg_auth_seq_id 
_struct_sheet_range.end_auth_comp_id 
_struct_sheet_range.end_auth_asym_id 
_struct_sheet_range.end_auth_seq_id 
AA1 1 ILE A 86  ? TYR A 88  ? ILE A 95  TYR A 97  
AA1 2 VAL A 75  ? LEU A 83  ? VAL A 84  LEU A 92  
AA1 3 ALA A 108 ? ARG A 115 ? ALA A 117 ARG A 124 
AA1 4 HIS A 4   ? VAL A 11  ? HIS A 13  VAL A 20  
AA1 5 CYS A 42  ? VAL A 45  ? CYS A 51  VAL A 54  
AA1 6 THR A 94  ? PRO A 100 ? THR A 103 PRO A 109 
AA1 7 TYR A 59  ? ARG A 64  ? TYR A 68  ARG A 73  
AA1 8 VAL A 75  ? LEU A 83  ? VAL A 84  LEU A 92  
# 
loop_
_pdbx_struct_sheet_hbond.sheet_id 
_pdbx_struct_sheet_hbond.range_id_1 
_pdbx_struct_sheet_hbond.range_id_2 
_pdbx_struct_sheet_hbond.range_1_label_atom_id 
_pdbx_struct_sheet_hbond.range_1_label_comp_id 
_pdbx_struct_sheet_hbond.range_1_label_asym_id 
_pdbx_struct_sheet_hbond.range_1_label_seq_id 
_pdbx_struct_sheet_hbond.range_1_PDB_ins_code 
_pdbx_struct_sheet_hbond.range_1_auth_atom_id 
_pdbx_struct_sheet_hbond.range_1_auth_comp_id 
_pdbx_struct_sheet_hbond.range_1_auth_asym_id 
_pdbx_struct_sheet_hbond.range_1_auth_seq_id 
_pdbx_struct_sheet_hbond.range_2_label_atom_id 
_pdbx_struct_sheet_hbond.range_2_label_comp_id 
_pdbx_struct_sheet_hbond.range_2_label_asym_id 
_pdbx_struct_sheet_hbond.range_2_label_seq_id 
_pdbx_struct_sheet_hbond.range_2_PDB_ins_code 
_pdbx_struct_sheet_hbond.range_2_auth_atom_id 
_pdbx_struct_sheet_hbond.range_2_auth_comp_id 
_pdbx_struct_sheet_hbond.range_2_auth_asym_id 
_pdbx_struct_sheet_hbond.range_2_auth_seq_id 
AA1 1 2 O TYR A 88  ? O TYR A 97  N ALA A 81  ? N ALA A 90  
AA1 2 3 N VAL A 75  ? N VAL A 84  O LEU A 113 ? O LEU A 122 
AA1 3 4 O ALA A 108 ? O ALA A 117 N VAL A 11  ? N VAL A 20  
AA1 4 5 N PRO A 10  ? N PRO A 19  O LEU A 44  ? O LEU A 53  
AA1 5 6 N GLY A 43  ? N GLY A 52  O VAL A 99  ? O VAL A 108 
AA1 6 7 O LEU A 95  ? O LEU A 104 N ILE A 62  ? N ILE A 71  
AA1 7 8 N PHE A 61  ? N PHE A 70  O VAL A 80  ? O VAL A 89  
# 
_pdbx_entry_details.entry_id                   7IBG 
_pdbx_entry_details.has_ligand_of_interest     Y 
_pdbx_entry_details.compound_details           ? 
_pdbx_entry_details.source_details             ? 
_pdbx_entry_details.nonpolymer_details         ? 
_pdbx_entry_details.sequence_details           ? 
_pdbx_entry_details.has_protein_modification   N 
# 
_pdbx_validate_close_contact.id               1 
_pdbx_validate_close_contact.PDB_model_num    1 
_pdbx_validate_close_contact.auth_atom_id_1   O 
_pdbx_validate_close_contact.auth_asym_id_1   A 
_pdbx_validate_close_contact.auth_comp_id_1   HOH 
_pdbx_validate_close_contact.auth_seq_id_1    368 
_pdbx_validate_close_contact.PDB_ins_code_1   ? 
_pdbx_validate_close_contact.label_alt_id_1   ? 
_pdbx_validate_close_contact.auth_atom_id_2   O 
_pdbx_validate_close_contact.auth_asym_id_2   A 
_pdbx_validate_close_contact.auth_comp_id_2   HOH 
_pdbx_validate_close_contact.auth_seq_id_2    372 
_pdbx_validate_close_contact.PDB_ins_code_2   ? 
_pdbx_validate_close_contact.label_alt_id_2   ? 
_pdbx_validate_close_contact.dist             2.08 
# 
_pdbx_validate_symm_contact.id                1 
_pdbx_validate_symm_contact.PDB_model_num     1 
_pdbx_validate_symm_contact.auth_atom_id_1    O 
_pdbx_validate_symm_contact.auth_asym_id_1    A 
_pdbx_validate_symm_contact.auth_comp_id_1    HOH 
_pdbx_validate_symm_contact.auth_seq_id_1     339 
_pdbx_validate_symm_contact.PDB_ins_code_1    ? 
_pdbx_validate_symm_contact.label_alt_id_1    ? 
_pdbx_validate_symm_contact.site_symmetry_1   1_555 
_pdbx_validate_symm_contact.auth_atom_id_2    O 
_pdbx_validate_symm_contact.auth_asym_id_2    A 
_pdbx_validate_symm_contact.auth_comp_id_2    HOH 
_pdbx_validate_symm_contact.auth_seq_id_2     356 
_pdbx_validate_symm_contact.PDB_ins_code_2    ? 
_pdbx_validate_symm_contact.label_alt_id_2    ? 
_pdbx_validate_symm_contact.site_symmetry_2   7_645 
_pdbx_validate_symm_contact.dist              1.98 
# 
loop_
_pdbx_validate_polymer_linkage.id 
_pdbx_validate_polymer_linkage.PDB_model_num 
_pdbx_validate_polymer_linkage.auth_atom_id_1 
_pdbx_validate_polymer_linkage.auth_asym_id_1 
_pdbx_validate_polymer_linkage.auth_comp_id_1 
_pdbx_validate_polymer_linkage.auth_seq_id_1 
_pdbx_validate_polymer_linkage.PDB_ins_code_1 
_pdbx_validate_polymer_linkage.label_alt_id_1 
_pdbx_validate_polymer_linkage.auth_atom_id_2 
_pdbx_validate_polymer_linkage.auth_asym_id_2 
_pdbx_validate_polymer_linkage.auth_comp_id_2 
_pdbx_validate_polymer_linkage.auth_seq_id_2 
_pdbx_validate_polymer_linkage.PDB_ins_code_2 
_pdbx_validate_polymer_linkage.label_alt_id_2 
_pdbx_validate_polymer_linkage.dist 
1 1 C A LEU 46 ? C N A LYS 47 ? C 2.18 
2 1 C A LEU 46 ? D N A LYS 47 ? D 2.18 
3 1 C A LYS 47 ? C N A ASP 48 ? C 2.16 
4 1 C A LYS 47 ? D N A ASP 48 ? D 2.17 
# 
loop_
_pdbx_struct_special_symmetry.id 
_pdbx_struct_special_symmetry.PDB_model_num 
_pdbx_struct_special_symmetry.auth_asym_id 
_pdbx_struct_special_symmetry.auth_comp_id 
_pdbx_struct_special_symmetry.auth_seq_id 
_pdbx_struct_special_symmetry.PDB_ins_code 
_pdbx_struct_special_symmetry.label_asym_id 
_pdbx_struct_special_symmetry.label_comp_id 
_pdbx_struct_special_symmetry.label_seq_id 
1 1 A HOH 302 ? C HOH . 
2 1 A HOH 305 ? C HOH . 
3 1 A HOH 378 ? C HOH . 
# 
loop_
_pdbx_unobs_or_zero_occ_residues.id 
_pdbx_unobs_or_zero_occ_residues.PDB_model_num 
_pdbx_unobs_or_zero_occ_residues.polymer_flag 
_pdbx_unobs_or_zero_occ_residues.occupancy_flag 
_pdbx_unobs_or_zero_occ_residues.auth_asym_id 
_pdbx_unobs_or_zero_occ_residues.auth_comp_id 
_pdbx_unobs_or_zero_occ_residues.auth_seq_id 
_pdbx_unobs_or_zero_occ_residues.PDB_ins_code 
_pdbx_unobs_or_zero_occ_residues.label_asym_id 
_pdbx_unobs_or_zero_occ_residues.label_comp_id 
_pdbx_unobs_or_zero_occ_residues.label_seq_id 
1 1 Y 1 A GLU 10 ? A GLU 1  
2 1 Y 1 A ARG 77 ? A ARG 68 
3 1 Y 1 A THR 78 ? A THR 69 
# 
loop_
_chem_comp_atom.comp_id 
_chem_comp_atom.atom_id 
_chem_comp_atom.type_symbol 
_chem_comp_atom.pdbx_aromatic_flag 
_chem_comp_atom.pdbx_stereo_config 
_chem_comp_atom.pdbx_ordinal 
A1CS3 C01  C N N 1   
A1CS3 O02  O N N 2   
A1CS3 C03  C N N 3   
A1CS3 O04  O N N 4   
A1CS3 C05  C N S 5   
A1CS3 C06  C N N 6   
A1CS3 C07  C N N 7   
A1CS3 C08  C N N 8   
A1CS3 C09  C N N 9   
A1CS3 O10  O N N 10  
A1CS3 H1   H N N 11  
A1CS3 H2   H N N 12  
A1CS3 H3   H N N 13  
A1CS3 H4   H N N 14  
A1CS3 H5   H N N 15  
A1CS3 H6   H N N 16  
A1CS3 H7   H N N 17  
A1CS3 H8   H N N 18  
A1CS3 H9   H N N 19  
A1CS3 H10  H N N 20  
ALA   N    N N N 21  
ALA   CA   C N S 22  
ALA   C    C N N 23  
ALA   O    O N N 24  
ALA   CB   C N N 25  
ALA   OXT  O N N 26  
ALA   H    H N N 27  
ALA   H2   H N N 28  
ALA   HA   H N N 29  
ALA   HB1  H N N 30  
ALA   HB2  H N N 31  
ALA   HB3  H N N 32  
ALA   HXT  H N N 33  
ARG   N    N N N 34  
ARG   CA   C N S 35  
ARG   C    C N N 36  
ARG   O    O N N 37  
ARG   CB   C N N 38  
ARG   CG   C N N 39  
ARG   CD   C N N 40  
ARG   NE   N N N 41  
ARG   CZ   C N N 42  
ARG   NH1  N N N 43  
ARG   NH2  N N N 44  
ARG   OXT  O N N 45  
ARG   H    H N N 46  
ARG   H2   H N N 47  
ARG   HA   H N N 48  
ARG   HB2  H N N 49  
ARG   HB3  H N N 50  
ARG   HG2  H N N 51  
ARG   HG3  H N N 52  
ARG   HD2  H N N 53  
ARG   HD3  H N N 54  
ARG   HE   H N N 55  
ARG   HH11 H N N 56  
ARG   HH12 H N N 57  
ARG   HH21 H N N 58  
ARG   HH22 H N N 59  
ARG   HXT  H N N 60  
ASP   N    N N N 61  
ASP   CA   C N S 62  
ASP   C    C N N 63  
ASP   O    O N N 64  
ASP   CB   C N N 65  
ASP   CG   C N N 66  
ASP   OD1  O N N 67  
ASP   OD2  O N N 68  
ASP   OXT  O N N 69  
ASP   H    H N N 70  
ASP   H2   H N N 71  
ASP   HA   H N N 72  
ASP   HB2  H N N 73  
ASP   HB3  H N N 74  
ASP   HD2  H N N 75  
ASP   HXT  H N N 76  
CYS   N    N N N 77  
CYS   CA   C N R 78  
CYS   C    C N N 79  
CYS   O    O N N 80  
CYS   CB   C N N 81  
CYS   SG   S N N 82  
CYS   OXT  O N N 83  
CYS   H    H N N 84  
CYS   H2   H N N 85  
CYS   HA   H N N 86  
CYS   HB2  H N N 87  
CYS   HB3  H N N 88  
CYS   HG   H N N 89  
CYS   HXT  H N N 90  
GLN   N    N N N 91  
GLN   CA   C N S 92  
GLN   C    C N N 93  
GLN   O    O N N 94  
GLN   CB   C N N 95  
GLN   CG   C N N 96  
GLN   CD   C N N 97  
GLN   OE1  O N N 98  
GLN   NE2  N N N 99  
GLN   OXT  O N N 100 
GLN   H    H N N 101 
GLN   H2   H N N 102 
GLN   HA   H N N 103 
GLN   HB2  H N N 104 
GLN   HB3  H N N 105 
GLN   HG2  H N N 106 
GLN   HG3  H N N 107 
GLN   HE21 H N N 108 
GLN   HE22 H N N 109 
GLN   HXT  H N N 110 
GLU   N    N N N 111 
GLU   CA   C N S 112 
GLU   C    C N N 113 
GLU   O    O N N 114 
GLU   CB   C N N 115 
GLU   CG   C N N 116 
GLU   CD   C N N 117 
GLU   OE1  O N N 118 
GLU   OE2  O N N 119 
GLU   OXT  O N N 120 
GLU   H    H N N 121 
GLU   H2   H N N 122 
GLU   HA   H N N 123 
GLU   HB2  H N N 124 
GLU   HB3  H N N 125 
GLU   HG2  H N N 126 
GLU   HG3  H N N 127 
GLU   HE2  H N N 128 
GLU   HXT  H N N 129 
GLY   N    N N N 130 
GLY   CA   C N N 131 
GLY   C    C N N 132 
GLY   O    O N N 133 
GLY   OXT  O N N 134 
GLY   H    H N N 135 
GLY   H2   H N N 136 
GLY   HA2  H N N 137 
GLY   HA3  H N N 138 
GLY   HXT  H N N 139 
HIS   N    N N N 140 
HIS   CA   C N S 141 
HIS   C    C N N 142 
HIS   O    O N N 143 
HIS   CB   C N N 144 
HIS   CG   C Y N 145 
HIS   ND1  N Y N 146 
HIS   CD2  C Y N 147 
HIS   CE1  C Y N 148 
HIS   NE2  N Y N 149 
HIS   OXT  O N N 150 
HIS   H    H N N 151 
HIS   H2   H N N 152 
HIS   HA   H N N 153 
HIS   HB2  H N N 154 
HIS   HB3  H N N 155 
HIS   HD1  H N N 156 
HIS   HD2  H N N 157 
HIS   HE1  H N N 158 
HIS   HE2  H N N 159 
HIS   HXT  H N N 160 
HOH   O    O N N 161 
HOH   H1   H N N 162 
HOH   H2   H N N 163 
ILE   N    N N N 164 
ILE   CA   C N S 165 
ILE   C    C N N 166 
ILE   O    O N N 167 
ILE   CB   C N S 168 
ILE   CG1  C N N 169 
ILE   CG2  C N N 170 
ILE   CD1  C N N 171 
ILE   OXT  O N N 172 
ILE   H    H N N 173 
ILE   H2   H N N 174 
ILE   HA   H N N 175 
ILE   HB   H N N 176 
ILE   HG12 H N N 177 
ILE   HG13 H N N 178 
ILE   HG21 H N N 179 
ILE   HG22 H N N 180 
ILE   HG23 H N N 181 
ILE   HD11 H N N 182 
ILE   HD12 H N N 183 
ILE   HD13 H N N 184 
ILE   HXT  H N N 185 
LEU   N    N N N 186 
LEU   CA   C N S 187 
LEU   C    C N N 188 
LEU   O    O N N 189 
LEU   CB   C N N 190 
LEU   CG   C N N 191 
LEU   CD1  C N N 192 
LEU   CD2  C N N 193 
LEU   OXT  O N N 194 
LEU   H    H N N 195 
LEU   H2   H N N 196 
LEU   HA   H N N 197 
LEU   HB2  H N N 198 
LEU   HB3  H N N 199 
LEU   HG   H N N 200 
LEU   HD11 H N N 201 
LEU   HD12 H N N 202 
LEU   HD13 H N N 203 
LEU   HD21 H N N 204 
LEU   HD22 H N N 205 
LEU   HD23 H N N 206 
LEU   HXT  H N N 207 
LYS   N    N N N 208 
LYS   CA   C N S 209 
LYS   C    C N N 210 
LYS   O    O N N 211 
LYS   CB   C N N 212 
LYS   CG   C N N 213 
LYS   CD   C N N 214 
LYS   CE   C N N 215 
LYS   NZ   N N N 216 
LYS   OXT  O N N 217 
LYS   H    H N N 218 
LYS   H2   H N N 219 
LYS   HA   H N N 220 
LYS   HB2  H N N 221 
LYS   HB3  H N N 222 
LYS   HG2  H N N 223 
LYS   HG3  H N N 224 
LYS   HD2  H N N 225 
LYS   HD3  H N N 226 
LYS   HE2  H N N 227 
LYS   HE3  H N N 228 
LYS   HZ1  H N N 229 
LYS   HZ2  H N N 230 
LYS   HZ3  H N N 231 
LYS   HXT  H N N 232 
MET   N    N N N 233 
MET   CA   C N S 234 
MET   C    C N N 235 
MET   O    O N N 236 
MET   CB   C N N 237 
MET   CG   C N N 238 
MET   SD   S N N 239 
MET   CE   C N N 240 
MET   OXT  O N N 241 
MET   H    H N N 242 
MET   H2   H N N 243 
MET   HA   H N N 244 
MET   HB2  H N N 245 
MET   HB3  H N N 246 
MET   HG2  H N N 247 
MET   HG3  H N N 248 
MET   HE1  H N N 249 
MET   HE2  H N N 250 
MET   HE3  H N N 251 
MET   HXT  H N N 252 
PHE   N    N N N 253 
PHE   CA   C N S 254 
PHE   C    C N N 255 
PHE   O    O N N 256 
PHE   CB   C N N 257 
PHE   CG   C Y N 258 
PHE   CD1  C Y N 259 
PHE   CD2  C Y N 260 
PHE   CE1  C Y N 261 
PHE   CE2  C Y N 262 
PHE   CZ   C Y N 263 
PHE   OXT  O N N 264 
PHE   H    H N N 265 
PHE   H2   H N N 266 
PHE   HA   H N N 267 
PHE   HB2  H N N 268 
PHE   HB3  H N N 269 
PHE   HD1  H N N 270 
PHE   HD2  H N N 271 
PHE   HE1  H N N 272 
PHE   HE2  H N N 273 
PHE   HZ   H N N 274 
PHE   HXT  H N N 275 
PRO   N    N N N 276 
PRO   CA   C N S 277 
PRO   C    C N N 278 
PRO   O    O N N 279 
PRO   CB   C N N 280 
PRO   CG   C N N 281 
PRO   CD   C N N 282 
PRO   OXT  O N N 283 
PRO   H    H N N 284 
PRO   HA   H N N 285 
PRO   HB2  H N N 286 
PRO   HB3  H N N 287 
PRO   HG2  H N N 288 
PRO   HG3  H N N 289 
PRO   HD2  H N N 290 
PRO   HD3  H N N 291 
PRO   HXT  H N N 292 
SER   N    N N N 293 
SER   CA   C N S 294 
SER   C    C N N 295 
SER   O    O N N 296 
SER   CB   C N N 297 
SER   OG   O N N 298 
SER   OXT  O N N 299 
SER   H    H N N 300 
SER   H2   H N N 301 
SER   HA   H N N 302 
SER   HB2  H N N 303 
SER   HB3  H N N 304 
SER   HG   H N N 305 
SER   HXT  H N N 306 
THR   N    N N N 307 
THR   CA   C N S 308 
THR   C    C N N 309 
THR   O    O N N 310 
THR   CB   C N R 311 
THR   OG1  O N N 312 
THR   CG2  C N N 313 
THR   OXT  O N N 314 
THR   H    H N N 315 
THR   H2   H N N 316 
THR   HA   H N N 317 
THR   HB   H N N 318 
THR   HG1  H N N 319 
THR   HG21 H N N 320 
THR   HG22 H N N 321 
THR   HG23 H N N 322 
THR   HXT  H N N 323 
TYR   N    N N N 324 
TYR   CA   C N S 325 
TYR   C    C N N 326 
TYR   O    O N N 327 
TYR   CB   C N N 328 
TYR   CG   C Y N 329 
TYR   CD1  C Y N 330 
TYR   CD2  C Y N 331 
TYR   CE1  C Y N 332 
TYR   CE2  C Y N 333 
TYR   CZ   C Y N 334 
TYR   OH   O N N 335 
TYR   OXT  O N N 336 
TYR   H    H N N 337 
TYR   H2   H N N 338 
TYR   HA   H N N 339 
TYR   HB2  H N N 340 
TYR   HB3  H N N 341 
TYR   HD1  H N N 342 
TYR   HD2  H N N 343 
TYR   HE1  H N N 344 
TYR   HE2  H N N 345 
TYR   HH   H N N 346 
TYR   HXT  H N N 347 
VAL   N    N N N 348 
VAL   CA   C N S 349 
VAL   C    C N N 350 
VAL   O    O N N 351 
VAL   CB   C N N 352 
VAL   CG1  C N N 353 
VAL   CG2  C N N 354 
VAL   OXT  O N N 355 
VAL   H    H N N 356 
VAL   H2   H N N 357 
VAL   HA   H N N 358 
VAL   HB   H N N 359 
VAL   HG11 H N N 360 
VAL   HG12 H N N 361 
VAL   HG13 H N N 362 
VAL   HG21 H N N 363 
VAL   HG22 H N N 364 
VAL   HG23 H N N 365 
VAL   HXT  H N N 366 
# 
loop_
_chem_comp_bond.comp_id 
_chem_comp_bond.atom_id_1 
_chem_comp_bond.atom_id_2 
_chem_comp_bond.value_order 
_chem_comp_bond.pdbx_aromatic_flag 
_chem_comp_bond.pdbx_stereo_config 
_chem_comp_bond.pdbx_ordinal 
A1CS3 C01 O02  sing N N 1   
A1CS3 O04 C03  doub N N 2   
A1CS3 O02 C03  sing N N 3   
A1CS3 C03 C05  sing N N 4   
A1CS3 C05 C06  sing N N 5   
A1CS3 C05 C09  sing N N 6   
A1CS3 O10 C09  doub N N 7   
A1CS3 C06 C07  sing N N 8   
A1CS3 C09 C08  sing N N 9   
A1CS3 C07 C08  sing N N 10  
A1CS3 C01 H1   sing N N 11  
A1CS3 C01 H2   sing N N 12  
A1CS3 C01 H3   sing N N 13  
A1CS3 C05 H4   sing N N 14  
A1CS3 C06 H5   sing N N 15  
A1CS3 C06 H6   sing N N 16  
A1CS3 C07 H7   sing N N 17  
A1CS3 C07 H8   sing N N 18  
A1CS3 C08 H9   sing N N 19  
A1CS3 C08 H10  sing N N 20  
ALA   N   CA   sing N N 21  
ALA   N   H    sing N N 22  
ALA   N   H2   sing N N 23  
ALA   CA  C    sing N N 24  
ALA   CA  CB   sing N N 25  
ALA   CA  HA   sing N N 26  
ALA   C   O    doub N N 27  
ALA   C   OXT  sing N N 28  
ALA   CB  HB1  sing N N 29  
ALA   CB  HB2  sing N N 30  
ALA   CB  HB3  sing N N 31  
ALA   OXT HXT  sing N N 32  
ARG   N   CA   sing N N 33  
ARG   N   H    sing N N 34  
ARG   N   H2   sing N N 35  
ARG   CA  C    sing N N 36  
ARG   CA  CB   sing N N 37  
ARG   CA  HA   sing N N 38  
ARG   C   O    doub N N 39  
ARG   C   OXT  sing N N 40  
ARG   CB  CG   sing N N 41  
ARG   CB  HB2  sing N N 42  
ARG   CB  HB3  sing N N 43  
ARG   CG  CD   sing N N 44  
ARG   CG  HG2  sing N N 45  
ARG   CG  HG3  sing N N 46  
ARG   CD  NE   sing N N 47  
ARG   CD  HD2  sing N N 48  
ARG   CD  HD3  sing N N 49  
ARG   NE  CZ   sing N N 50  
ARG   NE  HE   sing N N 51  
ARG   CZ  NH1  sing N N 52  
ARG   CZ  NH2  doub N N 53  
ARG   NH1 HH11 sing N N 54  
ARG   NH1 HH12 sing N N 55  
ARG   NH2 HH21 sing N N 56  
ARG   NH2 HH22 sing N N 57  
ARG   OXT HXT  sing N N 58  
ASP   N   CA   sing N N 59  
ASP   N   H    sing N N 60  
ASP   N   H2   sing N N 61  
ASP   CA  C    sing N N 62  
ASP   CA  CB   sing N N 63  
ASP   CA  HA   sing N N 64  
ASP   C   O    doub N N 65  
ASP   C   OXT  sing N N 66  
ASP   CB  CG   sing N N 67  
ASP   CB  HB2  sing N N 68  
ASP   CB  HB3  sing N N 69  
ASP   CG  OD1  doub N N 70  
ASP   CG  OD2  sing N N 71  
ASP   OD2 HD2  sing N N 72  
ASP   OXT HXT  sing N N 73  
CYS   N   CA   sing N N 74  
CYS   N   H    sing N N 75  
CYS   N   H2   sing N N 76  
CYS   CA  C    sing N N 77  
CYS   CA  CB   sing N N 78  
CYS   CA  HA   sing N N 79  
CYS   C   O    doub N N 80  
CYS   C   OXT  sing N N 81  
CYS   CB  SG   sing N N 82  
CYS   CB  HB2  sing N N 83  
CYS   CB  HB3  sing N N 84  
CYS   SG  HG   sing N N 85  
CYS   OXT HXT  sing N N 86  
GLN   N   CA   sing N N 87  
GLN   N   H    sing N N 88  
GLN   N   H2   sing N N 89  
GLN   CA  C    sing N N 90  
GLN   CA  CB   sing N N 91  
GLN   CA  HA   sing N N 92  
GLN   C   O    doub N N 93  
GLN   C   OXT  sing N N 94  
GLN   CB  CG   sing N N 95  
GLN   CB  HB2  sing N N 96  
GLN   CB  HB3  sing N N 97  
GLN   CG  CD   sing N N 98  
GLN   CG  HG2  sing N N 99  
GLN   CG  HG3  sing N N 100 
GLN   CD  OE1  doub N N 101 
GLN   CD  NE2  sing N N 102 
GLN   NE2 HE21 sing N N 103 
GLN   NE2 HE22 sing N N 104 
GLN   OXT HXT  sing N N 105 
GLU   N   CA   sing N N 106 
GLU   N   H    sing N N 107 
GLU   N   H2   sing N N 108 
GLU   CA  C    sing N N 109 
GLU   CA  CB   sing N N 110 
GLU   CA  HA   sing N N 111 
GLU   C   O    doub N N 112 
GLU   C   OXT  sing N N 113 
GLU   CB  CG   sing N N 114 
GLU   CB  HB2  sing N N 115 
GLU   CB  HB3  sing N N 116 
GLU   CG  CD   sing N N 117 
GLU   CG  HG2  sing N N 118 
GLU   CG  HG3  sing N N 119 
GLU   CD  OE1  doub N N 120 
GLU   CD  OE2  sing N N 121 
GLU   OE2 HE2  sing N N 122 
GLU   OXT HXT  sing N N 123 
GLY   N   CA   sing N N 124 
GLY   N   H    sing N N 125 
GLY   N   H2   sing N N 126 
GLY   CA  C    sing N N 127 
GLY   CA  HA2  sing N N 128 
GLY   CA  HA3  sing N N 129 
GLY   C   O    doub N N 130 
GLY   C   OXT  sing N N 131 
GLY   OXT HXT  sing N N 132 
HIS   N   CA   sing N N 133 
HIS   N   H    sing N N 134 
HIS   N   H2   sing N N 135 
HIS   CA  C    sing N N 136 
HIS   CA  CB   sing N N 137 
HIS   CA  HA   sing N N 138 
HIS   C   O    doub N N 139 
HIS   C   OXT  sing N N 140 
HIS   CB  CG   sing N N 141 
HIS   CB  HB2  sing N N 142 
HIS   CB  HB3  sing N N 143 
HIS   CG  ND1  sing Y N 144 
HIS   CG  CD2  doub Y N 145 
HIS   ND1 CE1  doub Y N 146 
HIS   ND1 HD1  sing N N 147 
HIS   CD2 NE2  sing Y N 148 
HIS   CD2 HD2  sing N N 149 
HIS   CE1 NE2  sing Y N 150 
HIS   CE1 HE1  sing N N 151 
HIS   NE2 HE2  sing N N 152 
HIS   OXT HXT  sing N N 153 
HOH   O   H1   sing N N 154 
HOH   O   H2   sing N N 155 
ILE   N   CA   sing N N 156 
ILE   N   H    sing N N 157 
ILE   N   H2   sing N N 158 
ILE   CA  C    sing N N 159 
ILE   CA  CB   sing N N 160 
ILE   CA  HA   sing N N 161 
ILE   C   O    doub N N 162 
ILE   C   OXT  sing N N 163 
ILE   CB  CG1  sing N N 164 
ILE   CB  CG2  sing N N 165 
ILE   CB  HB   sing N N 166 
ILE   CG1 CD1  sing N N 167 
ILE   CG1 HG12 sing N N 168 
ILE   CG1 HG13 sing N N 169 
ILE   CG2 HG21 sing N N 170 
ILE   CG2 HG22 sing N N 171 
ILE   CG2 HG23 sing N N 172 
ILE   CD1 HD11 sing N N 173 
ILE   CD1 HD12 sing N N 174 
ILE   CD1 HD13 sing N N 175 
ILE   OXT HXT  sing N N 176 
LEU   N   CA   sing N N 177 
LEU   N   H    sing N N 178 
LEU   N   H2   sing N N 179 
LEU   CA  C    sing N N 180 
LEU   CA  CB   sing N N 181 
LEU   CA  HA   sing N N 182 
LEU   C   O    doub N N 183 
LEU   C   OXT  sing N N 184 
LEU   CB  CG   sing N N 185 
LEU   CB  HB2  sing N N 186 
LEU   CB  HB3  sing N N 187 
LEU   CG  CD1  sing N N 188 
LEU   CG  CD2  sing N N 189 
LEU   CG  HG   sing N N 190 
LEU   CD1 HD11 sing N N 191 
LEU   CD1 HD12 sing N N 192 
LEU   CD1 HD13 sing N N 193 
LEU   CD2 HD21 sing N N 194 
LEU   CD2 HD22 sing N N 195 
LEU   CD2 HD23 sing N N 196 
LEU   OXT HXT  sing N N 197 
LYS   N   CA   sing N N 198 
LYS   N   H    sing N N 199 
LYS   N   H2   sing N N 200 
LYS   CA  C    sing N N 201 
LYS   CA  CB   sing N N 202 
LYS   CA  HA   sing N N 203 
LYS   C   O    doub N N 204 
LYS   C   OXT  sing N N 205 
LYS   CB  CG   sing N N 206 
LYS   CB  HB2  sing N N 207 
LYS   CB  HB3  sing N N 208 
LYS   CG  CD   sing N N 209 
LYS   CG  HG2  sing N N 210 
LYS   CG  HG3  sing N N 211 
LYS   CD  CE   sing N N 212 
LYS   CD  HD2  sing N N 213 
LYS   CD  HD3  sing N N 214 
LYS   CE  NZ   sing N N 215 
LYS   CE  HE2  sing N N 216 
LYS   CE  HE3  sing N N 217 
LYS   NZ  HZ1  sing N N 218 
LYS   NZ  HZ2  sing N N 219 
LYS   NZ  HZ3  sing N N 220 
LYS   OXT HXT  sing N N 221 
MET   N   CA   sing N N 222 
MET   N   H    sing N N 223 
MET   N   H2   sing N N 224 
MET   CA  C    sing N N 225 
MET   CA  CB   sing N N 226 
MET   CA  HA   sing N N 227 
MET   C   O    doub N N 228 
MET   C   OXT  sing N N 229 
MET   CB  CG   sing N N 230 
MET   CB  HB2  sing N N 231 
MET   CB  HB3  sing N N 232 
MET   CG  SD   sing N N 233 
MET   CG  HG2  sing N N 234 
MET   CG  HG3  sing N N 235 
MET   SD  CE   sing N N 236 
MET   CE  HE1  sing N N 237 
MET   CE  HE2  sing N N 238 
MET   CE  HE3  sing N N 239 
MET   OXT HXT  sing N N 240 
PHE   N   CA   sing N N 241 
PHE   N   H    sing N N 242 
PHE   N   H2   sing N N 243 
PHE   CA  C    sing N N 244 
PHE   CA  CB   sing N N 245 
PHE   CA  HA   sing N N 246 
PHE   C   O    doub N N 247 
PHE   C   OXT  sing N N 248 
PHE   CB  CG   sing N N 249 
PHE   CB  HB2  sing N N 250 
PHE   CB  HB3  sing N N 251 
PHE   CG  CD1  doub Y N 252 
PHE   CG  CD2  sing Y N 253 
PHE   CD1 CE1  sing Y N 254 
PHE   CD1 HD1  sing N N 255 
PHE   CD2 CE2  doub Y N 256 
PHE   CD2 HD2  sing N N 257 
PHE   CE1 CZ   doub Y N 258 
PHE   CE1 HE1  sing N N 259 
PHE   CE2 CZ   sing Y N 260 
PHE   CE2 HE2  sing N N 261 
PHE   CZ  HZ   sing N N 262 
PHE   OXT HXT  sing N N 263 
PRO   N   CA   sing N N 264 
PRO   N   CD   sing N N 265 
PRO   N   H    sing N N 266 
PRO   CA  C    sing N N 267 
PRO   CA  CB   sing N N 268 
PRO   CA  HA   sing N N 269 
PRO   C   O    doub N N 270 
PRO   C   OXT  sing N N 271 
PRO   CB  CG   sing N N 272 
PRO   CB  HB2  sing N N 273 
PRO   CB  HB3  sing N N 274 
PRO   CG  CD   sing N N 275 
PRO   CG  HG2  sing N N 276 
PRO   CG  HG3  sing N N 277 
PRO   CD  HD2  sing N N 278 
PRO   CD  HD3  sing N N 279 
PRO   OXT HXT  sing N N 280 
SER   N   CA   sing N N 281 
SER   N   H    sing N N 282 
SER   N   H2   sing N N 283 
SER   CA  C    sing N N 284 
SER   CA  CB   sing N N 285 
SER   CA  HA   sing N N 286 
SER   C   O    doub N N 287 
SER   C   OXT  sing N N 288 
SER   CB  OG   sing N N 289 
SER   CB  HB2  sing N N 290 
SER   CB  HB3  sing N N 291 
SER   OG  HG   sing N N 292 
SER   OXT HXT  sing N N 293 
THR   N   CA   sing N N 294 
THR   N   H    sing N N 295 
THR   N   H2   sing N N 296 
THR   CA  C    sing N N 297 
THR   CA  CB   sing N N 298 
THR   CA  HA   sing N N 299 
THR   C   O    doub N N 300 
THR   C   OXT  sing N N 301 
THR   CB  OG1  sing N N 302 
THR   CB  CG2  sing N N 303 
THR   CB  HB   sing N N 304 
THR   OG1 HG1  sing N N 305 
THR   CG2 HG21 sing N N 306 
THR   CG2 HG22 sing N N 307 
THR   CG2 HG23 sing N N 308 
THR   OXT HXT  sing N N 309 
TYR   N   CA   sing N N 310 
TYR   N   H    sing N N 311 
TYR   N   H2   sing N N 312 
TYR   CA  C    sing N N 313 
TYR   CA  CB   sing N N 314 
TYR   CA  HA   sing N N 315 
TYR   C   O    doub N N 316 
TYR   C   OXT  sing N N 317 
TYR   CB  CG   sing N N 318 
TYR   CB  HB2  sing N N 319 
TYR   CB  HB3  sing N N 320 
TYR   CG  CD1  doub Y N 321 
TYR   CG  CD2  sing Y N 322 
TYR   CD1 CE1  sing Y N 323 
TYR   CD1 HD1  sing N N 324 
TYR   CD2 CE2  doub Y N 325 
TYR   CD2 HD2  sing N N 326 
TYR   CE1 CZ   doub Y N 327 
TYR   CE1 HE1  sing N N 328 
TYR   CE2 CZ   sing Y N 329 
TYR   CE2 HE2  sing N N 330 
TYR   CZ  OH   sing N N 331 
TYR   OH  HH   sing N N 332 
TYR   OXT HXT  sing N N 333 
VAL   N   CA   sing N N 334 
VAL   N   H    sing N N 335 
VAL   N   H2   sing N N 336 
VAL   CA  C    sing N N 337 
VAL   CA  CB   sing N N 338 
VAL   CA  HA   sing N N 339 
VAL   C   O    doub N N 340 
VAL   C   OXT  sing N N 341 
VAL   CB  CG1  sing N N 342 
VAL   CB  CG2  sing N N 343 
VAL   CB  HB   sing N N 344 
VAL   CG1 HG11 sing N N 345 
VAL   CG1 HG12 sing N N 346 
VAL   CG1 HG13 sing N N 347 
VAL   CG2 HG21 sing N N 348 
VAL   CG2 HG22 sing N N 349 
VAL   CG2 HG23 sing N N 350 
VAL   OXT HXT  sing N N 351 
# 
_pdbx_audit_support.ordinal                1 
_pdbx_audit_support.funding_organization   'Helmholtz Association' 
_pdbx_audit_support.country                Germany 
# 
_pdbx_deposit_group.group_id            G_1002337 
_pdbx_deposit_group.group_title         
'PanDDA analysis group deposition of SARS-CoV-2 Nsp1 soaked with fragments from the KIT library' 
_pdbx_deposit_group.group_description   
;SARS-CoV-2 Nsp1 soaked with Fragments from the KIT library. Includes refined models for hit compounds with ligands placed into the PanDDA event-map, which is the primary evidence for ligand placement. The event-, average and Z-maps and the 2Fo-Fc and Fo-Fc maps are included in the mmcif file. 2Fo-Fc and Fo-Fc maps are not useful to consider as evidence for ligand placement.
;
_pdbx_deposit_group.group_type          'changed state' 
# 
_pdbx_initial_refinement_model.id               1 
_pdbx_initial_refinement_model.type             'experimental model' 
_pdbx_initial_refinement_model.accession_code   7EQ4 
_pdbx_initial_refinement_model.source_name      PDB 
# 
_atom_sites.entry_id                    7IBG 
_atom_sites.fract_transf_matrix[1][1]   0.01052191 
_atom_sites.fract_transf_matrix[1][2]   -0.01650285 
_atom_sites.fract_transf_matrix[1][3]   0.01903248 
_atom_sites.fract_transf_matrix[2][1]   -0.02137624 
_atom_sites.fract_transf_matrix[2][2]   0.00506361 
_atom_sites.fract_transf_matrix[2][3]   0.01620822 
_atom_sites.fract_transf_matrix[3][1]   -0.00343941 
_atom_sites.fract_transf_matrix[3][2]   -0.00545784 
_atom_sites.fract_transf_matrix[3][3]   -0.00283099 
_atom_sites.fract_transf_vector[1]      0.174676 
_atom_sites.fract_transf_vector[2]      -0.473579 
_atom_sites.fract_transf_vector[3]      0.061973 
# 
loop_
_atom_type.symbol 
C 
N 
O 
S 
# 
loop_
_atom_site.group_PDB 
_atom_site.id 
_atom_site.type_symbol 
_atom_site.label_atom_id 
_atom_site.label_alt_id 
_atom_site.label_comp_id 
_atom_site.label_asym_id 
_atom_site.label_entity_id 
_atom_site.label_seq_id 
_atom_site.pdbx_PDB_ins_code 
_atom_site.Cartn_x 
_atom_site.Cartn_y 
_atom_site.Cartn_z 
_atom_site.occupancy 
_atom_site.B_iso_or_equiv 
_atom_site.pdbx_formal_charge 
_atom_site.auth_seq_id 
_atom_site.auth_comp_id 
_atom_site.auth_asym_id 
_atom_site.auth_atom_id 
_atom_site.pdbx_PDB_model_num 
ATOM   1    N N   . LYS   A 1 2   ? 1.076   2.315   18.972  1.00 56.54  ?  11  LYS   A N   1 
ATOM   2    C CA  . LYS   A 1 2   ? 0.578   3.556   18.280  1.00 57.27  ?  11  LYS   A CA  1 
ATOM   3    C C   . LYS   A 1 2   ? -0.501  3.211   17.250  1.00 50.75  ?  11  LYS   A C   1 
ATOM   4    O O   . LYS   A 1 2   ? -0.262  2.321   16.436  1.00 52.22  ?  11  LYS   A O   1 
ATOM   5    C CB  . LYS   A 1 2   ? 1.703   4.266   17.523  1.00 63.76  ?  11  LYS   A CB  1 
ATOM   6    C CG  . LYS   A 1 2   ? 2.620   5.129   18.372  1.00 71.75  ?  11  LYS   A CG  1 
ATOM   7    C CD  . LYS   A 1 2   ? 3.651   5.867   17.542  1.00 75.31  ?  11  LYS   A CD  1 
ATOM   8    C CE  . LYS   A 1 2   ? 4.729   6.511   18.385  1.00 81.30  ?  11  LYS   A CE  1 
ATOM   9    N NZ  . LYS   A 1 2   ? 4.152   7.270   19.519  1.00 85.31  ?  11  LYS   A NZ  1 
ATOM   10   N N   . THR   A 1 3   ? -1.602  3.953   17.224  1.00 46.18  ?  12  THR   A N   1 
ATOM   11   C CA  . THR   A 1 3   ? -2.701  3.787   16.239  1.00 45.77  ?  12  THR   A CA  1 
ATOM   12   C C   . THR   A 1 3   ? -2.262  4.243   14.842  1.00 46.57  ?  12  THR   A C   1 
ATOM   13   O O   . THR   A 1 3   ? -2.887  3.821   13.839  1.00 43.70  ?  12  THR   A O   1 
ATOM   14   C CB  . THR   A 1 3   ? -3.916  4.621   16.646  1.00 46.91  ?  12  THR   A CB  1 
ATOM   15   O OG1 . THR   A 1 3   ? -3.546  6.001   16.501  1.00 39.17  ?  12  THR   A OG1 1 
ATOM   16   C CG2 . THR   A 1 3   ? -4.375  4.279   18.043  1.00 44.74  ?  12  THR   A CG2 1 
ATOM   17   N N   . HIS   A 1 4   ? -1.264  5.119   14.759  1.00 39.59  ?  13  HIS   A N   1 
ATOM   18   C CA  . HIS   A 1 4   ? -0.771  5.632   13.454  1.00 43.48  ?  13  HIS   A CA  1 
ATOM   19   C C   . HIS   A 1 4   ? 0.742   5.525   13.422  1.00 47.51  ?  13  HIS   A C   1 
ATOM   20   O O   . HIS   A 1 4   ? 1.361   5.695   14.477  1.00 43.45  ?  13  HIS   A O   1 
ATOM   21   C CB  . HIS   A 1 4   ? -1.205  7.069   13.173  1.00 42.72  ?  13  HIS   A CB  1 
ATOM   22   C CG  . HIS   A 1 4   ? -2.630  7.213   12.773  1.00 41.67  ?  13  HIS   A CG  1 
ATOM   23   N ND1 . HIS   A 1 4   ? -3.660  7.189   13.695  1.00 44.15  ?  13  HIS   A ND1 1 
ATOM   24   C CD2 . HIS   A 1 4   ? -3.206  7.392   11.559  1.00 45.06  ?  13  HIS   A CD2 1 
ATOM   25   C CE1 . HIS   A 1 4   ? -4.809  7.348   13.063  1.00 42.34  ?  13  HIS   A CE1 1 
ATOM   26   N NE2 . HIS   A 1 4   ? -4.562  7.487   11.752  1.00 41.11  ?  13  HIS   A NE2 1 
ATOM   27   N N   . VAL   A 1 5   ? 1.285   5.255   12.237  1.00 43.37  ?  14  VAL   A N   1 
ATOM   28   C CA  . VAL   A 1 5   ? 2.747   5.094   12.030  1.00 47.11  ?  14  VAL   A CA  1 
ATOM   29   C C   . VAL   A 1 5   ? 3.121   5.949   10.831  1.00 47.23  ?  14  VAL   A C   1 
ATOM   30   O O   . VAL   A 1 5   ? 2.414   5.849   9.800   1.00 41.06  ?  14  VAL   A O   1 
ATOM   31   C CB  . VAL   A 1 5   ? 3.141   3.618   11.862  1.00 53.62  ?  14  VAL   A CB  1 
ATOM   32   C CG1 . VAL   A 1 5   ? 2.423   2.952   10.697  1.00 49.07  ?  14  VAL   A CG1 1 
ATOM   33   C CG2 . VAL   A 1 5   ? 4.651   3.479   11.722  1.00 63.58  ?  14  VAL   A CG2 1 
ATOM   34   N N   . GLN   A 1 6   ? 4.127   6.810   11.009  1.00 42.78  ?  15  GLN   A N   1 
ATOM   35   C CA  . GLN   A 1 6   ? 4.718   7.631   9.925   1.00 47.31  ?  15  GLN   A CA  1 
ATOM   36   C C   . GLN   A 1 6   ? 5.493   6.716   8.981   1.00 41.61  ?  15  GLN   A C   1 
ATOM   37   O O   . GLN   A 1 6   ? 6.398   5.986   9.443   1.00 47.03  ?  15  GLN   A O   1 
ATOM   38   C CB  . GLN   A 1 6   ? 5.621   8.735   10.475  1.00 45.71  ?  15  GLN   A CB  1 
ATOM   39   C CG  . GLN   A 1 6   ? 4.811   9.955   10.867  1.00 51.95  ?  15  GLN   A CG  1 
ATOM   40   C CD  . GLN   A 1 6   ? 5.655   11.003  11.540  1.00 55.72  ?  15  GLN   A CD  1 
ATOM   41   O OE1 . GLN   A 1 6   ? 6.852   10.810  11.748  1.00 57.92  ?  15  GLN   A OE1 1 
ATOM   42   N NE2 . GLN   A 1 6   ? 5.024   12.110  11.901  1.00 57.17  ?  15  GLN   A NE2 1 
ATOM   43   N N   . LEU   A 1 7   ? 5.157   6.773   7.706   1.00 38.81  ?  16  LEU   A N   1 
ATOM   44   C CA  . LEU   A 1 7   ? 5.863   5.969   6.689   1.00 39.05  ?  16  LEU   A CA  1 
ATOM   45   C C   . LEU   A 1 7   ? 6.179   6.846   5.501   1.00 36.69  ?  16  LEU   A C   1 
ATOM   46   O O   . LEU   A 1 7   ? 5.403   7.761   5.187   1.00 37.42  ?  16  LEU   A O   1 
ATOM   47   C CB  . LEU   A 1 7   ? 4.986   4.805   6.236   1.00 38.44  ?  16  LEU   A CB  1 
ATOM   48   C CG  . LEU   A 1 7   ? 4.556   3.841   7.331   1.00 45.54  ?  16  LEU   A CG  1 
ATOM   49   C CD1 . LEU   A 1 7   ? 3.550   2.856   6.773   1.00 48.35  ?  16  LEU   A CD1 1 
ATOM   50   C CD2 . LEU   A 1 7   ? 5.758   3.105   7.920   1.00 47.46  ?  16  LEU   A CD2 1 
ATOM   51   N N   A SER   A 1 8   ? 7.309   6.547   4.856   0.33 37.51  ?  17  SER   A N   1 
ATOM   52   N N   B SER   A 1 8   ? 7.318   6.576   4.856   0.17 36.19  ?  17  SER   A N   1 
ATOM   53   N N   C SER   A 1 8   ? 7.309   6.547   4.856   0.33 37.51  ?  17  SER   A N   1 
ATOM   54   N N   D SER   A 1 8   ? 7.318   6.576   4.856   0.17 36.19  ?  17  SER   A N   1 
ATOM   55   C CA  A SER   A 1 8   ? 7.740   7.087   3.543   0.33 38.15  ?  17  SER   A CA  1 
ATOM   56   C CA  B SER   A 1 8   ? 7.693   7.124   3.529   0.17 35.71  ?  17  SER   A CA  1 
ATOM   57   C CA  C SER   A 1 8   ? 7.740   7.087   3.543   0.33 38.15  ?  17  SER   A CA  1 
ATOM   58   C CA  D SER   A 1 8   ? 7.693   7.124   3.529   0.17 35.71  ?  17  SER   A CA  1 
ATOM   59   C C   A SER   A 1 8   ? 7.697   5.943   2.523   0.33 36.66  ?  17  SER   A C   1 
ATOM   60   C C   B SER   A 1 8   ? 7.698   5.971   2.519   0.17 35.31  ?  17  SER   A C   1 
ATOM   61   C C   C SER   A 1 8   ? 7.697   5.943   2.523   0.33 36.66  ?  17  SER   A C   1 
ATOM   62   C C   D SER   A 1 8   ? 7.698   5.971   2.519   0.17 35.31  ?  17  SER   A C   1 
ATOM   63   O O   A SER   A 1 8   ? 8.568   5.051   2.606   0.33 35.55  ?  17  SER   A O   1 
ATOM   64   O O   B SER   A 1 8   ? 8.600   5.111   2.602   0.17 34.66  ?  17  SER   A O   1 
ATOM   65   O O   C SER   A 1 8   ? 8.568   5.051   2.606   0.33 35.55  ?  17  SER   A O   1 
ATOM   66   O O   D SER   A 1 8   ? 8.600   5.111   2.602   0.17 34.66  ?  17  SER   A O   1 
ATOM   67   C CB  A SER   A 1 8   ? 9.111   7.689   3.646   0.33 42.42  ?  17  SER   A CB  1 
ATOM   68   C CB  B SER   A 1 8   ? 9.012   7.838   3.575   0.17 37.11  ?  17  SER   A CB  1 
ATOM   69   C CB  C SER   A 1 8   ? 9.111   7.689   3.646   0.33 42.42  ?  17  SER   A CB  1 
ATOM   70   C CB  D SER   A 1 8   ? 9.012   7.838   3.575   0.17 37.11  ?  17  SER   A CB  1 
ATOM   71   O OG  A SER   A 1 8   ? 9.059   8.943   4.307   0.33 46.04  ?  17  SER   A OG  1 
ATOM   72   O OG  B SER   A 1 8   ? 9.130   8.726   2.472   0.17 36.37  ?  17  SER   A OG  1 
ATOM   73   O OG  C SER   A 1 8   ? 9.059   8.943   4.307   0.33 46.04  ?  17  SER   A OG  1 
ATOM   74   O OG  D SER   A 1 8   ? 9.130   8.726   2.472   0.17 36.37  ?  17  SER   A OG  1 
ATOM   75   N N   . LEU   A 1 9   ? 6.707   5.957   1.628   1.00 34.13  ?  18  LEU   A N   1 
ATOM   76   C CA  . LEU   A 1 9   ? 6.462   4.846   0.672   1.00 34.96  ?  18  LEU   A CA  1 
ATOM   77   C C   . LEU   A 1 9   ? 7.152   5.163   -0.638  1.00 31.33  ?  18  LEU   A C   1 
ATOM   78   O O   . LEU   A 1 9   ? 6.938   6.243   -1.188  1.00 29.74  ?  18  LEU   A O   1 
ATOM   79   C CB  . LEU   A 1 9   ? 4.960   4.721   0.441   1.00 33.34  ?  18  LEU   A CB  1 
ATOM   80   C CG  . LEU   A 1 9   ? 4.152   4.286   1.660   1.00 35.55  ?  18  LEU   A CG  1 
ATOM   81   C CD1 . LEU   A 1 9   ? 2.745   3.947   1.251   1.00 39.52  ?  18  LEU   A CD1 1 
ATOM   82   C CD2 . LEU   A 1 9   ? 4.794   3.122   2.338   1.00 36.35  ?  18  LEU   A CD2 1 
ATOM   83   N N   . PRO   A 1 10  ? 7.994   4.242   -1.143  1.00 31.63  ?  19  PRO   A N   1 
ATOM   84   C CA  . PRO   A 1 10  ? 8.601   4.408   -2.458  1.00 27.87  ?  19  PRO   A CA  1 
ATOM   85   C C   . PRO   A 1 10  ? 7.493   4.368   -3.525  1.00 28.95  ?  19  PRO   A C   1 
ATOM   86   O O   . PRO   A 1 10  ? 6.642   3.465   -3.528  1.00 26.74  ?  19  PRO   A O   1 
ATOM   87   C CB  . PRO   A 1 10  ? 9.575   3.247   -2.589  1.00 31.11  ?  19  PRO   A CB  1 
ATOM   88   C CG  . PRO   A 1 10  ? 9.088   2.208   -1.592  1.00 34.00  ?  19  PRO   A CG  1 
ATOM   89   C CD  . PRO   A 1 10  ? 8.338   2.966   -0.503  1.00 32.87  ?  19  PRO   A CD  1 
ATOM   90   N N   . VAL   A 1 11  ? 7.485   5.366   -4.400  1.00 28.69  ?  20  VAL   A N   1 
ATOM   91   C CA  . VAL   A 1 11  ? 6.542   5.438   -5.537  1.00 27.95  ?  20  VAL   A CA  1 
ATOM   92   C C   . VAL   A 1 11  ? 7.201   4.709   -6.719  1.00 29.82  ?  20  VAL   A C   1 
ATOM   93   O O   . VAL   A 1 11  ? 8.242   5.100   -7.165  1.00 28.21  ?  20  VAL   A O   1 
ATOM   94   C CB  . VAL   A 1 11  ? 6.138   6.884   -5.849  1.00 29.93  ?  20  VAL   A CB  1 
ATOM   95   C CG1 . VAL   A 1 11  ? 5.197   6.944   -7.037  1.00 28.98  ?  20  VAL   A CG1 1 
ATOM   96   C CG2 . VAL   A 1 11  ? 5.482   7.572   -4.656  1.00 33.72  ?  20  VAL   A CG2 1 
ATOM   97   N N   . LEU   A 1 12  ? 6.559   3.675   -7.236  1.00 31.78  ?  21  LEU   A N   1 
ATOM   98   C CA  . LEU   A 1 12  ? 7.114   2.858   -8.338  1.00 28.60  ?  21  LEU   A CA  1 
ATOM   99   C C   . LEU   A 1 12  ? 6.311   3.095   -9.610  1.00 29.62  ?  21  LEU   A C   1 
ATOM   100  O O   . LEU   A 1 12  ? 5.097   3.314   -9.550  1.00 31.50  ?  21  LEU   A O   1 
ATOM   101  C CB  . LEU   A 1 12  ? 7.027   1.393   -7.928  1.00 28.41  ?  21  LEU   A CB  1 
ATOM   102  C CG  . LEU   A 1 12  ? 7.561   1.042   -6.549  1.00 28.58  ?  21  LEU   A CG  1 
ATOM   103  C CD1 . LEU   A 1 12  ? 7.419   -0.450  -6.291  1.00 26.85  ?  21  LEU   A CD1 1 
ATOM   104  C CD2 . LEU   A 1 12  ? 8.998   1.481   -6.373  1.00 29.55  ?  21  LEU   A CD2 1 
ATOM   105  N N   A GLN   A 1 13  ? 6.981   3.045   -10.760 0.21 29.96  ?  22  GLN   A N   1 
ATOM   106  N N   B GLN   A 1 13  ? 6.985   3.039   -10.757 0.28 31.07  ?  22  GLN   A N   1 
ATOM   107  N N   C GLN   A 1 13  ? 6.981   3.045   -10.760 0.21 29.96  ?  22  GLN   A N   1 
ATOM   108  N N   D GLN   A 1 13  ? 6.985   3.039   -10.757 0.28 31.07  ?  22  GLN   A N   1 
ATOM   109  C CA  A GLN   A 1 13  ? 6.313   3.050   -12.084 0.21 29.96  ?  22  GLN   A CA  1 
ATOM   110  C CA  B GLN   A 1 13  ? 6.336   3.029   -12.089 0.28 31.78  ?  22  GLN   A CA  1 
ATOM   111  C CA  C GLN   A 1 13  ? 6.313   3.050   -12.084 0.21 29.96  ?  22  GLN   A CA  1 
ATOM   112  C CA  D GLN   A 1 13  ? 6.336   3.029   -12.089 0.28 31.78  ?  22  GLN   A CA  1 
ATOM   113  C C   A GLN   A 1 13  ? 5.715   1.658   -12.296 0.21 28.77  ?  22  GLN   A C   1 
ATOM   114  C C   B GLN   A 1 13  ? 5.708   1.648   -12.278 0.28 29.25  ?  22  GLN   A C   1 
ATOM   115  C C   C GLN   A 1 13  ? 5.715   1.658   -12.296 0.21 28.77  ?  22  GLN   A C   1 
ATOM   116  C C   D GLN   A 1 13  ? 5.708   1.648   -12.278 0.28 29.25  ?  22  GLN   A C   1 
ATOM   117  O O   A GLN   A 1 13  ? 6.427   0.673   -12.043 0.21 28.61  ?  22  GLN   A O   1 
ATOM   118  O O   B GLN   A 1 13  ? 6.400   0.656   -12.007 0.28 28.57  ?  22  GLN   A O   1 
ATOM   119  O O   C GLN   A 1 13  ? 6.427   0.673   -12.043 0.21 28.61  ?  22  GLN   A O   1 
ATOM   120  O O   D GLN   A 1 13  ? 6.400   0.656   -12.007 0.28 28.57  ?  22  GLN   A O   1 
ATOM   121  C CB  A GLN   A 1 13  ? 7.302   3.458   -13.175 0.21 31.45  ?  22  GLN   A CB  1 
ATOM   122  C CB  B GLN   A 1 13  ? 7.357   3.338   -13.184 0.28 35.58  ?  22  GLN   A CB  1 
ATOM   123  C CB  C GLN   A 1 13  ? 7.302   3.458   -13.175 0.21 31.45  ?  22  GLN   A CB  1 
ATOM   124  C CB  D GLN   A 1 13  ? 7.357   3.338   -13.184 0.28 35.58  ?  22  GLN   A CB  1 
ATOM   125  C CG  A GLN   A 1 13  ? 7.473   4.966   -13.285 0.21 34.03  ?  22  GLN   A CG  1 
ATOM   126  C CG  B GLN   A 1 13  ? 8.084   4.660   -12.982 0.28 41.02  ?  22  GLN   A CG  1 
ATOM   127  C CG  C GLN   A 1 13  ? 7.473   4.966   -13.285 0.21 34.03  ?  22  GLN   A CG  1 
ATOM   128  C CG  D GLN   A 1 13  ? 8.084   4.660   -12.982 0.28 41.02  ?  22  GLN   A CG  1 
ATOM   129  C CD  A GLN   A 1 13  ? 6.205   5.650   -13.726 0.21 34.85  ?  22  GLN   A CD  1 
ATOM   130  C CD  B GLN   A 1 13  ? 8.845   5.058   -14.222 0.28 45.43  ?  22  GLN   A CD  1 
ATOM   131  C CD  C GLN   A 1 13  ? 6.205   5.650   -13.726 0.21 34.85  ?  22  GLN   A CD  1 
ATOM   132  C CD  D GLN   A 1 13  ? 8.845   5.058   -14.222 0.28 45.43  ?  22  GLN   A CD  1 
ATOM   133  O OE1 A GLN   A 1 13  ? 5.297   5.025   -14.272 0.21 36.26  ?  22  GLN   A OE1 1 
ATOM   134  O OE1 B GLN   A 1 13  ? 9.422   4.225   -14.920 0.28 49.34  ?  22  GLN   A OE1 1 
ATOM   135  O OE1 C GLN   A 1 13  ? 5.297   5.025   -14.272 0.21 36.26  ?  22  GLN   A OE1 1 
ATOM   136  O OE1 D GLN   A 1 13  ? 9.422   4.225   -14.920 0.28 49.34  ?  22  GLN   A OE1 1 
ATOM   137  N NE2 A GLN   A 1 13  ? 6.134   6.949   -13.488 0.21 37.75  ?  22  GLN   A NE2 1 
ATOM   138  N NE2 B GLN   A 1 13  ? 8.837   6.346   -14.516 0.28 50.31  ?  22  GLN   A NE2 1 
ATOM   139  N NE2 C GLN   A 1 13  ? 6.134   6.949   -13.488 0.21 37.75  ?  22  GLN   A NE2 1 
ATOM   140  N NE2 D GLN   A 1 13  ? 8.837   6.346   -14.516 0.28 50.31  ?  22  GLN   A NE2 1 
ATOM   141  N N   . VAL   A 1 14  ? 4.453   1.594   -12.722 1.00 30.21  ?  23  VAL   A N   1 
ATOM   142  C CA  . VAL   A 1 14  ? 3.697   0.318   -12.875 1.00 29.57  ?  23  VAL   A CA  1 
ATOM   143  C C   . VAL   A 1 14  ? 4.483   -0.700  -13.705 1.00 28.91  ?  23  VAL   A C   1 
ATOM   144  O O   . VAL   A 1 14  ? 4.478   -1.879  -13.300 1.00 28.67  ?  23  VAL   A O   1 
ATOM   145  C CB  . VAL   A 1 14  ? 2.269   0.545   -13.395 1.00 30.34  ?  23  VAL   A CB  1 
ATOM   146  C CG1 . VAL   A 1 14  ? 2.223   1.081   -14.810 1.00 34.03  ?  23  VAL   A CG1 1 
ATOM   147  C CG2 . VAL   A 1 14  ? 1.428   -0.711  -13.246 1.00 34.10  ?  23  VAL   A CG2 1 
ATOM   148  N N   . ARG   A 1 15  ? 5.188   -0.283  -14.754 1.00 27.56  ?  24  ARG   A N   1 
ATOM   149  C CA  . ARG   A 1 15  ? 5.939   -1.234  -15.628 1.00 32.01  ?  24  ARG   A CA  1 
ATOM   150  C C   . ARG   A 1 15  ? 7.186   -1.822  -14.951 1.00 33.21  ?  24  ARG   A C   1 
ATOM   151  O O   . ARG   A 1 15  ? 7.686   -2.822  -15.488 1.00 31.12  ?  24  ARG   A O   1 
ATOM   152  C CB  . ARG   A 1 15  ? 6.261   -0.587  -16.979 1.00 34.05  ?  24  ARG   A CB  1 
ATOM   153  C CG  . ARG   A 1 15  ? 5.010   -0.380  -17.809 1.00 38.07  ?  24  ARG   A CG  1 
ATOM   154  C CD  . ARG   A 1 15  ? 5.253   0.185   -19.188 1.00 39.76  ?  24  ARG   A CD  1 
ATOM   155  N NE  . ARG   A 1 15  ? 4.008   0.519   -19.874 1.00 43.43  ?  24  ARG   A NE  1 
ATOM   156  C CZ  . ARG   A 1 15  ? 3.234   -0.342  -20.525 1.00 47.89  ?  24  ARG   A CZ  1 
ATOM   157  N NH1 . ARG   A 1 15  ? 3.551   -1.630  -20.573 1.00 49.40  ?  24  ARG   A NH1 1 
ATOM   158  N NH2 . ARG   A 1 15  ? 2.137   0.095   -21.122 1.00 43.88  ?  24  ARG   A NH2 1 
ATOM   159  N N   . ASP   A 1 16  ? 7.666   -1.256  -13.828 1.00 28.44  ?  25  ASP   A N   1 
ATOM   160  C CA  . ASP   A 1 16  ? 8.830   -1.761  -13.067 1.00 29.54  ?  25  ASP   A CA  1 
ATOM   161  C C   . ASP   A 1 16  ? 8.383   -2.833  -12.082 1.00 26.85  ?  25  ASP   A C   1 
ATOM   162  O O   . ASP   A 1 16  ? 9.192   -3.648  -11.662 1.00 30.06  ?  25  ASP   A O   1 
ATOM   163  C CB  . ASP   A 1 16  ? 9.570   -0.640  -12.339 1.00 30.04  ?  25  ASP   A CB  1 
ATOM   164  C CG  . ASP   A 1 16  ? 10.384  0.251   -13.272 1.00 33.54  ?  25  ASP   A CG  1 
ATOM   165  O OD1 . ASP   A 1 16  ? 10.676  -0.203  -14.382 1.00 29.70  ?  25  ASP   A OD1 1 
ATOM   166  O OD2 . ASP   A 1 16  ? 10.687  1.399   -12.879 1.00 36.51  ?  25  ASP   A OD2 1 
ATOM   167  N N   . VAL   A 1 17  ? 7.121   -2.840  -11.718 1.00 28.54  ?  26  VAL   A N   1 
ATOM   168  C CA  . VAL   A 1 17  ? 6.654   -3.649  -10.583 1.00 27.51  ?  26  VAL   A CA  1 
ATOM   169  C C   . VAL   A 1 17  ? 6.782   -5.146  -10.911 1.00 28.79  ?  26  VAL   A C   1 
ATOM   170  O O   . VAL   A 1 17  ? 6.187   -5.613  -11.874 1.00 28.98  ?  26  VAL   A O   1 
ATOM   171  C CB  . VAL   A 1 17  ? 5.232   -3.263  -10.142 1.00 25.38  ?  26  VAL   A CB  1 
ATOM   172  C CG1 . VAL   A 1 17  ? 4.745   -4.203  -9.051  1.00 25.86  ?  26  VAL   A CG1 1 
ATOM   173  C CG2 . VAL   A 1 17  ? 5.192   -1.811  -9.657  1.00 25.53  ?  26  VAL   A CG2 1 
ATOM   174  N N   . LEU   A 1 18  ? 7.516   -5.874  -10.088 1.00 29.86  ?  27  LEU   A N   1 
ATOM   175  C CA  . LEU   A 1 18  ? 7.764   -7.317  -10.315 1.00 29.53  ?  27  LEU   A CA  1 
ATOM   176  C C   . LEU   A 1 18  ? 6.656   -8.133  -9.685  1.00 27.16  ?  27  LEU   A C   1 
ATOM   177  O O   . LEU   A 1 18  ? 6.369   -9.196  -10.212 1.00 30.68  ?  27  LEU   A O   1 
ATOM   178  C CB  . LEU   A 1 18  ? 9.120   -7.690  -9.723  1.00 32.55  ?  27  LEU   A CB  1 
ATOM   179  C CG  . LEU   A 1 18  ? 10.315  -6.990  -10.363 1.00 34.90  ?  27  LEU   A CG  1 
ATOM   180  C CD1 . LEU   A 1 18  ? 11.602  -7.371  -9.658  1.00 37.33  ?  27  LEU   A CD1 1 
ATOM   181  C CD2 . LEU   A 1 18  ? 10.389  -7.287  -11.855 1.00 36.91  ?  27  LEU   A CD2 1 
ATOM   182  N N   . VAL   A 1 19  ? 6.135   -7.716  -8.543  1.00 27.18  ?  28  VAL   A N   1 
ATOM   183  C CA  . VAL   A 1 19  ? 5.103   -8.507  -7.826  1.00 27.85  ?  28  VAL   A CA  1 
ATOM   184  C C   . VAL   A 1 19  ? 3.874   -7.612  -7.754  1.00 28.71  ?  28  VAL   A C   1 
ATOM   185  O O   . VAL   A 1 19  ? 3.898   -6.569  -7.017  1.00 29.59  ?  28  VAL   A O   1 
ATOM   186  C CB  . VAL   A 1 19  ? 5.570   -8.991  -6.446  1.00 26.32  ?  28  VAL   A CB  1 
ATOM   187  C CG1 . VAL   A 1 19  ? 4.545   -9.927  -5.819  1.00 29.03  ?  28  VAL   A CG1 1 
ATOM   188  C CG2 . VAL   A 1 19  ? 6.938   -9.628  -6.480  1.00 30.06  ?  28  VAL   A CG2 1 
ATOM   189  N N   . ARG   A 1 20  ? 2.859   -7.973  -8.539  1.00 28.62  ?  29  ARG   A N   1 
ATOM   190  C CA  . ARG   A 1 20  ? 1.809   -7.020  -8.971  1.00 28.99  ?  29  ARG   A CA  1 
ATOM   191  C C   . ARG   A 1 20  ? 0.578   -7.034  -8.054  1.00 28.91  ?  29  ARG   A C   1 
ATOM   192  O O   . ARG   A 1 20  ? -0.369  -6.307  -8.354  1.00 28.80  ?  29  ARG   A O   1 
ATOM   193  C CB  . ARG   A 1 20  ? 1.518   -7.282  -10.439 1.00 30.74  ?  29  ARG   A CB  1 
ATOM   194  C CG  . ARG   A 1 20  ? 2.607   -6.683  -11.309 1.00 33.85  ?  29  ARG   A CG  1 
ATOM   195  C CD  . ARG   A 1 20  ? 2.550   -7.039  -12.761 1.00 43.97  ?  29  ARG   A CD  1 
ATOM   196  N NE  . ARG   A 1 20  ? 3.734   -6.423  -13.327 1.00 57.14  ?  29  ARG   A NE  1 
ATOM   197  C CZ  . ARG   A 1 20  ? 3.814   -5.177  -13.785 1.00 52.92  ?  29  ARG   A CZ  1 
ATOM   198  N NH1 . ARG   A 1 20  ? 2.746   -4.395  -13.816 1.00 60.82  ?  29  ARG   A NH1 1 
ATOM   199  N NH2 . ARG   A 1 20  ? 4.964   -4.750  -14.266 1.00 45.77  ?  29  ARG   A NH2 1 
ATOM   200  N N   . GLY   A 1 21  ? 0.645   -7.735  -6.935  1.00 30.42  ?  30  GLY   A N   1 
ATOM   201  C CA  . GLY   A 1 21  ? -0.405  -7.739  -5.911  1.00 29.59  ?  30  GLY   A CA  1 
ATOM   202  C C   . GLY   A 1 21  ? 0.063   -8.467  -4.692  1.00 28.31  ?  30  GLY   A C   1 
ATOM   203  O O   . GLY   A 1 21  ? 1.188   -8.999  -4.693  1.00 29.25  ?  30  GLY   A O   1 
ATOM   204  N N   . PHE   A 1 22  ? -0.788  -8.501  -3.682  1.00 26.67  ?  31  PHE   A N   1 
ATOM   205  C CA  . PHE   A 1 22  ? -0.479  -9.057  -2.358  1.00 30.13  ?  31  PHE   A CA  1 
ATOM   206  C C   . PHE   A 1 22  ? -1.080  -10.458 -2.192  1.00 30.33  ?  31  PHE   A C   1 
ATOM   207  O O   . PHE   A 1 22  ? -0.678  -11.150 -1.322  1.00 34.71  ?  31  PHE   A O   1 
ATOM   208  C CB  . PHE   A 1 22  ? -0.951  -8.065  -1.308  1.00 29.27  ?  31  PHE   A CB  1 
ATOM   209  C CG  . PHE   A 1 22  ? -0.055  -6.870  -1.136  1.00 25.57  ?  31  PHE   A CG  1 
ATOM   210  C CD1 . PHE   A 1 22  ? 1.222   -7.009  -0.622  1.00 27.44  ?  31  PHE   A CD1 1 
ATOM   211  C CD2 . PHE   A 1 22  ? -0.511  -5.612  -1.428  1.00 26.99  ?  31  PHE   A CD2 1 
ATOM   212  C CE1 . PHE   A 1 22  ? 2.029   -5.898  -0.428  1.00 26.86  ?  31  PHE   A CE1 1 
ATOM   213  C CE2 . PHE   A 1 22  ? 0.290   -4.496  -1.191  1.00 27.43  ?  31  PHE   A CE2 1 
ATOM   214  C CZ  . PHE   A 1 22  ? 1.551   -4.649  -0.705  1.00 25.74  ?  31  PHE   A CZ  1 
ATOM   215  N N   . GLY   A 1 23  ? -1.955  -10.904 -3.074  1.00 32.57  ?  32  GLY   A N   1 
ATOM   216  C CA  . GLY   A 1 23  ? -2.569  -12.225 -2.877  1.00 30.71  ?  32  GLY   A CA  1 
ATOM   217  C C   . GLY   A 1 23  ? -3.929  -12.315 -3.520  1.00 31.13  ?  32  GLY   A C   1 
ATOM   218  O O   . GLY   A 1 23  ? -4.220  -11.583 -4.490  1.00 29.78  ?  32  GLY   A O   1 
ATOM   219  N N   . ASP   A 1 24  ? -4.722  -13.247 -3.029  1.00 36.07  ?  33  ASP   A N   1 
ATOM   220  C CA  . ASP   A 1 24  ? -5.806  -13.827 -3.854  1.00 36.46  ?  33  ASP   A CA  1 
ATOM   221  C C   . ASP   A 1 24  ? -7.176  -13.594 -3.226  1.00 39.44  ?  33  ASP   A C   1 
ATOM   222  O O   . ASP   A 1 24  ? -8.132  -14.009 -3.858  1.00 42.36  ?  33  ASP   A O   1 
ATOM   223  C CB  . ASP   A 1 24  ? -5.532  -15.319 -4.051  1.00 37.78  ?  33  ASP   A CB  1 
ATOM   224  C CG  . ASP   A 1 24  ? -4.207  -15.587 -4.754  1.00 40.58  ?  33  ASP   A CG  1 
ATOM   225  O OD1 . ASP   A 1 24  ? -3.740  -14.708 -5.528  1.00 43.07  ?  33  ASP   A OD1 1 
ATOM   226  O OD2 . ASP   A 1 24  ? -3.683  -16.676 -4.549  1.00 44.79  ?  33  ASP   A OD2 1 
ATOM   227  N N   . SER   A 1 25  ? -7.265  -12.991 -2.041  1.00 36.81  ?  34  SER   A N   1 
ATOM   228  C CA  . SER   A 1 25  ? -8.550  -12.670 -1.378  1.00 36.63  ?  34  SER   A CA  1 
ATOM   229  C C   . SER   A 1 25  ? -8.454  -11.255 -0.825  1.00 39.71  ?  34  SER   A C   1 
ATOM   230  O O   . SER   A 1 25  ? -7.337  -10.795 -0.597  1.00 31.40  ?  34  SER   A O   1 
ATOM   231  C CB  . SER   A 1 25  ? -8.880  -13.669 -0.308  1.00 34.39  ?  34  SER   A CB  1 
ATOM   232  O OG  . SER   A 1 25  ? -8.102  -13.472 0.856   1.00 33.53  ?  34  SER   A OG  1 
ATOM   233  N N   . VAL   A 1 26  ? -9.589  -10.594 -0.620  1.00 38.01  ?  35  VAL   A N   1 
ATOM   234  C CA  . VAL   A 1 26  ? -9.614  -9.250  0.024   1.00 39.83  ?  35  VAL   A CA  1 
ATOM   235  C C   . VAL   A 1 26  ? -8.891  -9.348  1.373   1.00 37.40  ?  35  VAL   A C   1 
ATOM   236  O O   . VAL   A 1 26  ? -8.069  -8.440  1.739   1.00 34.17  ?  35  VAL   A O   1 
ATOM   237  C CB  . VAL   A 1 26  ? -11.069 -8.772  0.165   1.00 42.24  ?  35  VAL   A CB  1 
ATOM   238  C CG1 . VAL   A 1 26  ? -11.190 -7.618  1.150   1.00 46.38  ?  35  VAL   A CG1 1 
ATOM   239  C CG2 . VAL   A 1 26  ? -11.677 -8.423  -1.185  1.00 39.25  ?  35  VAL   A CG2 1 
ATOM   240  N N   . GLU   A 1 27  ? -9.190  -10.388 2.152   1.00 33.29  ?  36  GLU   A N   1 
ATOM   241  C CA  . GLU   A 1 27  ? -8.638  -10.446 3.520   1.00 39.95  ?  36  GLU   A CA  1 
ATOM   242  C C   . GLU   A 1 27  ? -7.116  -10.680 3.434   1.00 40.01  ?  36  GLU   A C   1 
ATOM   243  O O   . GLU   A 1 27  ? -6.377  -10.175 4.325   1.00 36.77  ?  36  GLU   A O   1 
ATOM   244  C CB  . GLU   A 1 27  ? -9.295  -11.558 4.341   1.00 47.21  ?  36  GLU   A CB  1 
ATOM   245  C CG  . GLU   A 1 27  ? -10.750 -11.300 4.663   1.00 50.23  ?  36  GLU   A CG  1 
ATOM   246  C CD  . GLU   A 1 27  ? -11.496 -12.609 4.831   1.00 50.18  ?  36  GLU   A CD  1 
ATOM   247  O OE1 . GLU   A 1 27  ? -12.138 -13.022 3.877   1.00 60.73  ?  36  GLU   A OE1 1 
ATOM   248  O OE2 . GLU   A 1 27  ? -11.372 -13.231 5.888   1.00 47.21  ?  36  GLU   A OE2 1 
ATOM   249  N N   . GLU   A 1 28  ? -6.657  -11.485 2.466   1.00 38.22  ?  37  GLU   A N   1 
ATOM   250  C CA  . GLU   A 1 28  ? -5.198  -11.778 2.364   1.00 34.26  ?  37  GLU   A CA  1 
ATOM   251  C C   . GLU   A 1 28  ? -4.426  -10.532 1.895   1.00 29.19  ?  37  GLU   A C   1 
ATOM   252  O O   . GLU   A 1 28  ? -3.339  -10.279 2.425   1.00 29.65  ?  37  GLU   A O   1 
ATOM   253  C CB  . GLU   A 1 28  ? -4.898  -12.930 1.428   1.00 34.39  ?  37  GLU   A CB  1 
ATOM   254  C CG  . GLU   A 1 28  ? -3.403  -13.200 1.320   1.00 32.89  ?  37  GLU   A CG  1 
ATOM   255  C CD  . GLU   A 1 28  ? -3.057  -14.364 0.411   1.00 35.51  ?  37  GLU   A CD  1 
ATOM   256  O OE1 . GLU   A 1 28  ? -3.877  -14.672 -0.512  1.00 32.24  ?  37  GLU   A OE1 1 
ATOM   257  O OE2 . GLU   A 1 28  ? -1.977  -14.976 0.637   1.00 36.04  ?  37  GLU   A OE2 1 
ATOM   258  N N   . VAL   A 1 29  ? -4.968  -9.767  0.969   1.00 28.90  ?  38  VAL   A N   1 
ATOM   259  C CA  . VAL   A 1 29  ? -4.236  -8.602  0.395   1.00 32.54  ?  38  VAL   A CA  1 
ATOM   260  C C   . VAL   A 1 29  ? -4.158  -7.491  1.440   1.00 33.65  ?  38  VAL   A C   1 
ATOM   261  O O   . VAL   A 1 29  ? -3.095  -6.848  1.501   1.00 30.67  ?  38  VAL   A O   1 
ATOM   262  C CB  . VAL   A 1 29  ? -4.813  -8.105  -0.930  1.00 29.02  ?  38  VAL   A CB  1 
ATOM   263  C CG1 . VAL   A 1 29  ? -4.848  -9.244  -1.936  1.00 31.53  ?  38  VAL   A CG1 1 
ATOM   264  C CG2 . VAL   A 1 29  ? -6.180  -7.448  -0.786  1.00 31.03  ?  38  VAL   A CG2 1 
ATOM   265  N N   . LEU   A 1 30  ? -5.224  -7.270  2.216   1.00 33.23  ?  39  LEU   A N   1 
ATOM   266  C CA  . LEU   A 1 30  ? -5.184  -6.306  3.349   1.00 33.37  ?  39  LEU   A CA  1 
ATOM   267  C C   . LEU   A 1 30  ? -4.176  -6.764  4.406   1.00 32.33  ?  39  LEU   A C   1 
ATOM   268  O O   . LEU   A 1 30  ? -3.440  -5.911  4.945   1.00 33.55  ?  39  LEU   A O   1 
ATOM   269  C CB  . LEU   A 1 30  ? -6.580  -6.143  3.957   1.00 37.59  ?  39  LEU   A CB  1 
ATOM   270  C CG  . LEU   A 1 30  ? -7.565  -5.318  3.133   1.00 37.65  ?  39  LEU   A CG  1 
ATOM   271  C CD1 . LEU   A 1 30  ? -8.990  -5.456  3.674   1.00 37.64  ?  39  LEU   A CD1 1 
ATOM   272  C CD2 . LEU   A 1 30  ? -7.141  -3.859  3.091   1.00 40.04  ?  39  LEU   A CD2 1 
ATOM   273  N N   A SER   A 1 31  ? -4.156  -8.060  4.736   0.40 29.33  ?  40  SER   A N   1 
ATOM   274  N N   B SER   A 1 31  ? -4.157  -8.065  4.720   0.38 34.28  ?  40  SER   A N   1 
ATOM   275  N N   C SER   A 1 31  ? -4.148  -8.071  4.691   0.12 31.90  ?  40  SER   A N   1 
ATOM   276  N N   D SER   A 1 31  ? -4.147  -8.070  4.692   0.10 33.73  ?  40  SER   A N   1 
ATOM   277  C CA  A SER   A 1 31  ? -3.206  -8.640  5.725   0.40 30.22  ?  40  SER   A CA  1 
ATOM   278  C CA  B SER   A 1 31  ? -3.238  -8.685  5.716   0.38 38.46  ?  40  SER   A CA  1 
ATOM   279  C CA  C SER   A 1 31  ? -3.212  -8.720  5.650   0.12 32.38  ?  40  SER   A CA  1 
ATOM   280  C CA  D SER   A 1 31  ? -3.213  -8.721  5.651   0.10 35.17  ?  40  SER   A CA  1 
ATOM   281  C C   A SER   A 1 31  ? -1.776  -8.388  5.252   0.40 30.03  ?  40  SER   A C   1 
ATOM   282  C C   B SER   A 1 31  ? -1.787  -8.488  5.275   0.38 35.16  ?  40  SER   A C   1 
ATOM   283  C C   C SER   A 1 31  ? -1.769  -8.532  5.175   0.12 32.52  ?  40  SER   A C   1 
ATOM   284  C C   D SER   A 1 31  ? -1.767  -8.547  5.179   0.10 34.44  ?  40  SER   A C   1 
ATOM   285  O O   A SER   A 1 31  ? -0.970  -7.792  6.016   0.40 31.57  ?  40  SER   A O   1 
ATOM   286  O O   B SER   A 1 31  ? -0.962  -8.017  6.096   0.38 36.40  ?  40  SER   A O   1 
ATOM   287  O O   C SER   A 1 31  ? -0.934  -8.061  5.978   0.12 33.09  ?  40  SER   A O   1 
ATOM   288  O O   D SER   A 1 31  ? -0.927  -8.098  5.987   0.10 34.83  ?  40  SER   A O   1 
ATOM   289  C CB  A SER   A 1 31  ? -3.415  -10.115 5.936   0.40 26.89  ?  40  SER   A CB  1 
ATOM   290  C CB  B SER   A 1 31  ? -3.540  -10.149 5.911   0.38 40.20  ?  40  SER   A CB  1 
ATOM   291  C CB  C SER   A 1 31  ? -3.523  -10.183 5.822   0.12 31.23  ?  40  SER   A CB  1 
ATOM   292  C CB  D SER   A 1 31  ? -3.540  -10.181 5.837   0.10 35.70  ?  40  SER   A CB  1 
ATOM   293  O OG  A SER   A 1 31  ? -2.547  -10.573 6.956   0.40 23.38  ?  40  SER   A OG  1 
ATOM   294  O OG  B SER   A 1 31  ? -4.727  -10.312 6.674   0.38 48.68  ?  40  SER   A OG  1 
ATOM   295  O OG  C SER   A 1 31  ? -2.641  -10.768 6.770   0.12 29.87  ?  40  SER   A OG  1 
ATOM   296  O OG  D SER   A 1 31  ? -4.581  -10.338 6.790   0.10 37.81  ?  40  SER   A OG  1 
ATOM   297  N N   A GLU   A 1 32  ? -1.493  -8.833  4.026   0.40 29.57  ?  41  GLU   A N   1 
ATOM   298  N N   B GLU   A 1 32  ? -1.507  -8.829  4.014   0.38 31.48  ?  41  GLU   A N   1 
ATOM   299  N N   C GLU   A 1 32  ? -1.500  -8.897  3.918   0.12 32.65  ?  41  GLU   A N   1 
ATOM   300  N N   D GLU   A 1 32  ? -1.500  -8.901  3.919   0.10 33.43  ?  41  GLU   A N   1 
ATOM   301  C CA  A GLU   A 1 32  ? -0.138  -8.791  3.412   0.40 30.18  ?  41  GLU   A CA  1 
ATOM   302  C CA  B GLU   A 1 32  ? -0.145  -8.790  3.411   0.38 31.08  ?  41  GLU   A CA  1 
ATOM   303  C CA  C GLU   A 1 32  ? -0.143  -8.865  3.309   0.12 32.80  ?  41  GLU   A CA  1 
ATOM   304  C CA  D GLU   A 1 32  ? -0.143  -8.865  3.311   0.10 33.17  ?  41  GLU   A CA  1 
ATOM   305  C C   A GLU   A 1 32  ? 0.297   -7.325  3.281   0.40 28.85  ?  41  GLU   A C   1 
ATOM   306  C C   B GLU   A 1 32  ? 0.295   -7.324  3.279   0.38 29.24  ?  41  GLU   A C   1 
ATOM   307  C C   C GLU   A 1 32  ? 0.332   -7.411  3.208   0.12 32.59  ?  41  GLU   A C   1 
ATOM   308  C C   D GLU   A 1 32  ? 0.330   -7.411  3.210   0.10 32.78  ?  41  GLU   A C   1 
ATOM   309  O O   A GLU   A 1 32  ? 1.455   -7.036  3.612   0.40 27.43  ?  41  GLU   A O   1 
ATOM   310  O O   B GLU   A 1 32  ? 1.455   -7.038  3.608   0.38 27.61  ?  41  GLU   A O   1 
ATOM   311  O O   C GLU   A 1 32  ? 1.496   -7.152  3.569   0.12 31.25  ?  41  GLU   A O   1 
ATOM   312  O O   D GLU   A 1 32  ? 1.495   -7.152  3.572   0.10 31.39  ?  41  GLU   A O   1 
ATOM   313  C CB  A GLU   A 1 32  ? -0.133  -9.563  2.090   0.40 30.20  ?  41  GLU   A CB  1 
ATOM   314  C CB  B GLU   A 1 32  ? -0.134  -9.563  2.089   0.38 30.68  ?  41  GLU   A CB  1 
ATOM   315  C CB  C GLU   A 1 32  ? -0.139  -9.573  1.951   0.12 32.66  ?  41  GLU   A CB  1 
ATOM   316  C CB  D GLU   A 1 32  ? -0.138  -9.572  1.953   0.10 32.88  ?  41  GLU   A CB  1 
ATOM   317  C CG  A GLU   A 1 32  ? -0.083  -11.069 2.286   0.40 31.39  ?  41  GLU   A CG  1 
ATOM   318  C CG  B GLU   A 1 32  ? -0.083  -11.067 2.286   0.38 31.71  ?  41  GLU   A CG  1 
ATOM   319  C CG  C GLU   A 1 32  ? -0.143  -11.091 2.047   0.12 32.76  ?  41  GLU   A CG  1 
ATOM   320  C CG  D GLU   A 1 32  ? -0.142  -11.090 2.048   0.10 32.91  ?  41  GLU   A CG  1 
ATOM   321  C CD  A GLU   A 1 32  ? 1.195   -11.555 2.951   0.40 35.54  ?  41  GLU   A CD  1 
ATOM   322  C CD  B GLU   A 1 32  ? 1.195   -11.555 2.951   0.38 35.65  ?  41  GLU   A CD  1 
ATOM   323  C CD  C GLU   A 1 32  ? 1.014   -11.721 2.810   0.12 33.65  ?  41  GLU   A CD  1 
ATOM   324  C CD  D GLU   A 1 32  ? 1.015   -11.720 2.809   0.10 33.65  ?  41  GLU   A CD  1 
ATOM   325  O OE1 A GLU   A 1 32  ? 2.240   -10.908 2.759   0.40 38.54  ?  41  GLU   A OE1 1 
ATOM   326  O OE1 B GLU   A 1 32  ? 2.240   -10.905 2.760   0.38 38.51  ?  41  GLU   A OE1 1 
ATOM   327  O OE1 C GLU   A 1 32  ? 1.895   -10.977 3.289   0.12 33.31  ?  41  GLU   A OE1 1 
ATOM   328  O OE1 D GLU   A 1 32  ? 1.900   -10.978 3.282   0.10 33.27  ?  41  GLU   A OE1 1 
ATOM   329  O OE2 A GLU   A 1 32  ? 1.148   -12.576 3.648   0.40 37.94  ?  41  GLU   A OE2 1 
ATOM   330  O OE2 B GLU   A 1 32  ? 1.149   -12.578 3.646   0.38 37.96  ?  41  GLU   A OE2 1 
ATOM   331  O OE2 C GLU   A 1 32  ? 1.034   -12.962 2.916   0.12 33.57  -1 41  GLU   A OE2 1 
ATOM   332  O OE2 D GLU   A 1 32  ? 1.031   -12.961 2.922   0.10 33.52  -1 41  GLU   A OE2 1 
ATOM   333  N N   A ALA   A 1 33  ? -0.605  -6.434  2.859   0.40 28.98  ?  42  ALA   A N   1 
ATOM   334  N N   B ALA   A 1 33  ? -0.605  -6.433  2.857   0.38 29.16  ?  42  ALA   A N   1 
ATOM   335  N N   C ALA   A 1 33  ? -0.537  -6.501  2.753   0.12 32.96  ?  42  ALA   A N   1 
ATOM   336  N N   D ALA   A 1 33  ? -0.539  -6.501  2.755   0.10 33.07  ?  42  ALA   A N   1 
ATOM   337  C CA  A ALA   A 1 33  ? -0.310  -4.993  2.688   0.40 30.55  ?  42  ALA   A CA  1 
ATOM   338  C CA  B ALA   A 1 33  ? -0.309  -4.992  2.687   0.38 30.64  ?  42  ALA   A CA  1 
ATOM   339  C CA  C ALA   A 1 33  ? -0.251  -5.049  2.651   0.12 33.71  ?  42  ALA   A CA  1 
ATOM   340  C CA  D ALA   A 1 33  ? -0.253  -5.050  2.651   0.10 33.77  ?  42  ALA   A CA  1 
ATOM   341  C C   A ALA   A 1 33  ? 0.160   -4.427  4.033   0.40 32.36  ?  42  ALA   A C   1 
ATOM   342  C C   B ALA   A 1 33  ? 0.161   -4.427  4.033   0.38 32.39  ?  42  ALA   A C   1 
ATOM   343  C C   C ALA   A 1 33  ? 0.251   -4.542  4.008   0.12 34.37  ?  42  ALA   A C   1 
ATOM   344  C C   D ALA   A 1 33  ? 0.249   -4.540  4.008   0.10 34.40  ?  42  ALA   A C   1 
ATOM   345  O O   A ALA   A 1 33  ? 1.213   -3.746  4.067   0.40 32.25  ?  42  ALA   A O   1 
ATOM   346  O O   B ALA   A 1 33  ? 1.214   -3.747  4.068   0.38 32.26  ?  42  ALA   A O   1 
ATOM   347  O O   C ALA   A 1 33  ? 1.345   -3.944  4.049   0.12 33.38  ?  42  ALA   A O   1 
ATOM   348  O O   D ALA   A 1 33  ? 1.342   -3.938  4.048   0.10 33.43  ?  42  ALA   A O   1 
ATOM   349  C CB  A ALA   A 1 33  ? -1.507  -4.264  2.142   0.40 29.89  ?  42  ALA   A CB  1 
ATOM   350  C CB  B ALA   A 1 33  ? -1.508  -4.262  2.142   0.38 29.95  ?  42  ALA   A CB  1 
ATOM   351  C CB  C ALA   A 1 33  ? -1.476  -4.299  2.190   0.12 33.47  ?  42  ALA   A CB  1 
ATOM   352  C CB  D ALA   A 1 33  ? -1.478  -4.299  2.189   0.10 33.54  ?  42  ALA   A CB  1 
ATOM   353  N N   A ARG   A 1 34  ? -0.559  -4.756  5.108   0.40 34.23  ?  43  ARG   A N   1 
ATOM   354  N N   B ARG   A 1 34  ? -0.560  -4.754  5.107   0.38 34.25  ?  43  ARG   A N   1 
ATOM   355  N N   C ARG   A 1 34  ? -0.501  -4.818  5.079   0.12 35.57  ?  43  ARG   A N   1 
ATOM   356  N N   D ARG   A 1 34  ? -0.501  -4.818  5.079   0.10 35.60  ?  43  ARG   A N   1 
ATOM   357  C CA  A ARG   A 1 34  ? -0.256  -4.278  6.483   0.40 36.43  ?  43  ARG   A CA  1 
ATOM   358  C CA  B ARG   A 1 34  ? -0.256  -4.278  6.483   0.38 36.45  ?  43  ARG   A CA  1 
ATOM   359  C CA  C ARG   A 1 34  ? -0.199  -4.360  6.463   0.12 36.87  ?  43  ARG   A CA  1 
ATOM   360  C CA  D ARG   A 1 34  ? -0.199  -4.359  6.464   0.10 36.88  ?  43  ARG   A CA  1 
ATOM   361  C C   A ARG   A 1 34  ? 1.106   -4.831  6.909   0.40 36.79  ?  43  ARG   A C   1 
ATOM   362  C C   B ARG   A 1 34  ? 1.106   -4.829  6.908   0.38 36.79  ?  43  ARG   A C   1 
ATOM   363  C C   C ARG   A 1 34  ? 1.166   -4.909  6.902   0.12 37.04  ?  43  ARG   A C   1 
ATOM   364  C C   D ARG   A 1 34  ? 1.164   -4.908  6.904   0.10 37.02  ?  43  ARG   A C   1 
ATOM   365  O O   A ARG   A 1 34  ? 1.956   -4.035  7.372   0.40 34.86  ?  43  ARG   A O   1 
ATOM   366  O O   B ARG   A 1 34  ? 1.957   -4.032  7.368   0.38 34.92  ?  43  ARG   A O   1 
ATOM   367  O O   C ARG   A 1 34  ? 2.000   -4.104  7.377   0.12 36.19  ?  43  ARG   A O   1 
ATOM   368  O O   D ARG   A 1 34  ? 1.997   -4.103  7.381   0.10 36.20  ?  43  ARG   A O   1 
ATOM   369  C CB  A ARG   A 1 34  ? -1.380  -4.675  7.445   0.40 38.37  ?  43  ARG   A CB  1 
ATOM   370  C CB  B ARG   A 1 34  ? -1.379  -4.677  7.443   0.38 38.39  ?  43  ARG   A CB  1 
ATOM   371  C CB  C ARG   A 1 34  ? -1.321  -4.766  7.423   0.12 37.94  ?  43  ARG   A CB  1 
ATOM   372  C CB  D ARG   A 1 34  ? -1.321  -4.766  7.424   0.10 37.95  ?  43  ARG   A CB  1 
ATOM   373  C CG  A ARG   A 1 34  ? -2.657  -3.877  7.240   0.40 41.45  ?  43  ARG   A CG  1 
ATOM   374  C CG  B ARG   A 1 34  ? -2.657  -3.877  7.241   0.38 41.45  ?  43  ARG   A CG  1 
ATOM   375  C CG  C ARG   A 1 34  ? -2.566  -3.900  7.303   0.12 39.15  ?  43  ARG   A CG  1 
ATOM   376  C CG  D ARG   A 1 34  ? -2.566  -3.900  7.303   0.10 39.13  ?  43  ARG   A CG  1 
ATOM   377  C CD  A ARG   A 1 34  ? -3.625  -4.023  8.400   0.40 45.40  ?  43  ARG   A CD  1 
ATOM   378  C CD  B ARG   A 1 34  ? -3.625  -4.024  8.400   0.38 45.34  ?  43  ARG   A CD  1 
ATOM   379  C CD  C ARG   A 1 34  ? -3.403  -3.891  8.567   0.12 40.51  ?  43  ARG   A CD  1 
ATOM   380  C CD  D ARG   A 1 34  ? -3.405  -3.891  8.567   0.10 40.45  ?  43  ARG   A CD  1 
ATOM   381  N NE  A ARG   A 1 34  ? -4.684  -3.024  8.324   0.40 46.04  ?  43  ARG   A NE  1 
ATOM   382  N NE  B ARG   A 1 34  ? -4.684  -3.025  8.324   0.38 46.04  ?  43  ARG   A NE  1 
ATOM   383  N NE  C ARG   A 1 34  ? -4.555  -3.008  8.426   0.12 40.67  ?  43  ARG   A NE  1 
ATOM   384  N NE  D ARG   A 1 34  ? -4.555  -3.009  8.428   0.10 40.67  ?  43  ARG   A NE  1 
ATOM   385  C CZ  A ARG   A 1 34  ? -5.874  -3.202  7.753   0.40 51.21  ?  43  ARG   A CZ  1 
ATOM   386  C CZ  B ARG   A 1 34  ? -5.874  -3.203  7.753   0.38 51.12  ?  43  ARG   A CZ  1 
ATOM   387  C CZ  C ARG   A 1 34  ? -5.695  -3.328  7.820   0.12 42.12  ?  43  ARG   A CZ  1 
ATOM   388  C CZ  D ARG   A 1 34  ? -5.696  -3.328  7.821   0.10 42.04  ?  43  ARG   A CZ  1 
ATOM   389  N NH1 A ARG   A 1 34  ? -6.197  -4.360  7.196   0.40 51.58  ?  43  ARG   A NH1 1 
ATOM   390  N NH1 B ARG   A 1 34  ? -6.197  -4.360  7.196   0.38 51.50  ?  43  ARG   A NH1 1 
ATOM   391  N NH1 C ARG   A 1 34  ? -5.863  -4.526  7.285   0.12 42.12  1  43  ARG   A NH1 1 
ATOM   392  N NH1 D ARG   A 1 34  ? -5.863  -4.527  7.284   0.10 42.06  1  43  ARG   A NH1 1 
ATOM   393  N NH2 A ARG   A 1 34  ? -6.748  -2.212  7.742   0.40 54.06  ?  43  ARG   A NH2 1 
ATOM   394  N NH2 B ARG   A 1 34  ? -6.748  -2.213  7.743   0.38 53.92  ?  43  ARG   A NH2 1 
ATOM   395  N NH2 C ARG   A 1 34  ? -6.673  -2.441  7.750   0.12 42.62  ?  43  ARG   A NH2 1 
ATOM   396  N NH2 D ARG   A 1 34  ? -6.673  -2.441  7.751   0.10 42.52  ?  43  ARG   A NH2 1 
ATOM   397  N N   A GLN   A 1 35  ? 1.348   -6.127  6.692   0.40 34.97  ?  44  GLN   A N   1 
ATOM   398  N N   B GLN   A 1 35  ? 1.348   -6.126  6.692   0.38 35.04  ?  44  GLN   A N   1 
ATOM   399  N N   C GLN   A 1 35  ? 1.397   -6.213  6.722   0.12 36.52  ?  44  GLN   A N   1 
ATOM   400  N N   D GLN   A 1 35  ? 1.396   -6.212  6.723   0.10 36.57  ?  44  GLN   A N   1 
ATOM   401  C CA  A GLN   A 1 35  ? 2.654   -6.742  7.042   0.40 37.20  ?  44  GLN   A CA  1 
ATOM   402  C CA  B GLN   A 1 35  ? 2.655   -6.741  7.042   0.38 37.24  ?  44  GLN   A CA  1 
ATOM   403  C CA  C GLN   A 1 35  ? 2.689   -6.878  7.045   0.12 37.07  ?  44  GLN   A CA  1 
ATOM   404  C CA  D GLN   A 1 35  ? 2.689   -6.878  7.045   0.10 37.10  ?  44  GLN   A CA  1 
ATOM   405  C C   A GLN   A 1 35  ? 3.794   -6.028  6.290   0.40 36.45  ?  44  GLN   A C   1 
ATOM   406  C C   B GLN   A 1 35  ? 3.794   -6.028  6.290   0.38 36.44  ?  44  GLN   A C   1 
ATOM   407  C C   C GLN   A 1 35  ? 3.836   -6.159  6.319   0.12 36.26  ?  44  GLN   A C   1 
ATOM   408  C C   D GLN   A 1 35  ? 3.836   -6.158  6.320   0.10 36.25  ?  44  GLN   A C   1 
ATOM   409  O O   A GLN   A 1 35  ? 4.815   -5.707  6.928   0.40 35.44  ?  44  GLN   A O   1 
ATOM   410  O O   B GLN   A 1 35  ? 4.815   -5.707  6.929   0.38 35.41  ?  44  GLN   A O   1 
ATOM   411  O O   C GLN   A 1 35  ? 4.868   -5.896  6.964   0.12 35.29  ?  44  GLN   A O   1 
ATOM   412  O O   D GLN   A 1 35  ? 4.868   -5.894  6.966   0.10 35.29  ?  44  GLN   A O   1 
ATOM   413  C CB  A GLN   A 1 35  ? 2.657   -8.235  6.742   0.40 40.43  ?  44  GLN   A CB  1 
ATOM   414  C CB  B GLN   A 1 35  ? 2.658   -8.235  6.742   0.38 40.48  ?  44  GLN   A CB  1 
ATOM   415  C CB  C GLN   A 1 35  ? 2.656   -8.354  6.649   0.12 38.67  ?  44  GLN   A CB  1 
ATOM   416  C CB  D GLN   A 1 35  ? 2.656   -8.354  6.649   0.10 38.67  ?  44  GLN   A CB  1 
ATOM   417  C CG  A GLN   A 1 35  ? 3.837   -8.953  7.377   0.40 46.64  ?  44  GLN   A CG  1 
ATOM   418  C CG  B GLN   A 1 35  ? 3.835   -8.953  7.377   0.38 46.60  ?  44  GLN   A CG  1 
ATOM   419  C CG  C GLN   A 1 35  ? 3.890   -9.132  7.088   0.12 40.42  ?  44  GLN   A CG  1 
ATOM   420  C CG  D GLN   A 1 35  ? 3.888   -9.133  7.089   0.10 40.36  ?  44  GLN   A CG  1 
ATOM   421  C CD  A GLN   A 1 35  ? 3.716   -8.958  8.885   0.40 54.69  ?  44  GLN   A CD  1 
ATOM   422  C CD  B GLN   A 1 35  ? 3.715   -8.959  8.885   0.38 54.48  ?  44  GLN   A CD  1 
ATOM   423  C CD  C GLN   A 1 35  ? 3.825   -9.531  8.543   0.12 42.68  ?  44  GLN   A CD  1 
ATOM   424  C CD  D GLN   A 1 35  ? 3.822   -9.530  8.544   0.10 42.50  ?  44  GLN   A CD  1 
ATOM   425  O OE1 A GLN   A 1 35  ? 2.714   -9.418  9.441   0.40 57.79  ?  44  GLN   A OE1 1 
ATOM   426  O OE1 B GLN   A 1 35  ? 2.714   -9.418  9.441   0.38 57.60  ?  44  GLN   A OE1 1 
ATOM   427  O OE1 C GLN   A 1 35  ? 2.997   -10.351 8.941   0.12 42.37  ?  44  GLN   A OE1 1 
ATOM   428  O OE1 D GLN   A 1 35  ? 2.991   -10.345 8.942   0.10 42.26  ?  44  GLN   A OE1 1 
ATOM   429  N NE2 A GLN   A 1 35  ? 4.731   -8.433  9.560   0.40 51.97  ?  44  GLN   A NE2 1 
ATOM   430  N NE2 B GLN   A 1 35  ? 4.731   -8.434  9.560   0.38 51.92  ?  44  GLN   A NE2 1 
ATOM   431  N NE2 C GLN   A 1 35  ? 4.703   -8.955  9.352   0.12 42.81  ?  44  GLN   A NE2 1 
ATOM   432  N NE2 D GLN   A 1 35  ? 4.702   -8.956  9.354   0.10 42.67  ?  44  GLN   A NE2 1 
ATOM   433  N N   A HIS   A 1 36  ? 3.638   -5.775  4.988   0.40 34.18  ?  45  HIS   A N   1 
ATOM   434  N N   B HIS   A 1 36  ? 3.638   -5.775  4.988   0.38 34.19  ?  45  HIS   A N   1 
ATOM   435  N N   C HIS   A 1 36  ? 3.657   -5.858  5.028   0.12 34.93  ?  45  HIS   A N   1 
ATOM   436  N N   D HIS   A 1 36  ? 3.657   -5.857  5.028   0.10 34.94  ?  45  HIS   A N   1 
ATOM   437  C CA  A HIS   A 1 36  ? 4.681   -5.120  4.139   0.40 33.46  ?  45  HIS   A CA  1 
ATOM   438  C CA  B HIS   A 1 36  ? 4.681   -5.122  4.139   0.38 33.48  ?  45  HIS   A CA  1 
ATOM   439  C CA  C HIS   A 1 36  ? 4.692   -5.263  4.133   0.12 34.51  ?  45  HIS   A CA  1 
ATOM   440  C CA  D HIS   A 1 36  ? 4.692   -5.263  4.133   0.10 34.50  ?  45  HIS   A CA  1 
ATOM   441  C C   A HIS   A 1 36  ? 4.873   -3.664  4.585   0.40 31.49  ?  45  HIS   A C   1 
ATOM   442  C C   B HIS   A 1 36  ? 4.873   -3.666  4.585   0.38 31.56  ?  45  HIS   A C   1 
ATOM   443  C C   C HIS   A 1 36  ? 5.070   -3.848  4.597   0.12 33.61  ?  45  HIS   A C   1 
ATOM   444  C C   D HIS   A 1 36  ? 5.069   -3.847  4.595   0.10 33.63  ?  45  HIS   A C   1 
ATOM   445  O O   A HIS   A 1 36  ? 6.045   -3.206  4.664   0.40 34.74  ?  45  HIS   A O   1 
ATOM   446  O O   B HIS   A 1 36  ? 6.045   -3.207  4.663   0.38 34.71  ?  45  HIS   A O   1 
ATOM   447  O O   C HIS   A 1 36  ? 6.285   -3.543  4.612   0.12 34.39  ?  45  HIS   A O   1 
ATOM   448  O O   D HIS   A 1 36  ? 6.283   -3.540  4.604   0.10 34.33  ?  45  HIS   A O   1 
ATOM   449  C CB  A HIS   A 1 36  ? 4.334   -5.235  2.644   0.40 30.70  ?  45  HIS   A CB  1 
ATOM   450  C CB  B HIS   A 1 36  ? 4.334   -5.236  2.644   0.38 30.79  ?  45  HIS   A CB  1 
ATOM   451  C CB  C HIS   A 1 36  ? 4.224   -5.286  2.668   0.12 33.58  ?  45  HIS   A CB  1 
ATOM   452  C CB  D HIS   A 1 36  ? 4.224   -5.288  2.668   0.10 33.66  ?  45  HIS   A CB  1 
ATOM   453  C CG  A HIS   A 1 36  ? 4.649   -6.570  2.057   0.40 33.70  ?  45  HIS   A CG  1 
ATOM   454  C CG  B HIS   A 1 36  ? 4.649   -6.571  2.057   0.38 33.70  ?  45  HIS   A CG  1 
ATOM   455  C CG  C HIS   A 1 36  ? 4.593   -6.535  1.942   0.12 34.36  ?  45  HIS   A CG  1 
ATOM   456  C CG  D HIS   A 1 36  ? 4.594   -6.538  1.944   0.10 34.36  ?  45  HIS   A CG  1 
ATOM   457  N ND1 A HIS   A 1 36  ? 3.815   -7.666  2.210   0.40 34.47  ?  45  HIS   A ND1 1 
ATOM   458  N ND1 B HIS   A 1 36  ? 3.815   -7.667  2.211   0.38 34.45  ?  45  HIS   A ND1 1 
ATOM   459  N ND1 C HIS   A 1 36  ? 3.714   -7.591  1.779   0.12 34.32  ?  45  HIS   A ND1 1 
ATOM   460  N ND1 D HIS   A 1 36  ? 3.716   -7.594  1.783   0.10 34.32  ?  45  HIS   A ND1 1 
ATOM   461  C CD2 A HIS   A 1 36  ? 5.693   -6.999  1.312   0.40 34.24  ?  45  HIS   A CD2 1 
ATOM   462  C CD2 B HIS   A 1 36  ? 5.693   -6.999  1.312   0.38 34.23  ?  45  HIS   A CD2 1 
ATOM   463  C CD2 C HIS   A 1 36  ? 5.740   -6.906  1.332   0.12 34.39  ?  45  HIS   A CD2 1 
ATOM   464  C CD2 D HIS   A 1 36  ? 5.741   -6.909  1.334   0.10 34.39  ?  45  HIS   A CD2 1 
ATOM   465  C CE1 A HIS   A 1 36  ? 4.344   -8.710  1.597   0.40 35.68  ?  45  HIS   A CE1 1 
ATOM   466  C CE1 B HIS   A 1 36  ? 4.344   -8.709  1.596   0.38 35.66  ?  45  HIS   A CE1 1 
ATOM   467  C CE1 C HIS   A 1 36  ? 4.309   -8.554  1.102   0.12 34.80  ?  45  HIS   A CE1 1 
ATOM   468  C CE1 D HIS   A 1 36  ? 4.311   -8.557  1.106   0.10 34.77  ?  45  HIS   A CE1 1 
ATOM   469  N NE2 A HIS   A 1 36  ? 5.480   -8.323  1.024   0.40 34.81  ?  45  HIS   A NE2 1 
ATOM   470  N NE2 B HIS   A 1 36  ? 5.480   -8.323  1.023   0.38 34.81  ?  45  HIS   A NE2 1 
ATOM   471  N NE2 C HIS   A 1 36  ? 5.548   -8.157  0.812   0.12 34.59  ?  45  HIS   A NE2 1 
ATOM   472  N NE2 D HIS   A 1 36  ? 5.551   -8.160  0.818   0.10 34.57  ?  45  HIS   A NE2 1 
ATOM   473  N N   A LEU   A 1 37  ? 3.778   -2.974  4.900   0.40 31.40  ?  46  LEU   A N   1 
ATOM   474  N N   B LEU   A 1 37  ? 3.780   -2.974  4.900   0.38 31.48  ?  46  LEU   A N   1 
ATOM   475  N N   C LEU   A 1 37  ? 4.083   -3.028  4.974   0.12 32.38  ?  46  LEU   A N   1 
ATOM   476  N N   D LEU   A 1 37  ? 4.082   -3.029  4.976   0.10 32.45  ?  46  LEU   A N   1 
ATOM   477  C CA  A LEU   A 1 37  ? 3.828   -1.578  5.416   0.40 35.66  ?  46  LEU   A CA  1 
ATOM   478  C CA  B LEU   A 1 37  ? 3.828   -1.578  5.416   0.38 35.66  ?  46  LEU   A CA  1 
ATOM   479  C CA  C LEU   A 1 37  ? 4.254   -1.585  5.314   0.12 33.09  ?  46  LEU   A CA  1 
ATOM   480  C CA  D LEU   A 1 37  ? 4.253   -1.585  5.316   0.10 33.06  ?  46  LEU   A CA  1 
ATOM   481  C C   A LEU   A 1 37  ? 4.618   -1.546  6.731   0.40 36.96  ?  46  LEU   A C   1 
ATOM   482  C C   B LEU   A 1 37  ? 4.619   -1.546  6.730   0.38 36.99  ?  46  LEU   A C   1 
ATOM   483  C C   C LEU   A 1 37  ? 5.294   -1.401  6.425   0.12 32.66  ?  46  LEU   A C   1 
ATOM   484  C C   D LEU   A 1 37  ? 5.292   -1.401  6.427   0.10 32.65  ?  46  LEU   A C   1 
ATOM   485  O O   A LEU   A 1 37  ? 5.484   -0.660  6.885   0.40 39.13  ?  46  LEU   A O   1 
ATOM   486  O O   B LEU   A 1 37  ? 5.486   -0.660  6.884   0.38 39.07  ?  46  LEU   A O   1 
ATOM   487  O O   C LEU   A 1 37  ? 6.269   -0.661  6.195   0.12 32.59  ?  46  LEU   A O   1 
ATOM   488  O O   D LEU   A 1 37  ? 6.270   -0.664  6.195   0.10 32.57  ?  46  LEU   A O   1 
ATOM   489  C CB  A LEU   A 1 37  ? 2.405   -1.041  5.586   0.40 34.52  ?  46  LEU   A CB  1 
ATOM   490  C CB  B LEU   A 1 37  ? 2.406   -1.042  5.585   0.38 34.54  ?  46  LEU   A CB  1 
ATOM   491  C CB  C LEU   A 1 37  ? 2.902   -1.017  5.747   0.12 32.40  ?  46  LEU   A CB  1 
ATOM   492  C CB  D LEU   A 1 37  ? 2.900   -1.017  5.746   0.10 32.43  ?  46  LEU   A CB  1 
ATOM   493  C CG  A LEU   A 1 37  ? 1.725   -0.581  4.298   0.40 34.45  ?  46  LEU   A CG  1 
ATOM   494  C CG  B LEU   A 1 37  ? 1.725   -0.583  4.298   0.38 34.47  ?  46  LEU   A CG  1 
ATOM   495  C CG  C LEU   A 1 37  ? 1.928   -0.790  4.594   0.12 32.00  ?  46  LEU   A CG  1 
ATOM   496  C CG  D LEU   A 1 37  ? 1.927   -0.789  4.594   0.10 32.05  ?  46  LEU   A CG  1 
ATOM   497  C CD1 A LEU   A 1 37  ? 0.226   -0.407  4.501   0.40 35.19  ?  46  LEU   A CD1 1 
ATOM   498  C CD1 B LEU   A 1 37  ? 0.226   -0.407  4.502   0.38 35.18  ?  46  LEU   A CD1 1 
ATOM   499  C CD1 C LEU   A 1 37  ? 0.488   -0.790  5.075   0.12 32.21  ?  46  LEU   A CD1 1 
ATOM   500  C CD1 D LEU   A 1 37  ? 0.488   -0.789  5.074   0.10 32.24  ?  46  LEU   A CD1 1 
ATOM   501  C CD2 A LEU   A 1 37  ? 2.350   0.704   3.762   0.40 34.83  ?  46  LEU   A CD2 1 
ATOM   502  C CD2 B LEU   A 1 37  ? 2.349   0.705   3.763   0.38 34.84  ?  46  LEU   A CD2 1 
ATOM   503  C CD2 C LEU   A 1 37  ? 2.256   0.504   3.865   0.12 32.40  ?  46  LEU   A CD2 1 
ATOM   504  C CD2 D LEU   A 1 37  ? 2.256   0.505   3.865   0.10 32.41  ?  46  LEU   A CD2 1 
ATOM   505  N N   A LYS   A 1 38  ? 4.346   -2.487  7.631   0.40 40.67  ?  47  LYS   A N   1 
ATOM   506  N N   B LYS   A 1 38  ? 4.348   -2.487  7.630   0.38 40.69  ?  47  LYS   A N   1 
ATOM   507  N N   C LYS   A 1 38  ? 5.144   -3.000  7.895   0.12 15.19  ?  47  LYS   A N   1 
ATOM   508  N N   D LYS   A 1 38  ? 5.144   -3.003  7.901   0.10 15.20  ?  47  LYS   A N   1 
ATOM   509  C CA  A LYS   A 1 38  ? 5.068   -2.632  8.927   0.40 42.79  ?  47  LYS   A CA  1 
ATOM   510  C CA  B LYS   A 1 38  ? 5.069   -2.632  8.926   0.38 42.83  ?  47  LYS   A CA  1 
ATOM   511  C CA  C LYS   A 1 38  ? 6.099   -3.019  9.026   0.12 15.06  ?  47  LYS   A CA  1 
ATOM   512  C CA  D LYS   A 1 38  ? 6.097   -3.020  9.034   0.10 15.08  ?  47  LYS   A CA  1 
ATOM   513  C C   A LYS   A 1 38  ? 6.566   -2.935  8.695   0.40 42.43  ?  47  LYS   A C   1 
ATOM   514  C C   B LYS   A 1 38  ? 6.567   -2.936  8.695   0.38 42.43  ?  47  LYS   A C   1 
ATOM   515  C C   C LYS   A 1 38  ? 7.539   -3.044  8.502   0.12 15.79  ?  47  LYS   A C   1 
ATOM   516  C C   D LYS   A 1 38  ? 7.539   -3.039  8.513   0.10 15.81  ?  47  LYS   A C   1 
ATOM   517  O O   A LYS   A 1 38  ? 7.368   -2.365  9.471   0.40 36.15  ?  47  LYS   A O   1 
ATOM   518  O O   B LYS   A 1 38  ? 7.369   -2.366  9.470   0.38 36.32  ?  47  LYS   A O   1 
ATOM   519  O O   C LYS   A 1 38  ? 8.465   -2.308  8.870   0.12 16.65  ?  47  LYS   A O   1 
ATOM   520  O O   D LYS   A 1 38  ? 8.462   -2.301  8.879   0.10 16.69  ?  47  LYS   A O   1 
ATOM   521  C CB  A LYS   A 1 38  ? 4.388   -3.713  9.774   0.40 47.66  ?  47  LYS   A CB  1 
ATOM   522  C CB  B LYS   A 1 38  ? 4.389   -3.713  9.774   0.38 47.67  ?  47  LYS   A CB  1 
ATOM   523  C CB  C LYS   A 1 38  ? 5.800   -4.219  9.882   0.12 15.01  ?  47  LYS   A CB  1 
ATOM   524  C CB  D LYS   A 1 38  ? 5.801   -4.221  9.889   0.10 15.00  ?  47  LYS   A CB  1 
ATOM   525  C CG  A LYS   A 1 38  ? 5.049   -4.007  11.120  0.40 54.60  ?  47  LYS   A CG  1 
ATOM   526  C CG  B LYS   A 1 38  ? 5.050   -4.007  11.120  0.38 54.52  ?  47  LYS   A CG  1 
ATOM   527  C CD  A LYS   A 1 38  ? 5.452   -5.462  11.279  0.40 58.96  ?  47  LYS   A CD  1 
ATOM   528  C CD  B LYS   A 1 38  ? 5.452   -5.463  11.279  0.38 58.86  ?  47  LYS   A CD  1 
ATOM   529  C CE  A LYS   A 1 38  ? 6.387   -5.714  12.443  0.40 63.41  ?  47  LYS   A CE  1 
ATOM   530  C CE  B LYS   A 1 38  ? 6.388   -5.715  12.444  0.38 63.25  ?  47  LYS   A CE  1 
ATOM   531  N NZ  A LYS   A 1 38  ? 5.687   -6.377  13.567  0.40 65.25  ?  47  LYS   A NZ  1 
ATOM   532  N NZ  B LYS   A 1 38  ? 5.687   -6.376  13.568  0.38 65.08  ?  47  LYS   A NZ  1 
ATOM   533  N N   A ASP   A 1 39  ? 6.924   -3.785  7.704   0.40 39.07  ?  48  ASP   A N   1 
ATOM   534  N N   B ASP   A 1 39  ? 6.924   -3.785  7.704   0.38 39.14  ?  48  ASP   A N   1 
ATOM   535  N N   C ASP   A 1 39  ? 7.155   -4.583  7.031   0.12 36.18  ?  48  ASP   A N   1 
ATOM   536  N N   D ASP   A 1 39  ? 7.154   -4.582  7.032   0.10 36.24  ?  48  ASP   A N   1 
ATOM   537  C CA  A ASP   A 1 39  ? 8.291   -4.355  7.450   0.40 41.26  ?  48  ASP   A CA  1 
ATOM   538  C CA  B ASP   A 1 39  ? 8.291   -4.355  7.450   0.38 41.26  ?  48  ASP   A CA  1 
ATOM   539  C CA  C ASP   A 1 39  ? 8.633   -4.755  6.935   0.12 37.27  ?  48  ASP   A CA  1 
ATOM   540  C CA  D ASP   A 1 39  ? 8.634   -4.754  6.937   0.10 37.29  ?  48  ASP   A CA  1 
ATOM   541  C C   A ASP   A 1 39  ? 9.142   -3.491  6.496   0.40 38.58  ?  48  ASP   A C   1 
ATOM   542  C C   B ASP   A 1 39  ? 9.142   -3.491  6.496   0.38 38.61  ?  48  ASP   A C   1 
ATOM   543  C C   C ASP   A 1 39  ? 9.268   -3.543  6.226   0.12 36.89  ?  48  ASP   A C   1 
ATOM   544  C C   D ASP   A 1 39  ? 9.270   -3.542  6.229   0.10 36.92  ?  48  ASP   A C   1 
ATOM   545  O O   A ASP   A 1 39  ? 10.293  -3.858  6.220   0.40 39.53  ?  48  ASP   A O   1 
ATOM   546  O O   B ASP   A 1 39  ? 10.293  -3.858  6.220   0.38 39.52  ?  48  ASP   A O   1 
ATOM   547  O O   C ASP   A 1 39  ? 10.471  -3.656  5.906   0.12 36.56  ?  48  ASP   A O   1 
ATOM   548  O O   D ASP   A 1 39  ? 10.474  -3.654  5.915   0.10 36.61  ?  48  ASP   A O   1 
ATOM   549  C CB  A ASP   A 1 39  ? 8.214   -5.740  6.803   0.40 42.31  ?  48  ASP   A CB  1 
ATOM   550  C CB  B ASP   A 1 39  ? 8.214   -5.740  6.803   0.38 42.33  ?  48  ASP   A CB  1 
ATOM   551  C CB  C ASP   A 1 39  ? 8.958   -6.072  6.212   0.12 38.31  ?  48  ASP   A CB  1 
ATOM   552  C CB  D ASP   A 1 39  ? 8.957   -6.070  6.215   0.10 38.30  ?  48  ASP   A CB  1 
ATOM   553  C CG  A ASP   A 1 39  ? 7.606   -6.833  7.671   0.40 46.79  ?  48  ASP   A CG  1 
ATOM   554  C CG  B ASP   A 1 39  ? 7.605   -6.834  7.670   0.38 46.70  ?  48  ASP   A CG  1 
ATOM   555  C CG  C ASP   A 1 39  ? 8.160   -7.269  6.718   0.12 40.36  ?  48  ASP   A CG  1 
ATOM   556  C CG  D ASP   A 1 39  ? 8.160   -7.268  6.722   0.10 40.22  ?  48  ASP   A CG  1 
ATOM   557  O OD1 A ASP   A 1 39  ? 7.552   -6.653  8.899   0.40 47.04  ?  48  ASP   A OD1 1 
ATOM   558  O OD1 B ASP   A 1 39  ? 7.552   -6.654  8.900   0.38 46.96  ?  48  ASP   A OD1 1 
ATOM   559  O OD1 C ASP   A 1 39  ? 8.001   -7.386  7.955   0.12 39.85  ?  48  ASP   A OD1 1 
ATOM   560  O OD1 D ASP   A 1 39  ? 8.004   -7.386  7.958   0.10 39.80  ?  48  ASP   A OD1 1 
ATOM   561  O OD2 A ASP   A 1 39  ? 7.187   -7.864  7.097   0.40 49.67  ?  48  ASP   A OD2 1 
ATOM   562  O OD2 B ASP   A 1 39  ? 7.185   -7.864  7.098   0.38 49.55  ?  48  ASP   A OD2 1 
ATOM   563  O OD2 C ASP   A 1 39  ? 7.685   -8.067  5.867   0.12 41.51  -1 48  ASP   A OD2 1 
ATOM   564  O OD2 D ASP   A 1 39  ? 7.683   -8.063  5.873   0.10 41.35  -1 48  ASP   A OD2 1 
ATOM   565  N N   . GLY   A 1 40  ? 8.549   -2.429  5.967   1.00 37.80  ?  49  GLY   A N   1 
ATOM   566  C CA  . GLY   A 1 40  ? 9.151   -1.418  5.076   1.00 36.40  ?  49  GLY   A CA  1 
ATOM   567  C C   . GLY   A 1 40  ? 9.396   -1.986  3.684   1.00 34.50  ?  49  GLY   A C   1 
ATOM   568  O O   . GLY   A 1 40  ? 10.332  -1.541  3.014   1.00 30.45  ?  49  GLY   A O   1 
ATOM   569  N N   . THR   A 1 41  ? 8.592   -2.953  3.250   1.00 33.87  ?  50  THR   A N   1 
ATOM   570  C CA  . THR   A 1 41  ? 8.737   -3.643  1.938   1.00 33.07  ?  50  THR   A CA  1 
ATOM   571  C C   . THR   A 1 41  ? 7.469   -3.396  1.102   1.00 32.62  ?  50  THR   A C   1 
ATOM   572  O O   . THR   A 1 41  ? 7.039   -4.293  0.352   1.00 28.52  ?  50  THR   A O   1 
ATOM   573  C CB  . THR   A 1 41  ? 8.992   -5.133  2.175   1.00 34.92  ?  50  THR   A CB  1 
ATOM   574  O OG1 . THR   A 1 41  ? 7.903   -5.639  2.948   1.00 34.81  ?  50  THR   A OG1 1 
ATOM   575  C CG2 . THR   A 1 41  ? 10.300  -5.409  2.884   1.00 38.02  ?  50  THR   A CG2 1 
ATOM   576  N N   . CYS   A 1 42  ? 6.889   -2.204  1.195   1.00 29.99  ?  51  CYS   A N   1 
ATOM   577  C CA  . CYS   A 1 42  ? 5.628   -1.843  0.500   1.00 29.29  ?  51  CYS   A CA  1 
ATOM   578  C C   . CYS   A 1 42  ? 5.904   -0.649  -0.398  1.00 31.14  ?  51  CYS   A C   1 
ATOM   579  O O   . CYS   A 1 42  ? 6.481   0.377   0.104   1.00 30.72  ?  51  CYS   A O   1 
ATOM   580  C CB  . CYS   A 1 42  ? 4.513   -1.512  1.495   1.00 30.88  ?  51  CYS   A CB  1 
ATOM   581  S SG  . CYS   A 1 42  ? 2.881   -1.329  0.729   1.00 31.83  ?  51  CYS   A SG  1 
ATOM   582  N N   . GLY   A 1 43  ? 5.493   -0.747  -1.665  1.00 27.45  ?  52  GLY   A N   1 
ATOM   583  C CA  . GLY   A 1 43  ? 5.562   0.373   -2.605  1.00 26.17  ?  52  GLY   A CA  1 
ATOM   584  C C   . GLY   A 1 43  ? 4.173   0.880   -2.929  1.00 25.11  ?  52  GLY   A C   1 
ATOM   585  O O   . GLY   A 1 43  ? 3.183   0.212   -2.553  1.00 28.39  ?  52  GLY   A O   1 
ATOM   586  N N   . LEU   A 1 44  ? 4.134   2.014   -3.610  1.00 25.91  ?  53  LEU   A N   1 
ATOM   587  C CA  . LEU   A 1 44  ? 2.904   2.723   -4.019  1.00 29.75  ?  53  LEU   A CA  1 
ATOM   588  C C   . LEU   A 1 44  ? 2.995   2.973   -5.515  1.00 28.62  ?  53  LEU   A C   1 
ATOM   589  O O   . LEU   A 1 44  ? 3.960   3.528   -5.954  1.00 28.81  ?  53  LEU   A O   1 
ATOM   590  C CB  . LEU   A 1 44  ? 2.840   4.049   -3.249  1.00 31.43  ?  53  LEU   A CB  1 
ATOM   591  C CG  . LEU   A 1 44  ? 1.650   4.969   -3.501  1.00 34.62  ?  53  LEU   A CG  1 
ATOM   592  C CD1 . LEU   A 1 44  ? 0.380   4.339   -2.968  1.00 39.96  ?  53  LEU   A CD1 1 
ATOM   593  C CD2 . LEU   A 1 44  ? 1.887   6.291   -2.784  1.00 41.33  ?  53  LEU   A CD2 1 
ATOM   594  N N   . VAL   A 1 45  ? 1.935   2.671   -6.234  1.00 28.84  ?  54  VAL   A N   1 
ATOM   595  C CA  . VAL   A 1 45  ? 1.801   3.058   -7.655  1.00 27.41  ?  54  VAL   A CA  1 
ATOM   596  C C   . VAL   A 1 45  ? 0.659   4.062   -7.744  1.00 27.35  ?  54  VAL   A C   1 
ATOM   597  O O   . VAL   A 1 45  ? -0.422  3.765   -7.259  1.00 27.51  ?  54  VAL   A O   1 
ATOM   598  C CB  . VAL   A 1 45  ? 1.532   1.825   -8.528  1.00 25.45  ?  54  VAL   A CB  1 
ATOM   599  C CG1 . VAL   A 1 45  ? 1.452   2.228   -9.981  1.00 25.67  ?  54  VAL   A CG1 1 
ATOM   600  C CG2 . VAL   A 1 45  ? 2.587   0.764   -8.323  1.00 28.00  ?  54  VAL   A CG2 1 
ATOM   601  N N   . GLU   A 1 46  ? 0.924   5.211   -8.343  1.00 28.47  ?  55  GLU   A N   1 
ATOM   602  C CA  . GLU   A 1 46  ? -0.077  6.279   -8.542  1.00 30.81  ?  55  GLU   A CA  1 
ATOM   603  C C   . GLU   A 1 46  ? -1.044  5.828   -9.642  1.00 37.68  ?  55  GLU   A C   1 
ATOM   604  O O   . GLU   A 1 46  ? -0.600  5.295   -10.691 1.00 36.60  ?  55  GLU   A O   1 
ATOM   605  C CB  . GLU   A 1 46  ? 0.661   7.578   -8.818  1.00 36.89  ?  55  GLU   A CB  1 
ATOM   606  C CG  . GLU   A 1 46  ? 1.434   8.023   -7.588  1.00 37.99  ?  55  GLU   A CG  1 
ATOM   607  C CD  . GLU   A 1 46  ? 2.027   9.406   -7.674  1.00 41.33  ?  55  GLU   A CD  1 
ATOM   608  O OE1 . GLU   A 1 46  ? 2.468   9.809   -8.778  1.00 54.14  ?  55  GLU   A OE1 1 
ATOM   609  O OE2 . GLU   A 1 46  ? 2.017   10.075  -6.649  1.00 42.45  ?  55  GLU   A OE2 1 
ATOM   610  N N   . VAL   A 1 47  ? -2.338  5.977   -9.382  1.00 39.55  ?  56  VAL   A N   1 
ATOM   611  C CA  . VAL   A 1 47  ? -3.390  5.421   -10.277 1.00 46.43  ?  56  VAL   A CA  1 
ATOM   612  C C   . VAL   A 1 47  ? -3.660  6.458   -11.363 1.00 50.59  ?  56  VAL   A C   1 
ATOM   613  O O   . VAL   A 1 47  ? -3.987  7.601   -11.015 1.00 53.33  ?  56  VAL   A O   1 
ATOM   614  C CB  . VAL   A 1 47  ? -4.659  4.998   -9.519  1.00 45.23  ?  56  VAL   A CB  1 
ATOM   615  C CG1 . VAL   A 1 47  ? -5.730  4.461   -10.457 1.00 48.85  ?  56  VAL   A CG1 1 
ATOM   616  C CG2 . VAL   A 1 47  ? -4.351  3.974   -8.450  1.00 46.19  ?  56  VAL   A CG2 1 
ATOM   617  N N   . GLU   A 1 48  ? -3.420  6.064   -12.613 1.00 51.34  ?  57  GLU   A N   1 
ATOM   618  C CA  . GLU   A 1 48  ? -3.785  6.807   -13.839 1.00 55.83  ?  57  GLU   A CA  1 
ATOM   619  C C   . GLU   A 1 48  ? -4.385  5.814   -14.835 1.00 52.28  ?  57  GLU   A C   1 
ATOM   620  O O   . GLU   A 1 48  ? -4.407  4.596   -14.553 1.00 45.51  ?  57  GLU   A O   1 
ATOM   621  C CB  . GLU   A 1 48  ? -2.571  7.528   -14.421 1.00 63.19  ?  57  GLU   A CB  1 
ATOM   622  C CG  . GLU   A 1 48  ? -2.159  8.742   -13.604 1.00 76.96  ?  57  GLU   A CG  1 
ATOM   623  C CD  . GLU   A 1 48  ? -1.366  9.804   -14.353 1.00 89.52  ?  57  GLU   A CD  1 
ATOM   624  O OE1 . GLU   A 1 48  ? -0.839  9.497   -15.442 1.00 93.99  ?  57  GLU   A OE1 1 
ATOM   625  O OE2 . GLU   A 1 48  ? -1.288  10.945  -13.849 1.00 100.12 ?  57  GLU   A OE2 1 
ATOM   626  N N   . LYS   A 1 49  ? -4.902  6.353   -15.931 1.00 55.18  ?  58  LYS   A N   1 
ATOM   627  C CA  . LYS   A 1 49  ? -5.469  5.585   -17.064 1.00 60.31  ?  58  LYS   A CA  1 
ATOM   628  C C   . LYS   A 1 49  ? -4.498  4.450   -17.376 1.00 47.71  ?  58  LYS   A C   1 
ATOM   629  O O   . LYS   A 1 49  ? -3.303  4.735   -17.590 1.00 49.97  ?  58  LYS   A O   1 
ATOM   630  C CB  . LYS   A 1 49  ? -5.676  6.514   -18.265 1.00 65.10  ?  58  LYS   A CB  1 
ATOM   631  C CG  . LYS   A 1 49  ? -6.820  7.517   -18.129 1.00 73.43  ?  58  LYS   A CG  1 
ATOM   632  C CD  . LYS   A 1 49  ? -8.170  6.881   -17.854 1.00 82.08  ?  58  LYS   A CD  1 
ATOM   633  C CE  . LYS   A 1 49  ? -9.335  7.825   -18.089 1.00 85.47  ?  58  LYS   A CE  1 
ATOM   634  N NZ  . LYS   A 1 49  ? -9.296  8.987   -17.169 1.00 83.30  ?  58  LYS   A NZ  1 
ATOM   635  N N   . GLY   A 1 50  ? -4.982  3.216   -17.324 1.00 49.12  ?  59  GLY   A N   1 
ATOM   636  C CA  . GLY   A 1 50  ? -4.243  2.027   -17.788 1.00 49.21  ?  59  GLY   A CA  1 
ATOM   637  C C   . GLY   A 1 50  ? -3.417  1.339   -16.713 1.00 51.68  ?  59  GLY   A C   1 
ATOM   638  O O   . GLY   A 1 50  ? -2.865  0.242   -17.012 1.00 51.18  ?  59  GLY   A O   1 
ATOM   639  N N   . VAL   A 1 51  ? -3.302  1.922   -15.512 1.00 45.84  ?  60  VAL   A N   1 
ATOM   640  C CA  . VAL   A 1 51  ? -2.458  1.332   -14.426 1.00 39.37  ?  60  VAL   A CA  1 
ATOM   641  C C   . VAL   A 1 51  ? -3.121  0.089   -13.833 1.00 37.34  ?  60  VAL   A C   1 
ATOM   642  O O   . VAL   A 1 51  ? -2.434  -0.955  -13.690 1.00 37.25  ?  60  VAL   A O   1 
ATOM   643  C CB  . VAL   A 1 51  ? -2.186  2.360   -13.319 1.00 38.54  ?  60  VAL   A CB  1 
ATOM   644  C CG1 . VAL   A 1 51  ? -1.610  1.703   -12.084 1.00 38.38  ?  60  VAL   A CG1 1 
ATOM   645  C CG2 . VAL   A 1 51  ? -1.318  3.475   -13.847 1.00 37.49  ?  60  VAL   A CG2 1 
ATOM   646  N N   . LEU   A 1 52  ? -4.374  0.191   -13.395 1.00 34.57  ?  61  LEU   A N   1 
ATOM   647  C CA  . LEU   A 1 52  ? -4.988  -0.908  -12.623 1.00 33.05  ?  61  LEU   A CA  1 
ATOM   648  C C   . LEU   A 1 52  ? -5.073  -2.187  -13.443 1.00 33.59  ?  61  LEU   A C   1 
ATOM   649  O O   . LEU   A 1 52  ? -4.904  -3.265  -12.895 1.00 36.16  ?  61  LEU   A O   1 
ATOM   650  C CB  . LEU   A 1 52  ? -6.354  -0.461  -12.084 1.00 39.85  ?  61  LEU   A CB  1 
ATOM   651  C CG  . LEU   A 1 52  ? -6.303  0.510   -10.887 1.00 40.80  ?  61  LEU   A CG  1 
ATOM   652  C CD1 . LEU   A 1 52  ? -7.701  0.933   -10.470 1.00 42.00  ?  61  LEU   A CD1 1 
ATOM   653  C CD2 . LEU   A 1 52  ? -5.607  -0.134  -9.694  1.00 43.44  ?  61  LEU   A CD2 1 
ATOM   654  N N   . PRO   A 1 53  ? -5.359  -2.155  -14.766 1.00 37.67  ?  62  PRO   A N   1 
ATOM   655  C CA  . PRO   A 1 53  ? -5.404  -3.397  -15.543 1.00 34.96  ?  62  PRO   A CA  1 
ATOM   656  C C   . PRO   A 1 53  ? -4.029  -4.094  -15.645 1.00 34.56  ?  62  PRO   A C   1 
ATOM   657  O O   . PRO   A 1 53  ? -3.981  -5.292  -15.845 1.00 34.15  ?  62  PRO   A O   1 
ATOM   658  C CB  . PRO   A 1 53  ? -5.981  -2.945  -16.894 1.00 34.64  ?  62  PRO   A CB  1 
ATOM   659  C CG  . PRO   A 1 53  ? -6.669  -1.656  -16.603 1.00 36.81  ?  62  PRO   A CG  1 
ATOM   660  C CD  . PRO   A 1 53  ? -5.804  -0.983  -15.550 1.00 38.20  ?  62  PRO   A CD  1 
ATOM   661  N N   . GLN   A 1 54  ? -2.939  -3.368  -15.377 1.00 32.80  ?  63  GLN   A N   1 
ATOM   662  C CA  . GLN   A 1 54  ? -1.576  -3.931  -15.338 1.00 34.88  ?  63  GLN   A CA  1 
ATOM   663  C C   . GLN   A 1 54  ? -1.261  -4.538  -13.965 1.00 36.13  ?  63  GLN   A C   1 
ATOM   664  O O   . GLN   A 1 54  ? -0.195  -5.155  -13.847 1.00 36.10  ?  63  GLN   A O   1 
ATOM   665  C CB  . GLN   A 1 54  ? -0.569  -2.840  -15.692 1.00 36.73  ?  63  GLN   A CB  1 
ATOM   666  C CG  . GLN   A 1 54  ? -0.747  -2.308  -17.103 1.00 37.66  ?  63  GLN   A CG  1 
ATOM   667  C CD  . GLN   A 1 54  ? 0.406   -1.426  -17.504 1.00 41.37  ?  63  GLN   A CD  1 
ATOM   668  O OE1 . GLN   A 1 54  ? 1.528   -1.883  -17.699 1.00 44.54  ?  63  GLN   A OE1 1 
ATOM   669  N NE2 . GLN   A 1 54  ? 0.127   -0.147  -17.655 1.00 36.02  ?  63  GLN   A NE2 1 
ATOM   670  N N   . LEU   A 1 55  ? -2.109  -4.346  -12.947 1.00 35.73  ?  64  LEU   A N   1 
ATOM   671  C CA  . LEU   A 1 55  ? -1.899  -4.927  -11.593 1.00 33.84  ?  64  LEU   A CA  1 
ATOM   672  C C   . LEU   A 1 55  ? -2.915  -6.042  -11.345 1.00 34.68  ?  64  LEU   A C   1 
ATOM   673  O O   . LEU   A 1 55  ? -3.872  -6.131  -12.108 1.00 37.93  ?  64  LEU   A O   1 
ATOM   674  C CB  . LEU   A 1 55  ? -2.001  -3.815  -10.549 1.00 33.35  ?  64  LEU   A CB  1 
ATOM   675  C CG  . LEU   A 1 55  ? -0.922  -2.748  -10.699 1.00 35.71  ?  64  LEU   A CG  1 
ATOM   676  C CD1 . LEU   A 1 55  ? -1.149  -1.588  -9.752  1.00 33.52  ?  64  LEU   A CD1 1 
ATOM   677  C CD2 . LEU   A 1 55  ? 0.463   -3.362  -10.518 1.00 35.33  ?  64  LEU   A CD2 1 
ATOM   678  N N   . GLU   A 1 56  ? -2.678  -6.853  -10.320 1.00 33.44  ?  65  GLU   A N   1 
ATOM   679  C CA  . GLU   A 1 56  ? -3.498  -8.030  -9.965  1.00 33.50  ?  65  GLU   A CA  1 
ATOM   680  C C   . GLU   A 1 56  ? -4.512  -7.636  -8.891  1.00 37.98  ?  65  GLU   A C   1 
ATOM   681  O O   . GLU   A 1 56  ? -4.144  -7.052  -7.852  1.00 35.54  ?  65  GLU   A O   1 
ATOM   682  C CB  . GLU   A 1 56  ? -2.597  -9.169  -9.498  1.00 37.33  ?  65  GLU   A CB  1 
ATOM   683  C CG  . GLU   A 1 56  ? -1.676  -9.661  -10.600 1.00 39.30  ?  65  GLU   A CG  1 
ATOM   684  C CD  . GLU   A 1 56  ? -0.651  -10.682 -10.167 1.00 49.04  ?  65  GLU   A CD  1 
ATOM   685  O OE1 . GLU   A 1 56  ? -0.414  -10.777 -8.952  1.00 60.37  ?  65  GLU   A OE1 1 
ATOM   686  O OE2 . GLU   A 1 56  ? -0.080  -11.369 -11.052 1.00 55.65  ?  65  GLU   A OE2 1 
ATOM   687  N N   . GLN   A 1 57  ? -5.760  -8.004  -9.122  1.00 38.37  ?  66  GLN   A N   1 
ATOM   688  C CA  . GLN   A 1 57  ? -6.830  -7.946  -8.092  1.00 37.29  ?  66  GLN   A CA  1 
ATOM   689  C C   . GLN   A 1 57  ? -6.708  -9.128  -7.142  1.00 35.00  ?  66  GLN   A C   1 
ATOM   690  O O   . GLN   A 1 57  ? -6.197  -10.163 -7.525  1.00 35.03  ?  66  GLN   A O   1 
ATOM   691  C CB  . GLN   A 1 57  ? -8.178  -8.044  -8.775  1.00 40.07  ?  66  GLN   A CB  1 
ATOM   692  C CG  . GLN   A 1 57  ? -8.459  -6.891  -9.715  1.00 42.08  ?  66  GLN   A CG  1 
ATOM   693  C CD  . GLN   A 1 57  ? -9.933  -6.849  -10.024 1.00 48.71  ?  66  GLN   A CD  1 
ATOM   694  O OE1 . GLN   A 1 57  ? -10.759 -6.984  -9.129  1.00 44.17  ?  66  GLN   A OE1 1 
ATOM   695  N NE2 . GLN   A 1 57  ? -10.264 -6.687  -11.298 1.00 56.80  ?  66  GLN   A NE2 1 
ATOM   696  N N   . PRO   A 1 58  ? -7.170  -9.044  -5.878  1.00 31.12  ?  67  PRO   A N   1 
ATOM   697  C CA  . PRO   A 1 58  ? -7.717  -7.810  -5.312  1.00 36.86  ?  67  PRO   A CA  1 
ATOM   698  C C   . PRO   A 1 58  ? -6.651  -6.705  -5.181  1.00 34.11  ?  67  PRO   A C   1 
ATOM   699  O O   . PRO   A 1 58  ? -5.489  -7.067  -4.931  1.00 32.08  ?  67  PRO   A O   1 
ATOM   700  C CB  . PRO   A 1 58  ? -8.216  -8.226  -3.922  1.00 33.95  ?  67  PRO   A CB  1 
ATOM   701  C CG  . PRO   A 1 58  ? -8.299  -9.751  -3.968  1.00 37.84  ?  67  PRO   A CG  1 
ATOM   702  C CD  . PRO   A 1 58  ? -7.194  -10.155 -4.917  1.00 36.63  ?  67  PRO   A CD  1 
ATOM   703  N N   . TYR   A 1 59  ? -7.045  -5.449  -5.419  1.00 32.11  ?  68  TYR   A N   1 
ATOM   704  C CA  . TYR   A 1 59  ? -6.204  -4.235  -5.219  1.00 34.31  ?  68  TYR   A CA  1 
ATOM   705  C C   . TYR   A 1 59  ? -6.249  -3.787  -3.756  1.00 37.54  ?  68  TYR   A C   1 
ATOM   706  O O   . TYR   A 1 59  ? -7.316  -3.986  -3.082  1.00 32.66  ?  68  TYR   A O   1 
ATOM   707  C CB  . TYR   A 1 59  ? -6.677  -3.050  -6.046  1.00 36.36  ?  68  TYR   A CB  1 
ATOM   708  C CG  . TYR   A 1 59  ? -6.861  -3.324  -7.509  1.00 41.26  ?  68  TYR   A CG  1 
ATOM   709  C CD1 . TYR   A 1 59  ? -5.851  -3.911  -8.259  1.00 40.23  ?  68  TYR   A CD1 1 
ATOM   710  C CD2 . TYR   A 1 59  ? -8.035  -2.956  -8.152  1.00 44.81  ?  68  TYR   A CD2 1 
ATOM   711  C CE1 . TYR   A 1 59  ? -6.014  -4.159  -9.610  1.00 41.92  ?  68  TYR   A CE1 1 
ATOM   712  C CE2 . TYR   A 1 59  ? -8.203  -3.187  -9.509  1.00 47.82  ?  68  TYR   A CE2 1 
ATOM   713  C CZ  . TYR   A 1 59  ? -7.196  -3.806  -10.232 1.00 42.82  ?  68  TYR   A CZ  1 
ATOM   714  O OH  . TYR   A 1 59  ? -7.355  -4.043  -11.558 1.00 41.18  ?  68  TYR   A OH  1 
ATOM   715  N N   . VAL   A 1 60  ? -5.155  -3.188  -3.265  1.00 31.94  ?  69  VAL   A N   1 
ATOM   716  C CA  . VAL   A 1 60  ? -5.163  -2.489  -1.954  1.00 31.56  ?  69  VAL   A CA  1 
ATOM   717  C C   . VAL   A 1 60  ? -4.857  -1.034  -2.248  1.00 36.07  ?  69  VAL   A C   1 
ATOM   718  O O   . VAL   A 1 60  ? -3.772  -0.793  -2.815  1.00 33.36  ?  69  VAL   A O   1 
ATOM   719  C CB  . VAL   A 1 60  ? -4.167  -3.045  -0.935  1.00 34.10  ?  69  VAL   A CB  1 
ATOM   720  C CG1 . VAL   A 1 60  ? -4.198  -2.179  0.315   1.00 34.47  ?  69  VAL   A CG1 1 
ATOM   721  C CG2 . VAL   A 1 60  ? -4.423  -4.499  -0.587  1.00 35.56  ?  69  VAL   A CG2 1 
ATOM   722  N N   . PHE   A 1 61  ? -5.785  -0.123  -1.923  1.00 32.59  ?  70  PHE   A N   1 
ATOM   723  C CA  . PHE   A 1 61  ? -5.598  1.342   -2.085  1.00 35.11  ?  70  PHE   A CA  1 
ATOM   724  C C   . PHE   A 1 61  ? -5.197  1.923   -0.733  1.00 31.85  ?  70  PHE   A C   1 
ATOM   725  O O   . PHE   A 1 61  ? -5.648  1.394   0.297   1.00 34.38  ?  70  PHE   A O   1 
ATOM   726  C CB  . PHE   A 1 61  ? -6.868  2.016   -2.628  1.00 33.49  ?  70  PHE   A CB  1 
ATOM   727  C CG  . PHE   A 1 61  ? -7.297  1.525   -3.984  1.00 35.06  ?  70  PHE   A CG  1 
ATOM   728  C CD1 . PHE   A 1 61  ? -6.567  1.831   -5.118  1.00 35.49  ?  70  PHE   A CD1 1 
ATOM   729  C CD2 . PHE   A 1 61  ? -8.447  0.770   -4.136  1.00 35.30  ?  70  PHE   A CD2 1 
ATOM   730  C CE1 . PHE   A 1 61  ? -6.958  1.355   -6.364  1.00 39.49  ?  70  PHE   A CE1 1 
ATOM   731  C CE2 . PHE   A 1 61  ? -8.829  0.283   -5.377  1.00 36.77  ?  70  PHE   A CE2 1 
ATOM   732  C CZ  . PHE   A 1 61  ? -8.088  0.578   -6.496  1.00 34.19  ?  70  PHE   A CZ  1 
ATOM   733  N N   . ILE   A 1 62  ? -4.396  2.983   -0.747  1.00 32.27  ?  71  ILE   A N   1 
ATOM   734  C CA  . ILE   A 1 62  ? -4.367  3.964   0.358   1.00 36.35  ?  71  ILE   A CA  1 
ATOM   735  C C   . ILE   A 1 62  ? -5.226  5.143   -0.067  1.00 37.29  ?  71  ILE   A C   1 
ATOM   736  O O   . ILE   A 1 62  ? -5.078  5.668   -1.226  1.00 38.36  ?  71  ILE   A O   1 
ATOM   737  C CB  . ILE   A 1 62  ? -2.965  4.399   0.818   1.00 36.97  ?  71  ILE   A CB  1 
ATOM   738  C CG1 . ILE   A 1 62  ? -2.081  4.818   -0.351  1.00 40.35  ?  71  ILE   A CG1 1 
ATOM   739  C CG2 . ILE   A 1 62  ? -2.322  3.348   1.679   1.00 38.75  ?  71  ILE   A CG2 1 
ATOM   740  C CD1 . ILE   A 1 62  ? -0.898  5.652   0.108   1.00 42.25  ?  71  ILE   A CD1 1 
ATOM   741  N N   . LYS   A 1 63  ? -6.100  5.530   0.864   1.00 33.94  ?  72  LYS   A N   1 
ATOM   742  C CA  . LYS   A 1 63  ? -7.095  6.590   0.676   1.00 34.28  ?  72  LYS   A CA  1 
ATOM   743  C C   . LYS   A 1 63  ? -6.929  7.611   1.806   1.00 35.72  ?  72  LYS   A C   1 
ATOM   744  O O   . LYS   A 1 63  ? -6.574  7.221   2.901   1.00 36.52  ?  72  LYS   A O   1 
ATOM   745  C CB  . LYS   A 1 63  ? -8.474  5.936   0.613   1.00 36.23  ?  72  LYS   A CB  1 
ATOM   746  C CG  . LYS   A 1 63  ? -8.749  5.239   -0.712  1.00 42.88  ?  72  LYS   A CG  1 
ATOM   747  C CD  . LYS   A 1 63  ? -10.113 4.614   -0.794  1.00 47.62  ?  72  LYS   A CD  1 
ATOM   748  C CE  . LYS   A 1 63  ? -10.529 4.269   -2.208  1.00 52.53  ?  72  LYS   A CE  1 
ATOM   749  N NZ  . LYS   A 1 63  ? -10.566 5.468   -3.078  1.00 53.85  ?  72  LYS   A NZ  1 
ATOM   750  N N   . ARG   A 1 64  ? -7.050  8.888   1.486   1.00 40.79  ?  73  ARG   A N   1 
ATOM   751  C CA  . ARG   A 1 64  ? -6.870  9.993   2.455   1.00 46.56  ?  73  ARG   A CA  1 
ATOM   752  C C   . ARG   A 1 64  ? -8.020  9.903   3.454   1.00 43.46  ?  73  ARG   A C   1 
ATOM   753  O O   . ARG   A 1 64  ? -9.156  9.769   2.986   1.00 40.47  ?  73  ARG   A O   1 
ATOM   754  C CB  . ARG   A 1 64  ? -6.869  11.328  1.718   1.00 48.92  ?  73  ARG   A CB  1 
ATOM   755  C CG  . ARG   A 1 64  ? -6.469  12.481  2.619   1.00 56.84  ?  73  ARG   A CG  1 
ATOM   756  C CD  . ARG   A 1 64  ? -6.847  13.828  2.060   1.00 65.89  ?  73  ARG   A CD  1 
ATOM   757  N NE  . ARG   A 1 64  ? -5.874  14.823  2.483   1.00 73.57  ?  73  ARG   A NE  1 
ATOM   758  C CZ  . ARG   A 1 64  ? -4.846  15.241  1.750   1.00 77.44  ?  73  ARG   A CZ  1 
ATOM   759  N NH1 . ARG   A 1 64  ? -4.643  14.757  0.533   1.00 76.60  ?  73  ARG   A NH1 1 
ATOM   760  N NH2 . ARG   A 1 64  ? -4.022  16.148  2.242   1.00 83.07  ?  73  ARG   A NH2 1 
ATOM   761  N N   . SER   A 1 65  ? -7.720  9.888   4.759   1.00 44.67  ?  74  SER   A N   1 
ATOM   762  C CA  . SER   A 1 65  ? -8.679  9.592   5.855   1.00 50.65  ?  74  SER   A CA  1 
ATOM   763  C C   . SER   A 1 65  ? -9.003  10.876  6.618   1.00 56.18  ?  74  SER   A C   1 
ATOM   764  O O   . SER   A 1 65  ? -9.805  10.796  7.559   1.00 58.54  ?  74  SER   A O   1 
ATOM   765  C CB  . SER   A 1 65  ? -8.160  8.516   6.786   1.00 48.44  ?  74  SER   A CB  1 
ATOM   766  O OG  . SER   A 1 65  ? -7.033  8.947   7.534   1.00 52.80  ?  74  SER   A OG  1 
ATOM   767  N N   . ASP   A 1 66  ? -8.407  12.004  6.224   1.00 67.15  ?  75  ASP   A N   1 
ATOM   768  C CA  . ASP   A 1 66  ? -8.490  13.297  6.959   1.00 72.03  ?  75  ASP   A CA  1 
ATOM   769  C C   . ASP   A 1 66  ? -7.842  14.399  6.112   1.00 76.46  ?  75  ASP   A C   1 
ATOM   770  O O   . ASP   A 1 66  ? -6.927  14.075  5.332   1.00 82.41  ?  75  ASP   A O   1 
ATOM   771  C CB  . ASP   A 1 66  ? -7.828  13.144  8.334   1.00 74.44  ?  75  ASP   A CB  1 
ATOM   772  C CG  . ASP   A 1 66  ? -7.918  14.340  9.270   1.00 73.43  ?  75  ASP   A CG  1 
ATOM   773  O OD1 . ASP   A 1 66  ? -8.364  15.415  8.835   1.00 73.19  ?  75  ASP   A OD1 1 
ATOM   774  O OD2 . ASP   A 1 66  ? -7.533  14.181  10.440  1.00 76.10  ?  75  ASP   A OD2 1 
ATOM   775  N N   . ALA   A 1 67  ? -8.317  15.646  6.269   1.00 83.61  ?  76  ALA   A N   1 
ATOM   776  C CA  . ALA   A 1 67  ? -7.739  16.896  5.706   1.00 80.96  ?  76  ALA   A CA  1 
ATOM   777  C C   . ALA   A 1 67  ? -6.891  17.600  6.776   1.00 77.76  ?  76  ALA   A C   1 
ATOM   778  O O   . ALA   A 1 67  ? -7.389  18.574  7.355   1.00 62.82  ?  76  ALA   A O   1 
ATOM   779  C CB  . ALA   A 1 67  ? -8.827  17.805  5.180   1.00 72.63  ?  76  ALA   A CB  1 
ATOM   780  N N   . ALA   A 1 70  ? -2.672  16.683  7.998   1.00 74.06  ?  79  ALA   A N   1 
ATOM   781  C CA  . ALA   A 1 70  ? -1.420  16.122  7.431   1.00 72.92  ?  79  ALA   A CA  1 
ATOM   782  C C   . ALA   A 1 70  ? -0.248  16.434  8.357   1.00 79.83  ?  79  ALA   A C   1 
ATOM   783  O O   . ALA   A 1 70  ? 0.583   17.290  8.057   1.00 84.61  ?  79  ALA   A O   1 
ATOM   784  C CB  . ALA   A 1 70  ? -1.176  16.670  6.044   1.00 69.45  ?  79  ALA   A CB  1 
ATOM   785  N N   . PRO   A 1 71  ? -0.150  15.759  9.523   1.00 74.63  ?  80  PRO   A N   1 
ATOM   786  C CA  . PRO   A 1 71  ? 0.917   16.034  10.480  1.00 71.39  ?  80  PRO   A CA  1 
ATOM   787  C C   . PRO   A 1 71  ? 2.305   15.802  9.878   1.00 77.06  ?  80  PRO   A C   1 
ATOM   788  O O   . PRO   A 1 71  ? 2.490   14.805  9.214   1.00 72.63  ?  80  PRO   A O   1 
ATOM   789  C CB  . PRO   A 1 71  ? 0.649   15.041  11.618  1.00 70.93  ?  80  PRO   A CB  1 
ATOM   790  C CG  . PRO   A 1 71  ? -0.820  14.714  11.489  1.00 74.27  ?  80  PRO   A CG  1 
ATOM   791  C CD  . PRO   A 1 71  ? -1.091  14.737  10.002  1.00 74.74  ?  80  PRO   A CD  1 
ATOM   792  N N   . HIS   A 1 72  ? 3.233   16.733  10.121  1.00 84.24  ?  81  HIS   A N   1 
ATOM   793  C CA  . HIS   A 1 72  ? 4.686   16.621  9.807   1.00 81.99  ?  81  HIS   A CA  1 
ATOM   794  C C   . HIS   A 1 72  ? 4.915   16.334  8.312   1.00 78.01  ?  81  HIS   A C   1 
ATOM   795  O O   . HIS   A 1 72  ? 5.957   15.739  7.992   1.00 74.62  ?  81  HIS   A O   1 
ATOM   796  C CB  . HIS   A 1 72  ? 5.330   15.538  10.695  1.00 97.23  ?  81  HIS   A CB  1 
ATOM   797  C CG  . HIS   A 1 72  ? 4.887   15.555  12.125  1.00 111.49 ?  81  HIS   A CG  1 
ATOM   798  N ND1 . HIS   A 1 72  ? 5.557   16.266  13.107  1.00 118.19 ?  81  HIS   A ND1 1 
ATOM   799  C CD2 . HIS   A 1 72  ? 3.856   14.944  12.749  1.00 117.46 ?  81  HIS   A CD2 1 
ATOM   800  C CE1 . HIS   A 1 72  ? 4.956   16.097  14.268  1.00 120.31 ?  81  HIS   A CE1 1 
ATOM   801  N NE2 . HIS   A 1 72  ? 3.907   15.289  14.074  1.00 121.67 ?  81  HIS   A NE2 1 
ATOM   802  N N   . GLY   A 1 73  ? 3.993   16.750  7.428   1.00 76.06  ?  82  GLY   A N   1 
ATOM   803  C CA  . GLY   A 1 73  ? 4.009   16.450  5.978   1.00 68.08  ?  82  GLY   A CA  1 
ATOM   804  C C   . GLY   A 1 73  ? 3.246   15.172  5.622   1.00 68.87  ?  82  GLY   A C   1 
ATOM   805  O O   . GLY   A 1 73  ? 2.865   15.002  4.455   1.00 61.65  ?  82  GLY   A O   1 
ATOM   806  N N   . HIS   A 1 74  ? 2.994   14.299  6.598   1.00 62.05  ?  83  HIS   A N   1 
ATOM   807  C CA  . HIS   A 1 74  ? 2.426   12.948  6.385   1.00 55.49  ?  83  HIS   A CA  1 
ATOM   808  C C   . HIS   A 1 74  ? 0.899   13.012  6.289   1.00 54.26  ?  83  HIS   A C   1 
ATOM   809  O O   . HIS   A 1 74  ? 0.249   13.331  7.299   1.00 50.13  ?  83  HIS   A O   1 
ATOM   810  C CB  . HIS   A 1 74  ? 2.886   12.014  7.497   1.00 51.22  ?  83  HIS   A CB  1 
ATOM   811  C CG  . HIS   A 1 74  ? 4.351   11.755  7.481   1.00 55.00  ?  83  HIS   A CG  1 
ATOM   812  N ND1 . HIS   A 1 74  ? 4.878   10.527  7.115   1.00 53.18  ?  83  HIS   A ND1 1 
ATOM   813  C CD2 . HIS   A 1 74  ? 5.397   12.543  7.806   1.00 55.72  ?  83  HIS   A CD2 1 
ATOM   814  C CE1 . HIS   A 1 74  ? 6.187   10.567  7.231   1.00 61.46  ?  83  HIS   A CE1 1 
ATOM   815  N NE2 . HIS   A 1 74  ? 6.532   11.795  7.650   1.00 63.10  ?  83  HIS   A NE2 1 
ATOM   816  N N   . VAL   A 1 75  ? 0.365   12.701  5.108   1.00 51.09  ?  84  VAL   A N   1 
ATOM   817  C CA  . VAL   A 1 75  ? -1.104  12.626  4.842   1.00 50.83  ?  84  VAL   A CA  1 
ATOM   818  C C   . VAL   A 1 75  ? -1.654  11.408  5.583   1.00 43.05  ?  84  VAL   A C   1 
ATOM   819  O O   . VAL   A 1 75  ? -1.057  10.317  5.490   1.00 35.61  ?  84  VAL   A O   1 
ATOM   820  C CB  . VAL   A 1 75  ? -1.403  12.553  3.334   1.00 52.61  ?  84  VAL   A CB  1 
ATOM   821  C CG1 . VAL   A 1 75  ? -2.874  12.306  3.060   1.00 54.61  ?  84  VAL   A CG1 1 
ATOM   822  C CG2 . VAL   A 1 75  ? -0.933  13.807  2.627   1.00 56.01  ?  84  VAL   A CG2 1 
ATOM   823  N N   . MET   A 1 76  ? -2.753  11.579  6.314   1.00 39.59  ?  85  MET   A N   1 
ATOM   824  C CA  . MET   A 1 76  ? -3.332  10.447  7.068   1.00 40.42  ?  85  MET   A CA  1 
ATOM   825  C C   . MET   A 1 76  ? -4.115  9.601   6.072   1.00 38.51  ?  85  MET   A C   1 
ATOM   826  O O   . MET   A 1 76  ? -4.892  10.160  5.297   1.00 37.01  ?  85  MET   A O   1 
ATOM   827  C CB  . MET   A 1 76  ? -4.257  10.908  8.198   1.00 43.93  ?  85  MET   A CB  1 
ATOM   828  C CG  . MET   A 1 76  ? -3.508  11.667  9.272   1.00 54.00  ?  85  MET   A CG  1 
ATOM   829  S SD  . MET   A 1 76  ? -4.500  11.914  10.747  1.00 59.93  ?  85  MET   A SD  1 
ATOM   830  C CE  . MET   A 1 76  ? -5.281  10.311  10.851  1.00 59.06  ?  85  MET   A CE  1 
ATOM   831  N N   . VAL   A 1 77  ? -3.874  8.296   6.086   1.00 35.61  ?  86  VAL   A N   1 
ATOM   832  C CA  . VAL   A 1 77  ? -4.460  7.379   5.078   1.00 35.64  ?  86  VAL   A CA  1 
ATOM   833  C C   . VAL   A 1 77  ? -4.928  6.129   5.804   1.00 33.06  ?  86  VAL   A C   1 
ATOM   834  O O   . VAL   A 1 77  ? -4.466  5.858   6.914   1.00 36.28  ?  86  VAL   A O   1 
ATOM   835  C CB  . VAL   A 1 77  ? -3.464  7.042   3.956   1.00 32.90  ?  86  VAL   A CB  1 
ATOM   836  C CG1 . VAL   A 1 77  ? -2.992  8.286   3.230   1.00 32.26  ?  86  VAL   A CG1 1 
ATOM   837  C CG2 . VAL   A 1 77  ? -2.281  6.238   4.481   1.00 35.68  ?  86  VAL   A CG2 1 
ATOM   838  N N   . GLU   A 1 78  ? -5.819  5.396   5.150   1.00 34.76  ?  87  GLU   A N   1 
ATOM   839  C CA  . GLU   A 1 78  ? -6.198  4.038   5.569   1.00 36.91  ?  87  GLU   A CA  1 
ATOM   840  C C   . GLU   A 1 78  ? -6.322  3.137   4.330   1.00 33.19  ?  87  GLU   A C   1 
ATOM   841  O O   . GLU   A 1 78  ? -6.320  3.668   3.189   1.00 32.68  ?  87  GLU   A O   1 
ATOM   842  C CB  . GLU   A 1 78  ? -7.485  4.157   6.366   1.00 44.12  ?  87  GLU   A CB  1 
ATOM   843  C CG  . GLU   A 1 78  ? -8.634  4.756   5.598   1.00 48.20  ?  87  GLU   A CG  1 
ATOM   844  C CD  . GLU   A 1 78  ? -9.745  5.207   6.533   1.00 54.43  ?  87  GLU   A CD  1 
ATOM   845  O OE1 . GLU   A 1 78  ? -9.835  4.650   7.659   1.00 56.20  ?  87  GLU   A OE1 1 
ATOM   846  O OE2 . GLU   A 1 78  ? -10.489 6.122   6.152   1.00 50.06  ?  87  GLU   A OE2 1 
ATOM   847  N N   . LEU   A 1 79  ? -6.384  1.833   4.559   1.00 34.06  ?  88  LEU   A N   1 
ATOM   848  C CA  . LEU   A 1 79  ? -6.424  0.801   3.484   1.00 35.59  ?  88  LEU   A CA  1 
ATOM   849  C C   . LEU   A 1 79  ? -7.875  0.486   3.119   1.00 36.87  ?  88  LEU   A C   1 
ATOM   850  O O   . LEU   A 1 79  ? -8.692  0.260   4.032   1.00 37.34  ?  88  LEU   A O   1 
ATOM   851  C CB  . LEU   A 1 79  ? -5.714  -0.463  3.946   1.00 34.87  ?  88  LEU   A CB  1 
ATOM   852  C CG  . LEU   A 1 79  ? -4.246  -0.314  4.360   1.00 37.72  ?  88  LEU   A CG  1 
ATOM   853  C CD1 . LEU   A 1 79  ? -3.627  -1.665  4.555   1.00 43.17  ?  88  LEU   A CD1 1 
ATOM   854  C CD2 . LEU   A 1 79  ? -3.427  0.458   3.360   1.00 41.02  ?  88  LEU   A CD2 1 
ATOM   855  N N   . VAL   A 1 80  ? -8.147  0.415   1.823   1.00 34.16  ?  89  VAL   A N   1 
ATOM   856  C CA  . VAL   A 1 80  ? -9.407  -0.100  1.211   1.00 35.52  ?  89  VAL   A CA  1 
ATOM   857  C C   . VAL   A 1 80  ? -9.026  -1.100  0.114   1.00 35.72  ?  89  VAL   A C   1 
ATOM   858  O O   . VAL   A 1 80  ? -8.253  -0.727  -0.783  1.00 39.17  ?  89  VAL   A O   1 
ATOM   859  C CB  . VAL   A 1 80  ? -10.211 1.063   0.611   1.00 38.03  ?  89  VAL   A CB  1 
ATOM   860  C CG1 . VAL   A 1 80  ? -11.463 0.581   -0.124  1.00 36.95  ?  89  VAL   A CG1 1 
ATOM   861  C CG2 . VAL   A 1 80  ? -10.531 2.099   1.689   1.00 40.58  ?  89  VAL   A CG2 1 
ATOM   862  N N   . ALA   A 1 81  ? -9.545  -2.313  0.166   1.00 38.91  ?  90  ALA   A N   1 
ATOM   863  C CA  . ALA   A 1 81  ? -9.324  -3.330  -0.884  1.00 37.30  ?  90  ALA   A CA  1 
ATOM   864  C C   . ALA   A 1 81  ? -10.468 -3.260  -1.885  1.00 39.59  ?  90  ALA   A C   1 
ATOM   865  O O   . ALA   A 1 81  ? -11.597 -2.775  -1.535  1.00 36.71  ?  90  ALA   A O   1 
ATOM   866  C CB  . ALA   A 1 81  ? -9.165  -4.710  -0.294  1.00 38.56  ?  90  ALA   A CB  1 
ATOM   867  N N   . GLU   A 1 82  ? -10.200 -3.730  -3.102  1.00 36.74  ?  91  GLU   A N   1 
ATOM   868  C CA  . GLU   A 1 82  ? -11.218 -3.780  -4.176  1.00 33.91  ?  91  GLU   A CA  1 
ATOM   869  C C   . GLU   A 1 82  ? -11.083 -5.099  -4.942  1.00 41.56  ?  91  GLU   A C   1 
ATOM   870  O O   . GLU   A 1 82  ? -9.926  -5.522  -5.238  1.00 35.12  ?  91  GLU   A O   1 
ATOM   871  C CB  . GLU   A 1 82  ? -11.096 -2.554  -5.079  1.00 36.92  ?  91  GLU   A CB  1 
ATOM   872  C CG  . GLU   A 1 82  ? -12.072 -2.559  -6.227  1.00 34.28  ?  91  GLU   A CG  1 
ATOM   873  C CD  . GLU   A 1 82  ? -11.827 -1.469  -7.258  1.00 39.65  ?  91  GLU   A CD  1 
ATOM   874  O OE1 . GLU   A 1 82  ? -11.739 -0.283  -6.857  1.00 39.80  ?  91  GLU   A OE1 1 
ATOM   875  O OE2 . GLU   A 1 82  ? -11.725 -1.814  -8.455  1.00 38.19  ?  91  GLU   A OE2 1 
ATOM   876  N N   . LEU   A 1 83  ? -12.216 -5.750  -5.227  1.00 35.55  ?  92  LEU   A N   1 
ATOM   877  C CA  . LEU   A 1 83  ? -12.273 -7.019  -6.000  1.00 38.82  ?  92  LEU   A CA  1 
ATOM   878  C C   . LEU   A 1 83  ? -13.571 -6.991  -6.809  1.00 42.75  ?  92  LEU   A C   1 
ATOM   879  O O   . LEU   A 1 83  ? -14.647 -6.792  -6.188  1.00 37.53  ?  92  LEU   A O   1 
ATOM   880  C CB  . LEU   A 1 83  ? -12.245 -8.243  -5.075  1.00 42.65  ?  92  LEU   A CB  1 
ATOM   881  C CG  . LEU   A 1 83  ? -12.386 -9.592  -5.794  1.00 38.98  ?  92  LEU   A CG  1 
ATOM   882  C CD1 . LEU   A 1 83  ? -11.277 -9.763  -6.826  1.00 38.33  ?  92  LEU   A CD1 1 
ATOM   883  C CD2 . LEU   A 1 83  ? -12.400 -10.763 -4.820  1.00 35.87  ?  92  LEU   A CD2 1 
ATOM   884  N N   . GLU   A 1 84  ? -13.440 -7.096  -8.131  1.00 39.99  ?  93  GLU   A N   1 
ATOM   885  C CA  . GLU   A 1 84  ? -14.554 -7.091  -9.116  1.00 45.57  ?  93  GLU   A CA  1 
ATOM   886  C C   . GLU   A 1 84  ? -15.496 -5.923  -8.828  1.00 50.86  ?  93  GLU   A C   1 
ATOM   887  O O   . GLU   A 1 84  ? -16.731 -6.157  -8.805  1.00 50.98  ?  93  GLU   A O   1 
ATOM   888  C CB  . GLU   A 1 84  ? -15.238 -8.456  -9.124  1.00 48.10  ?  93  GLU   A CB  1 
ATOM   889  C CG  . GLU   A 1 84  ? -14.328 -9.514  -9.716  1.00 53.23  ?  93  GLU   A CG  1 
ATOM   890  C CD  . GLU   A 1 84  ? -14.603 -10.937 -9.282  1.00 66.69  ?  93  GLU   A CD  1 
ATOM   891  O OE1 . GLU   A 1 84  ? -15.369 -11.123 -8.314  1.00 71.69  ?  93  GLU   A OE1 1 
ATOM   892  O OE2 . GLU   A 1 84  ? -14.056 -11.855 -9.927  1.00 70.28  ?  93  GLU   A OE2 1 
ATOM   893  N N   . GLY   A 1 85  ? -14.931 -4.721  -8.629  1.00 37.16  ?  94  GLY   A N   1 
ATOM   894  C CA  . GLY   A 1 85  ? -15.699 -3.470  -8.531  1.00 41.85  ?  94  GLY   A CA  1 
ATOM   895  C C   . GLY   A 1 85  ? -16.337 -3.237  -7.168  1.00 38.00  ?  94  GLY   A C   1 
ATOM   896  O O   . GLY   A 1 85  ? -17.027 -2.166  -7.009  1.00 39.44  ?  94  GLY   A O   1 
ATOM   897  N N   . ILE   A 1 86  ? -16.102 -4.124  -6.200  1.00 39.40  ?  95  ILE   A N   1 
ATOM   898  C CA  . ILE   A 1 86  ? -16.616 -3.919  -4.813  1.00 38.02  ?  95  ILE   A CA  1 
ATOM   899  C C   . ILE   A 1 86  ? -15.452 -3.568  -3.881  1.00 38.88  ?  95  ILE   A C   1 
ATOM   900  O O   . ILE   A 1 86  ? -14.472 -4.308  -3.874  1.00 37.26  ?  95  ILE   A O   1 
ATOM   901  C CB  . ILE   A 1 86  ? -17.410 -5.124  -4.312  1.00 39.89  ?  95  ILE   A CB  1 
ATOM   902  C CG1 . ILE   A 1 86  ? -18.585 -5.454  -5.239  1.00 40.65  ?  95  ILE   A CG1 1 
ATOM   903  C CG2 . ILE   A 1 86  ? -17.888 -4.891  -2.886  1.00 41.62  ?  95  ILE   A CG2 1 
ATOM   904  C CD1 . ILE   A 1 86  ? -19.234 -6.792  -4.913  1.00 41.78  ?  95  ILE   A CD1 1 
ATOM   905  N N   . GLN   A 1 87  ? -15.610 -2.508  -3.087  1.00 38.81  ?  96  GLN   A N   1 
ATOM   906  C CA  . GLN   A 1 87  ? -14.597 -2.000  -2.123  1.00 39.61  ?  96  GLN   A CA  1 
ATOM   907  C C   . GLN   A 1 87  ? -14.986 -2.444  -0.714  1.00 42.24  ?  96  GLN   A C   1 
ATOM   908  O O   . GLN   A 1 87  ? -16.188 -2.552  -0.397  1.00 46.23  ?  96  GLN   A O   1 
ATOM   909  C CB  . GLN   A 1 87  ? -14.435 -0.491  -2.241  1.00 41.12  ?  96  GLN   A CB  1 
ATOM   910  C CG  . GLN   A 1 87  ? -13.848 -0.127  -3.597  1.00 41.34  ?  96  GLN   A CG  1 
ATOM   911  C CD  . GLN   A 1 87  ? -13.253 1.252   -3.661  1.00 47.62  ?  96  GLN   A CD  1 
ATOM   912  O OE1 . GLN   A 1 87  ? -13.535 2.121   -2.830  1.00 44.31  ?  96  GLN   A OE1 1 
ATOM   913  N NE2 . GLN   A 1 87  ? -12.409 1.449   -4.667  1.00 46.91  ?  96  GLN   A NE2 1 
ATOM   914  N N   . TYR   A 1 88  ? -13.988 -2.790  0.072   1.00 37.95  ?  97  TYR   A N   1 
ATOM   915  C CA  . TYR   A 1 88  ? -14.132 -3.224  1.483   1.00 39.35  ?  97  TYR   A CA  1 
ATOM   916  C C   . TYR   A 1 88  ? -13.444 -2.144  2.291   1.00 43.53  ?  97  TYR   A C   1 
ATOM   917  O O   . TYR   A 1 88  ? -12.197 -2.016  2.249   1.00 47.21  ?  97  TYR   A O   1 
ATOM   918  C CB  . TYR   A 1 88  ? -13.598 -4.634  1.638   1.00 37.68  ?  97  TYR   A CB  1 
ATOM   919  C CG  . TYR   A 1 88  ? -14.325 -5.585  0.728   1.00 42.65  ?  97  TYR   A CG  1 
ATOM   920  C CD1 . TYR   A 1 88  ? -14.064 -5.612  -0.627  1.00 40.33  ?  97  TYR   A CD1 1 
ATOM   921  C CD2 . TYR   A 1 88  ? -15.374 -6.356  1.198   1.00 46.03  ?  97  TYR   A CD2 1 
ATOM   922  C CE1 . TYR   A 1 88  ? -14.758 -6.456  -1.483  1.00 44.24  ?  97  TYR   A CE1 1 
ATOM   923  C CE2 . TYR   A 1 88  ? -16.063 -7.219  0.361   1.00 49.38  ?  97  TYR   A CE2 1 
ATOM   924  C CZ  . TYR   A 1 88  ? -15.766 -7.257  -0.990  1.00 46.68  ?  97  TYR   A CZ  1 
ATOM   925  O OH  . TYR   A 1 88  ? -16.439 -8.085  -1.834  1.00 46.41  ?  97  TYR   A OH  1 
ATOM   926  N N   . GLY   A 1 89  ? -14.279 -1.273  2.825   1.00 40.09  ?  98  GLY   A N   1 
ATOM   927  C CA  . GLY   A 1 89  ? -13.827 -0.025  3.428   1.00 42.44  ?  98  GLY   A CA  1 
ATOM   928  C C   . GLY   A 1 89  ? -14.390 1.151   2.684   1.00 40.69  ?  98  GLY   A C   1 
ATOM   929  O O   . GLY   A 1 89  ? -14.809 1.038   1.519   1.00 46.62  ?  98  GLY   A O   1 
ATOM   930  N N   . ARG   A 1 90  ? -14.299 2.284   3.334   1.00 44.20  ?  99  ARG   A N   1 
ATOM   931  C CA  . ARG   A 1 90  ? -14.898 3.534   2.864   1.00 43.21  ?  99  ARG   A CA  1 
ATOM   932  C C   . ARG   A 1 90  ? -13.945 4.620   3.328   1.00 42.90  ?  99  ARG   A C   1 
ATOM   933  O O   . ARG   A 1 90  ? -13.655 4.675   4.516   1.00 42.20  ?  99  ARG   A O   1 
ATOM   934  C CB  . ARG   A 1 90  ? -16.296 3.563   3.480   1.00 47.79  ?  99  ARG   A CB  1 
ATOM   935  C CG  . ARG   A 1 90  ? -16.910 4.934   3.633   1.00 43.39  ?  99  ARG   A CG  1 
ATOM   936  C CD  . ARG   A 1 90  ? -18.317 4.818   4.211   1.00 39.68  ?  99  ARG   A CD  1 
ATOM   937  N NE  . ARG   A 1 90  ? -19.022 5.783   3.402   1.00 41.93  ?  99  ARG   A NE  1 
ATOM   938  C CZ  . ARG   A 1 90  ? -19.167 7.076   3.662   1.00 40.88  ?  99  ARG   A CZ  1 
ATOM   939  N NH1 . ARG   A 1 90  ? -18.725 7.605   4.786   1.00 40.56  ?  99  ARG   A NH1 1 
ATOM   940  N NH2 . ARG   A 1 90  ? -19.794 7.836   2.784   1.00 43.25  ?  99  ARG   A NH2 1 
ATOM   941  N N   . SER   A 1 91  ? -13.424 5.430   2.431   1.00 43.79  ?  100 SER   A N   1 
ATOM   942  C CA  . SER   A 1 91  ? -12.437 6.454   2.835   1.00 42.30  ?  100 SER   A CA  1 
ATOM   943  C C   . SER   A 1 91  ? -12.438 7.533   1.769   1.00 44.80  ?  100 SER   A C   1 
ATOM   944  O O   . SER   A 1 91  ? -13.330 7.483   0.875   1.00 45.43  ?  100 SER   A O   1 
ATOM   945  C CB  . SER   A 1 91  ? -11.052 5.815   3.057   1.00 42.18  ?  100 SER   A CB  1 
ATOM   946  O OG  . SER   A 1 91  ? -10.131 6.743   3.624   1.00 39.41  ?  100 SER   A OG  1 
ATOM   947  N N   . GLY   A 1 92  ? -11.428 8.398   1.810   1.00 41.99  ?  101 GLY   A N   1 
ATOM   948  C CA  . GLY   A 1 92  ? -11.314 9.536   0.886   1.00 41.10  ?  101 GLY   A CA  1 
ATOM   949  C C   . GLY   A 1 92  ? -10.682 9.153   -0.432  1.00 38.35  ?  101 GLY   A C   1 
ATOM   950  O O   . GLY   A 1 92  ? -10.852 8.018   -0.890  1.00 41.79  ?  101 GLY   A O   1 
ATOM   951  N N   . GLU   A 1 93  ? -10.006 10.133  -1.012  1.00 38.25  ?  102 GLU   A N   1 
ATOM   952  C CA  . GLU   A 1 93  ? -9.373  10.104  -2.344  1.00 45.23  ?  102 GLU   A CA  1 
ATOM   953  C C   . GLU   A 1 93  ? -8.202  9.123   -2.331  1.00 42.08  ?  102 GLU   A C   1 
ATOM   954  O O   . GLU   A 1 93  ? -7.414  9.120   -1.348  1.00 36.42  ?  102 GLU   A O   1 
ATOM   955  C CB  . GLU   A 1 93  ? -8.873  11.507  -2.670  1.00 45.97  ?  102 GLU   A CB  1 
ATOM   956  C CG  . GLU   A 1 93  ? -8.541  11.713  -4.134  1.00 55.82  ?  102 GLU   A CG  1 
ATOM   957  C CD  . GLU   A 1 93  ? -7.673  12.937  -4.363  1.00 70.30  ?  102 GLU   A CD  1 
ATOM   958  O OE1 . GLU   A 1 93  ? -7.426  13.686  -3.377  1.00 71.99  ?  102 GLU   A OE1 1 
ATOM   959  O OE2 . GLU   A 1 93  ? -7.227  13.133  -5.512  1.00 84.20  ?  102 GLU   A OE2 1 
ATOM   960  N N   . THR   A 1 94  ? -8.069  8.352   -3.406  1.00 42.32  ?  103 THR   A N   1 
ATOM   961  C CA  . THR   A 1 94  ? -6.963  7.391   -3.605  1.00 39.14  ?  103 THR   A CA  1 
ATOM   962  C C   . THR   A 1 94  ? -5.653  8.164   -3.752  1.00 39.86  ?  103 THR   A C   1 
ATOM   963  O O   . THR   A 1 94  ? -5.589  9.083   -4.585  1.00 45.49  ?  103 THR   A O   1 
ATOM   964  C CB  . THR   A 1 94  ? -7.264  6.485   -4.800  1.00 43.03  ?  103 THR   A CB  1 
ATOM   965  O OG1 . THR   A 1 94  ? -8.377  5.728   -4.337  1.00 38.99  ?  103 THR   A OG1 1 
ATOM   966  C CG2 . THR   A 1 94  ? -6.105  5.593   -5.203  1.00 41.66  ?  103 THR   A CG2 1 
ATOM   967  N N   . LEU   A 1 95  ? -4.657  7.822   -2.946  1.00 35.66  ?  104 LEU   A N   1 
ATOM   968  C CA  . LEU   A 1 95  ? -3.265  8.308   -3.115  1.00 40.08  ?  104 LEU   A CA  1 
ATOM   969  C C   . LEU   A 1 95  ? -2.495  7.347   -4.022  1.00 39.72  ?  104 LEU   A C   1 
ATOM   970  O O   . LEU   A 1 95  ? -1.524  7.804   -4.695  1.00 39.88  ?  104 LEU   A O   1 
ATOM   971  C CB  . LEU   A 1 95  ? -2.619  8.435   -1.736  1.00 48.17  ?  104 LEU   A CB  1 
ATOM   972  C CG  . LEU   A 1 95  ? -2.815  9.801   -1.081  1.00 50.61  ?  104 LEU   A CG  1 
ATOM   973  C CD1 . LEU   A 1 95  ? -4.242  9.967   -0.629  1.00 51.81  ?  104 LEU   A CD1 1 
ATOM   974  C CD2 . LEU   A 1 95  ? -1.848  9.987   0.079   1.00 55.16  ?  104 LEU   A CD2 1 
ATOM   975  N N   . GLY   A 1 96  ? -2.932  6.083   -4.075  1.00 36.99  ?  105 GLY   A N   1 
ATOM   976  C CA  . GLY   A 1 96  ? -2.367  5.082   -4.996  1.00 36.44  ?  105 GLY   A CA  1 
ATOM   977  C C   . GLY   A 1 96  ? -2.736  3.664   -4.607  1.00 34.49  ?  105 GLY   A C   1 
ATOM   978  O O   . GLY   A 1 96  ? -3.493  3.454   -3.637  1.00 35.51  ?  105 GLY   A O   1 
ATOM   979  N N   . VAL   A 1 97  ? -2.161  2.712   -5.327  1.00 29.52  ?  106 VAL   A N   1 
ATOM   980  C CA  . VAL   A 1 97  ? -2.373  1.263   -5.098  1.00 29.67  ?  106 VAL   A CA  1 
ATOM   981  C C   . VAL   A 1 97  ? -1.067  0.717   -4.533  1.00 28.85  ?  106 VAL   A C   1 
ATOM   982  O O   . VAL   A 1 97  ? 0.013   1.065   -5.012  1.00 29.02  ?  106 VAL   A O   1 
ATOM   983  C CB  . VAL   A 1 97  ? -2.842  0.527   -6.358  1.00 32.35  ?  106 VAL   A CB  1 
ATOM   984  C CG1 . VAL   A 1 97  ? -1.951  0.859   -7.536  1.00 37.49  ?  106 VAL   A CG1 1 
ATOM   985  C CG2 . VAL   A 1 97  ? -2.903  -0.988  -6.143  1.00 33.80  ?  106 VAL   A CG2 1 
ATOM   986  N N   . LEU   A 1 98  ? -1.167  -0.037  -3.454  1.00 26.26  ?  107 LEU   A N   1 
ATOM   987  C CA  . LEU   A 1 98  ? -0.002  -0.645  -2.818  1.00 26.16  ?  107 LEU   A CA  1 
ATOM   988  C C   . LEU   A 1 98  ? 0.386   -1.934  -3.537  1.00 29.88  ?  107 LEU   A C   1 
ATOM   989  O O   . LEU   A 1 98  ? -0.501  -2.689  -3.986  1.00 29.41  ?  107 LEU   A O   1 
ATOM   990  C CB  . LEU   A 1 98  ? -0.336  -0.942  -1.366  1.00 27.10  ?  107 LEU   A CB  1 
ATOM   991  C CG  . LEU   A 1 98  ? -0.635  0.274   -0.502  1.00 30.40  ?  107 LEU   A CG  1 
ATOM   992  C CD1 . LEU   A 1 98  ? -0.811  -0.178  0.926   1.00 33.05  ?  107 LEU   A CD1 1 
ATOM   993  C CD2 . LEU   A 1 98  ? 0.456   1.318   -0.613  1.00 30.39  ?  107 LEU   A CD2 1 
ATOM   994  N N   . VAL   A 1 99  ? 1.695   -2.191  -3.550  1.00 27.07  ?  108 VAL   A N   1 
ATOM   995  C CA  . VAL   A 1 99  ? 2.286   -3.418  -4.131  1.00 26.76  ?  108 VAL   A CA  1 
ATOM   996  C C   . VAL   A 1 99  ? 3.469   -3.757  -3.243  1.00 26.24  ?  108 VAL   A C   1 
ATOM   997  O O   . VAL   A 1 99  ? 4.072   -2.885  -2.614  1.00 24.80  ?  108 VAL   A O   1 
ATOM   998  C CB  . VAL   A 1 99  ? 2.694   -3.211  -5.611  1.00 26.81  ?  108 VAL   A CB  1 
ATOM   999  C CG1 . VAL   A 1 99  ? 1.525   -3.036  -6.560  1.00 27.16  ?  108 VAL   A CG1 1 
ATOM   1000 C CG2 . VAL   A 1 99  ? 3.649   -2.049  -5.785  1.00 26.75  ?  108 VAL   A CG2 1 
ATOM   1001 N N   . PRO   A 1 100 ? 3.877   -5.026  -3.219  1.00 26.75  ?  109 PRO   A N   1 
ATOM   1002 C CA  . PRO   A 1 100 ? 5.163   -5.390  -2.672  1.00 28.44  ?  109 PRO   A CA  1 
ATOM   1003 C C   . PRO   A 1 100 ? 6.283   -4.593  -3.347  1.00 29.55  ?  109 PRO   A C   1 
ATOM   1004 O O   . PRO   A 1 100 ? 6.247   -4.323  -4.569  1.00 27.61  ?  109 PRO   A O   1 
ATOM   1005 C CB  . PRO   A 1 100 ? 5.309   -6.868  -3.011  1.00 29.74  ?  109 PRO   A CB  1 
ATOM   1006 C CG  . PRO   A 1 100 ? 3.882   -7.334  -3.186  1.00 27.84  ?  109 PRO   A CG  1 
ATOM   1007 C CD  . PRO   A 1 100 ? 3.156   -6.167  -3.782  1.00 28.22  ?  109 PRO   A CD  1 
ATOM   1008 N N   . HIS   A 1 101 ? 7.252   -4.211  -2.531  1.00 28.34  ?  110 HIS   A N   1 
ATOM   1009 C CA  . HIS   A 1 101 ? 8.523   -3.624  -2.997  1.00 27.52  ?  110 HIS   A CA  1 
ATOM   1010 C C   . HIS   A 1 101 ? 9.615   -4.666  -2.860  1.00 27.91  ?  110 HIS   A C   1 
ATOM   1011 O O   . HIS   A 1 101 ? 9.892   -5.072  -1.740  1.00 27.58  ?  110 HIS   A O   1 
ATOM   1012 C CB  . HIS   A 1 101 ? 8.870   -2.403  -2.167  1.00 28.26  ?  110 HIS   A CB  1 
ATOM   1013 C CG  . HIS   A 1 101 ? 10.034  -1.662  -2.736  1.00 31.06  ?  110 HIS   A CG  1 
ATOM   1014 N ND1 . HIS   A 1 101 ? 10.936  -0.982  -1.950  1.00 32.92  ?  110 HIS   A ND1 1 
ATOM   1015 C CD2 . HIS   A 1 101 ? 10.409  -1.434  -4.002  1.00 27.66  ?  110 HIS   A CD2 1 
ATOM   1016 C CE1 . HIS   A 1 101 ? 11.839  -0.402  -2.720  1.00 32.92  ?  110 HIS   A CE1 1 
ATOM   1017 N NE2 . HIS   A 1 101 ? 11.537  -0.656  -3.976  1.00 28.29  ?  110 HIS   A NE2 1 
ATOM   1018 N N   . VAL   A 1 102 ? 10.253  -5.021  -3.965  1.00 26.75  ?  111 VAL   A N   1 
ATOM   1019 C CA  . VAL   A 1 102 ? 11.328  -6.031  -3.952  1.00 28.48  ?  111 VAL   A CA  1 
ATOM   1020 C C   . VAL   A 1 102 ? 12.574  -5.430  -4.585  1.00 34.92  ?  111 VAL   A C   1 
ATOM   1021 O O   . VAL   A 1 102 ? 13.335  -6.188  -5.185  1.00 38.21  ?  111 VAL   A O   1 
ATOM   1022 C CB  . VAL   A 1 102 ? 10.860  -7.331  -4.633  1.00 30.69  ?  111 VAL   A CB  1 
ATOM   1023 C CG1 . VAL   A 1 102 ? 9.694   -7.921  -3.889  1.00 33.83  ?  111 VAL   A CG1 1 
ATOM   1024 C CG2 . VAL   A 1 102 ? 10.487  -7.147  -6.077  1.00 33.24  ?  111 VAL   A CG2 1 
ATOM   1025 N N   . GLY   A 1 103 ? 12.802  -4.123  -4.400  1.00 33.42  ?  112 GLY   A N   1 
ATOM   1026 C CA  . GLY   A 1 103 ? 14.053  -3.471  -4.837  1.00 32.89  ?  112 GLY   A CA  1 
ATOM   1027 C C   . GLY   A 1 103 ? 13.930  -2.633  -6.097  1.00 31.57  ?  112 GLY   A C   1 
ATOM   1028 O O   . GLY   A 1 103 ? 14.951  -2.091  -6.503  1.00 35.28  ?  112 GLY   A O   1 
ATOM   1029 N N   . GLU   A 1 104 ? 12.747  -2.486  -6.695  1.00 28.99  ?  113 GLU   A N   1 
ATOM   1030 C CA  . GLU   A 1 104 ? 12.525  -1.532  -7.806  1.00 28.72  ?  113 GLU   A CA  1 
ATOM   1031 C C   . GLU   A 1 104 ? 13.025  -0.139  -7.382  1.00 30.78  ?  113 GLU   A C   1 
ATOM   1032 O O   . GLU   A 1 104 ? 12.913  0.192   -6.214  1.00 26.91  ?  113 GLU   A O   1 
ATOM   1033 C CB  . GLU   A 1 104 ? 11.066  -1.498  -8.228  1.00 27.48  ?  113 GLU   A CB  1 
ATOM   1034 C CG  . GLU   A 1 104 ? 10.578  -2.880  -8.668  1.00 26.90  ?  113 GLU   A CG  1 
ATOM   1035 C CD  . GLU   A 1 104 ? 9.915   -3.703  -7.580  1.00 28.30  ?  113 GLU   A CD  1 
ATOM   1036 O OE1 . GLU   A 1 104 ? 10.231  -3.473  -6.386  1.00 27.60  ?  113 GLU   A OE1 1 
ATOM   1037 O OE2 . GLU   A 1 104 ? 9.010   -4.490  -7.925  1.00 28.42  ?  113 GLU   A OE2 1 
ATOM   1038 N N   . ILE   A 1 105 ? 13.604  0.626   -8.310  1.00 31.07  ?  114 ILE   A N   1 
ATOM   1039 C CA  . ILE   A 1 105 ? 14.020  2.035   -8.055  1.00 29.59  ?  114 ILE   A CA  1 
ATOM   1040 C C   . ILE   A 1 105 ? 12.778  2.917   -8.096  1.00 29.81  ?  114 ILE   A C   1 
ATOM   1041 O O   . ILE   A 1 105 ? 12.053  2.942   -9.099  1.00 30.89  ?  114 ILE   A O   1 
ATOM   1042 C CB  . ILE   A 1 105 ? 15.080  2.508   -9.066  1.00 31.49  ?  114 ILE   A CB  1 
ATOM   1043 C CG1 . ILE   A 1 105 ? 16.254  1.535   -9.174  1.00 33.51  ?  114 ILE   A CG1 1 
ATOM   1044 C CG2 . ILE   A 1 105 ? 15.566  3.907   -8.714  1.00 33.15  ?  114 ILE   A CG2 1 
ATOM   1045 C CD1 . ILE   A 1 105 ? 16.960  1.324   -7.880  1.00 32.49  ?  114 ILE   A CD1 1 
ATOM   1046 N N   . PRO   A 1 106 ? 12.484  3.685   -7.015  1.00 30.34  ?  115 PRO   A N   1 
ATOM   1047 C CA  . PRO   A 1 106 ? 11.370  4.611   -7.044  1.00 30.47  ?  115 PRO   A CA  1 
ATOM   1048 C C   . PRO   A 1 106 ? 11.644  5.877   -7.873  1.00 31.55  ?  115 PRO   A C   1 
ATOM   1049 O O   . PRO   A 1 106 ? 12.798  6.180   -8.202  1.00 29.46  ?  115 PRO   A O   1 
ATOM   1050 C CB  . PRO   A 1 106 ? 11.134  4.931   -5.561  1.00 32.13  ?  115 PRO   A CB  1 
ATOM   1051 C CG  . PRO   A 1 106 ? 12.460  4.744   -4.904  1.00 30.02  ?  115 PRO   A CG  1 
ATOM   1052 C CD  . PRO   A 1 106 ? 13.144  3.667   -5.705  1.00 30.67  ?  115 PRO   A CD  1 
ATOM   1053 N N   . VAL   A 1 107 ? 10.558  6.577   -8.194  1.00 29.65  ?  116 VAL   A N   1 
ATOM   1054 C CA  . VAL   A 1 107 ? 10.587  7.914   -8.857  1.00 33.24  ?  116 VAL   A CA  1 
ATOM   1055 C C   . VAL   A 1 107 ? 10.357  9.000   -7.807  1.00 30.74  ?  116 VAL   A C   1 
ATOM   1056 O O   . VAL   A 1 107 ? 10.627  10.216  -8.101  1.00 30.51  ?  116 VAL   A O   1 
ATOM   1057 C CB  . VAL   A 1 107 ? 9.570   8.000   -10.010 1.00 33.49  ?  116 VAL   A CB  1 
ATOM   1058 C CG1 . VAL   A 1 107 ? 9.940   7.049   -11.140 1.00 35.02  ?  116 VAL   A CG1 1 
ATOM   1059 C CG2 . VAL   A 1 107 ? 8.152   7.792   -9.548  1.00 29.80  ?  116 VAL   A CG2 1 
ATOM   1060 N N   . ALA   A 1 108 ? 9.823   8.619   -6.642  1.00 31.22  ?  117 ALA   A N   1 
ATOM   1061 C CA  . ALA   A 1 108 ? 9.554   9.574   -5.550  1.00 32.78  ?  117 ALA   A CA  1 
ATOM   1062 C C   . ALA   A 1 108 ? 9.158   8.812   -4.292  1.00 36.68  ?  117 ALA   A C   1 
ATOM   1063 O O   . ALA   A 1 108 ? 9.129   7.559   -4.320  1.00 31.48  ?  117 ALA   A O   1 
ATOM   1064 C CB  . ALA   A 1 108 ? 8.480   10.543  -5.966  1.00 36.38  ?  117 ALA   A CB  1 
ATOM   1065 N N   . TYR   A 1 109 ? 8.927   9.567   -3.223  1.00 34.47  ?  118 TYR   A N   1 
ATOM   1066 C CA  . TYR   A 1 109 ? 8.479   9.062   -1.906  1.00 36.37  ?  118 TYR   A CA  1 
ATOM   1067 C C   . TYR   A 1 109 ? 7.203   9.787   -1.515  1.00 40.93  ?  118 TYR   A C   1 
ATOM   1068 O O   . TYR   A 1 109 ? 7.102   10.991  -1.775  1.00 47.52  ?  118 TYR   A O   1 
ATOM   1069 C CB  . TYR   A 1 109 ? 9.603   9.201   -0.890  1.00 32.82  ?  118 TYR   A CB  1 
ATOM   1070 C CG  . TYR   A 1 109 ? 10.693  8.188   -1.083  1.00 32.09  ?  118 TYR   A CG  1 
ATOM   1071 C CD1 . TYR   A 1 109 ? 10.604  6.910   -0.560  1.00 32.59  ?  118 TYR   A CD1 1 
ATOM   1072 C CD2 . TYR   A 1 109 ? 11.798  8.499   -1.827  1.00 32.12  ?  118 TYR   A CD2 1 
ATOM   1073 C CE1 . TYR   A 1 109 ? 11.596  5.971   -0.745  1.00 32.95  ?  118 TYR   A CE1 1 
ATOM   1074 C CE2 . TYR   A 1 109 ? 12.802  7.579   -2.015  1.00 32.71  ?  118 TYR   A CE2 1 
ATOM   1075 C CZ  . TYR   A 1 109 ? 12.702  6.322   -1.489  1.00 32.95  ?  118 TYR   A CZ  1 
ATOM   1076 O OH  . TYR   A 1 109 ? 13.734  5.467   -1.711  1.00 38.20  ?  118 TYR   A OH  1 
ATOM   1077 N N   . ARG   A 1 110 ? 6.245   9.046   -0.968  1.00 41.34  ?  119 ARG   A N   1 
ATOM   1078 C CA  . ARG   A 1 110 ? 4.930   9.562   -0.515  1.00 43.70  ?  119 ARG   A CA  1 
ATOM   1079 C C   . ARG   A 1 110 ? 4.872   9.369   0.998   1.00 42.42  ?  119 ARG   A C   1 
ATOM   1080 O O   . ARG   A 1 110 ? 4.812   8.215   1.446   1.00 37.86  ?  119 ARG   A O   1 
ATOM   1081 C CB  . ARG   A 1 110 ? 3.802   8.856   -1.270  1.00 47.88  ?  119 ARG   A CB  1 
ATOM   1082 C CG  . ARG   A 1 110 ? 2.469   9.584   -1.221  1.00 55.68  ?  119 ARG   A CG  1 
ATOM   1083 C CD  . ARG   A 1 110 ? 2.515   10.871  -2.008  1.00 57.32  ?  119 ARG   A CD  1 
ATOM   1084 N NE  . ARG   A 1 110 ? 1.629   11.819  -1.374  1.00 60.85  ?  119 ARG   A NE  1 
ATOM   1085 C CZ  . ARG   A 1 110 ? 0.432   12.158  -1.815  1.00 63.57  ?  119 ARG   A CZ  1 
ATOM   1086 N NH1 . ARG   A 1 110 ? -0.048  11.649  -2.937  1.00 63.20  ?  119 ARG   A NH1 1 
ATOM   1087 N NH2 . ARG   A 1 110 ? -0.284  13.019  -1.119  1.00 68.34  ?  119 ARG   A NH2 1 
ATOM   1088 N N   . LYS   A 1 111 ? 4.980   10.476  1.737   1.00 43.83  ?  120 LYS   A N   1 
ATOM   1089 C CA  . LYS   A 1 111 ? 4.950   10.525  3.222   1.00 44.74  ?  120 LYS   A CA  1 
ATOM   1090 C C   . LYS   A 1 111 ? 3.506   10.313  3.655   1.00 40.42  ?  120 LYS   A C   1 
ATOM   1091 O O   . LYS   A 1 111 ? 2.646   11.079  3.225   1.00 43.00  ?  120 LYS   A O   1 
ATOM   1092 C CB  . LYS   A 1 111 ? 5.512   11.851  3.745   1.00 42.68  ?  120 LYS   A CB  1 
ATOM   1093 C CG  . LYS   A 1 111 ? 7.013   12.001  3.595   1.00 53.29  ?  120 LYS   A CG  1 
ATOM   1094 C CD  . LYS   A 1 111 ? 7.577   13.242  4.265   1.00 57.39  ?  120 LYS   A CD  1 
ATOM   1095 C CE  . LYS   A 1 111 ? 7.138   14.516  3.577   1.00 68.87  ?  120 LYS   A CE  1 
ATOM   1096 N NZ  . LYS   A 1 111 ? 7.472   15.716  4.381   1.00 76.11  ?  120 LYS   A NZ  1 
ATOM   1097 N N   . VAL   A 1 112 ? 3.239   9.261   4.434   1.00 38.99  ?  121 VAL   A N   1 
ATOM   1098 C CA  . VAL   A 1 112 ? 1.855   9.003   4.908   1.00 38.73  ?  121 VAL   A CA  1 
ATOM   1099 C C   . VAL   A 1 112 ? 1.901   8.729   6.400   1.00 37.58  ?  121 VAL   A C   1 
ATOM   1100 O O   . VAL   A 1 112 ? 2.948   8.265   6.927   1.00 39.78  ?  121 VAL   A O   1 
ATOM   1101 C CB  . VAL   A 1 112 ? 1.187   7.862   4.114   1.00 37.01  ?  121 VAL   A CB  1 
ATOM   1102 C CG1 . VAL   A 1 112 ? 1.247   8.125   2.612   1.00 39.05  ?  121 VAL   A CG1 1 
ATOM   1103 C CG2 . VAL   A 1 112 ? 1.797   6.510   4.438   1.00 36.07  ?  121 VAL   A CG2 1 
ATOM   1104 N N   . LEU   A 1 113 ? 0.785   9.013   7.053   1.00 39.70  ?  122 LEU   A N   1 
ATOM   1105 C CA  . LEU   A 1 113 ? 0.503   8.565   8.441   1.00 40.92  ?  122 LEU   A CA  1 
ATOM   1106 C C   . LEU   A 1 113 ? -0.555  7.477   8.318   1.00 40.86  ?  122 LEU   A C   1 
ATOM   1107 O O   . LEU   A 1 113 ? -1.721  7.821   7.960   1.00 36.62  ?  122 LEU   A O   1 
ATOM   1108 C CB  . LEU   A 1 113 ? 0.024   9.794   9.233   1.00 44.87  ?  122 LEU   A CB  1 
ATOM   1109 C CG  . LEU   A 1 113 ? 0.053   9.739   10.763  1.00 48.61  ?  122 LEU   A CG  1 
ATOM   1110 C CD1 . LEU   A 1 113 ? 1.349   9.146   11.319  1.00 50.85  ?  122 LEU   A CD1 1 
ATOM   1111 C CD2 . LEU   A 1 113 ? -0.146  11.152  11.325  1.00 51.85  ?  122 LEU   A CD2 1 
ATOM   1112 N N   . LEU   A 1 114 ? -0.170  6.221   8.547   1.00 35.89  ?  123 LEU   A N   1 
ATOM   1113 C CA  . LEU   A 1 114 ? -1.059  5.065   8.294   1.00 40.41  ?  123 LEU   A CA  1 
ATOM   1114 C C   . LEU   A 1 114 ? -1.784  4.696   9.582   1.00 43.09  ?  123 LEU   A C   1 
ATOM   1115 O O   . LEU   A 1 114 ? -1.096  4.325   10.571  1.00 44.85  ?  123 LEU   A O   1 
ATOM   1116 C CB  . LEU   A 1 114 ? -0.251  3.869   7.782   1.00 45.49  ?  123 LEU   A CB  1 
ATOM   1117 C CG  . LEU   A 1 114 ? -0.997  2.535   7.805   1.00 47.73  ?  123 LEU   A CG  1 
ATOM   1118 C CD1 . LEU   A 1 114 ? -2.001  2.456   6.663   1.00 46.93  ?  123 LEU   A CD1 1 
ATOM   1119 C CD2 . LEU   A 1 114 ? -0.018  1.375   7.768   1.00 51.04  ?  123 LEU   A CD2 1 
ATOM   1120 N N   . ARG   A 1 115 ? -3.113  4.773   9.556   1.00 46.52  ?  124 ARG   A N   1 
ATOM   1121 C CA  . ARG   A 1 115 ? -3.980  4.137   10.576  1.00 57.71  ?  124 ARG   A CA  1 
ATOM   1122 C C   . ARG   A 1 115 ? -3.703  2.632   10.527  1.00 63.11  ?  124 ARG   A C   1 
ATOM   1123 O O   . ARG   A 1 115 ? -4.091  1.978   9.522   1.00 62.63  ?  124 ARG   A O   1 
ATOM   1124 C CB  . ARG   A 1 115 ? -5.450  4.486   10.338  1.00 63.22  ?  124 ARG   A CB  1 
ATOM   1125 C CG  . ARG   A 1 115 ? -6.371  4.170   11.508  1.00 71.50  ?  124 ARG   A CG  1 
ATOM   1126 C CD  . ARG   A 1 115 ? -7.789  4.626   11.223  1.00 85.52  ?  124 ARG   A CD  1 
ATOM   1127 N NE  . ARG   A 1 115 ? -7.838  6.080   11.104  1.00 101.44 ?  124 ARG   A NE  1 
ATOM   1128 C CZ  . ARG   A 1 115 ? -8.878  6.793   10.676  1.00 107.47 ?  124 ARG   A CZ  1 
ATOM   1129 N NH1 . ARG   A 1 115 ? -10.003 6.195   10.309  1.00 100.85 ?  124 ARG   A NH1 1 
ATOM   1130 N NH2 . ARG   A 1 115 ? -8.782  8.115   10.629  1.00 100.55 ?  124 ARG   A NH2 1 
ATOM   1131 N N   . LYS   A 1 116 ? -2.995  2.137   11.546  1.00 74.92  ?  125 LYS   A N   1 
ATOM   1132 C CA  . LYS   A 1 116 ? -2.530  0.738   11.702  1.00 79.58  ?  125 LYS   A CA  1 
ATOM   1133 C C   . LYS   A 1 116 ? -3.443  0.032   12.714  1.00 94.86  ?  125 LYS   A C   1 
ATOM   1134 O O   . LYS   A 1 116 ? -4.125  0.693   13.511  1.00 97.65  ?  125 LYS   A O   1 
ATOM   1135 C CB  . LYS   A 1 116 ? -1.080  0.729   12.138  1.00 68.53  ?  125 LYS   A CB  1 
HETATM 1136 C C01 C A1CS3 B 2 .   ? 5.700   -0.171  14.064  0.12 38.07  ?  201 A1CS3 A C01 1 
HETATM 1137 C C01 D A1CS3 B 2 .   ? 5.704   -0.175  14.061  0.10 38.04  ?  201 A1CS3 A C01 1 
HETATM 1138 O O02 C A1CS3 B 2 .   ? 4.809   -0.981  13.317  0.12 37.48  ?  201 A1CS3 A O02 1 
HETATM 1139 O O02 D A1CS3 B 2 .   ? 4.812   -0.982  13.313  0.10 37.48  ?  201 A1CS3 A O02 1 
HETATM 1140 C C03 C A1CS3 B 2 .   ? 4.604   -0.603  12.030  0.12 37.27  ?  201 A1CS3 A C03 1 
HETATM 1141 C C03 D A1CS3 B 2 .   ? 4.605   -0.602  12.026  0.10 37.29  ?  201 A1CS3 A C03 1 
HETATM 1142 O O04 C A1CS3 B 2 .   ? 5.548   -0.289  11.334  0.12 35.27  ?  201 A1CS3 A O04 1 
HETATM 1143 O O04 D A1CS3 B 2 .   ? 5.547   -0.288  11.328  0.10 35.41  ?  201 A1CS3 A O04 1 
HETATM 1144 C C05 C A1CS3 B 2 .   ? 3.134   -0.605  11.634  0.12 37.83  ?  201 A1CS3 A C05 1 
HETATM 1145 C C05 D A1CS3 B 2 .   ? 3.135   -0.602  11.633  0.10 37.85  ?  201 A1CS3 A C05 1 
HETATM 1146 C C06 C A1CS3 B 2 .   ? 2.894   -0.920  10.172  0.12 37.97  ?  201 A1CS3 A C06 1 
HETATM 1147 C C06 D A1CS3 B 2 .   ? 2.893   -0.917  10.170  0.10 37.99  ?  201 A1CS3 A C06 1 
HETATM 1148 C C07 C A1CS3 B 2 .   ? 1.497   -1.516  10.122  0.12 38.80  ?  201 A1CS3 A C07 1 
HETATM 1149 C C07 D A1CS3 B 2 .   ? 1.494   -1.513  10.122  0.10 38.76  ?  201 A1CS3 A C07 1 
HETATM 1150 C C08 C A1CS3 B 2 .   ? 1.361   -2.327  11.418  0.12 38.77  ?  201 A1CS3 A C08 1 
HETATM 1151 C C08 D A1CS3 B 2 .   ? 1.361   -2.325  11.417  0.10 38.73  ?  201 A1CS3 A C08 1 
HETATM 1152 C C09 C A1CS3 B 2 .   ? 2.411   -1.779  12.352  0.12 38.83  ?  201 A1CS3 A C09 1 
HETATM 1153 C C09 D A1CS3 B 2 .   ? 2.414   -1.777  12.348  0.10 38.78  ?  201 A1CS3 A C09 1 
HETATM 1154 O O10 C A1CS3 B 2 .   ? 2.637   -2.165  13.469  0.12 38.71  ?  201 A1CS3 A O10 1 
HETATM 1155 O O10 D A1CS3 B 2 .   ? 2.642   -2.166  13.466  0.10 38.68  ?  201 A1CS3 A O10 1 
HETATM 1156 O O   . HOH   C 3 .   ? 6.650   1.186   5.027   1.00 41.40  ?  301 HOH   A O   1 
HETATM 1157 O O   . HOH   C 3 .   ? 13.403  3.392   -0.932  0.50 50.81  ?  302 HOH   A O   1 
HETATM 1158 O O   . HOH   C 3 .   ? 2.602   -3.858  -17.284 1.00 56.52  ?  303 HOH   A O   1 
HETATM 1159 O O   . HOH   C 3 .   ? -11.565 -0.811  -10.593 1.00 63.77  ?  304 HOH   A O   1 
HETATM 1160 O O   . HOH   C 3 .   ? -10.484 15.239  5.249   0.50 73.83  ?  305 HOH   A O   1 
HETATM 1161 O O   . HOH   C 3 .   ? -3.690  -0.852  9.223   1.00 60.20  ?  306 HOH   A O   1 
HETATM 1162 O O   . HOH   C 3 .   ? -11.440 1.540   -8.478  1.00 58.07  ?  307 HOH   A O   1 
HETATM 1163 O O   . HOH   C 3 .   ? -6.328  -5.920  -12.799 1.00 40.78  ?  308 HOH   A O   1 
HETATM 1164 O O   . HOH   C 3 .   ? 3.205   4.196   -13.223 1.00 43.81  ?  309 HOH   A O   1 
HETATM 1165 O O   . HOH   C 3 .   ? -5.734  -7.026  -16.364 1.00 49.02  ?  310 HOH   A O   1 
HETATM 1166 O O   . HOH   C 3 .   ? -15.811 -8.132  -4.377  1.00 50.38  ?  311 HOH   A O   1 
HETATM 1167 O O   . HOH   C 3 .   ? 11.046  4.376   2.807   1.00 59.77  ?  312 HOH   A O   1 
HETATM 1168 O O   . HOH   C 3 .   ? -1.268  -10.945 -6.527  1.00 47.34  ?  313 HOH   A O   1 
HETATM 1169 O O   . HOH   C 3 .   ? -4.495  14.058  6.218   1.00 55.57  ?  314 HOH   A O   1 
HETATM 1170 O O   . HOH   C 3 .   ? -2.554  -5.165  -7.062  1.00 28.93  ?  315 HOH   A O   1 
HETATM 1171 O O   . HOH   C 3 .   ? 7.152   -5.884  -6.746  1.00 27.33  ?  316 HOH   A O   1 
HETATM 1172 O O   . HOH   C 3 .   ? 1.476   5.355   -12.271 1.00 59.37  ?  317 HOH   A O   1 
HETATM 1173 O O   . HOH   C 3 .   ? -2.663  -4.015  -4.609  1.00 27.60  ?  318 HOH   A O   1 
HETATM 1174 O O   . HOH   C 3 .   ? 10.821  10.729  2.394   1.00 58.24  ?  319 HOH   A O   1 
HETATM 1175 O O   . HOH   C 3 .   ? 0.639   9.555   -4.366  1.00 50.51  ?  320 HOH   A O   1 
HETATM 1176 O O   . HOH   C 3 .   ? 9.747   2.262   -10.574 1.00 31.70  ?  321 HOH   A O   1 
HETATM 1177 O O   . HOH   C 3 .   ? 3.589   5.422   -10.028 1.00 32.73  ?  322 HOH   A O   1 
HETATM 1178 O O   . HOH   C 3 .   ? 13.661  7.067   -10.532 1.00 44.54  ?  323 HOH   A O   1 
HETATM 1179 O O   . HOH   C 3 .   ? -6.034  2.652   -13.803 1.00 42.93  ?  324 HOH   A O   1 
HETATM 1180 O O   . HOH   C 3 .   ? -6.275  -15.581 0.143   1.00 46.04  ?  325 HOH   A O   1 
HETATM 1181 O O   . HOH   C 3 .   ? 7.530   0.340   2.540   1.00 29.33  ?  326 HOH   A O   1 
HETATM 1182 O O   . HOH   C 3 .   ? 8.932   8.940   6.971   1.00 56.70  ?  327 HOH   A O   1 
HETATM 1183 O O   . HOH   C 3 .   ? -11.419 -12.085 1.485   1.00 50.44  ?  328 HOH   A O   1 
HETATM 1184 O O   . HOH   C 3 .   ? 2.274   13.030  1.436   1.00 55.50  ?  329 HOH   A O   1 
HETATM 1185 O O   . HOH   C 3 .   ? -10.065 8.515   -5.178  1.00 46.83  ?  330 HOH   A O   1 
HETATM 1186 O O   . HOH   C 3 .   ? 2.608   15.789  16.357  1.00 57.45  ?  331 HOH   A O   1 
HETATM 1187 O O   . HOH   C 3 .   ? 5.420   7.303   13.300  1.00 58.52  ?  332 HOH   A O   1 
HETATM 1188 O O   . HOH   C 3 .   ? -15.883 0.262   -6.776  1.00 42.81  ?  333 HOH   A O   1 
HETATM 1189 O O   . HOH   C 3 .   ? 0.493   -14.026 0.126   1.00 49.00  ?  334 HOH   A O   1 
HETATM 1190 O O   . HOH   C 3 .   ? -15.358 2.689   -0.916  1.00 41.40  ?  335 HOH   A O   1 
HETATM 1191 O O   . HOH   C 3 .   ? 10.436  -0.061  0.748   1.00 46.04  ?  336 HOH   A O   1 
HETATM 1192 O O   . HOH   C 3 .   ? -2.097  -18.871 -4.589  1.00 44.94  ?  337 HOH   A O   1 
HETATM 1193 O O   . HOH   C 3 .   ? 6.574   -4.416  -17.391 1.00 50.91  ?  338 HOH   A O   1 
HETATM 1194 O O   . HOH   C 3 .   ? 17.567  -2.705  -6.068  1.00 55.43  ?  339 HOH   A O   1 
HETATM 1195 O O   . HOH   C 3 .   ? -0.960  -14.820 3.166   1.00 49.68  ?  340 HOH   A O   1 
HETATM 1196 O O   . HOH   C 3 .   ? -13.862 -13.308 7.026   1.00 56.52  ?  341 HOH   A O   1 
HETATM 1197 O O   . HOH   C 3 .   ? -3.034  -6.665  -3.754  1.00 29.48  ?  342 HOH   A O   1 
HETATM 1198 O O   . HOH   C 3 .   ? -6.213  -9.743  -11.208 1.00 47.64  ?  343 HOH   A O   1 
HETATM 1199 O O   . HOH   C 3 .   ? -12.172 -4.331  -9.485  1.00 41.69  ?  344 HOH   A O   1 
HETATM 1200 O O   . HOH   C 3 .   ? -11.866 -11.934 -1.459  1.00 38.72  ?  345 HOH   A O   1 
HETATM 1201 O O   . HOH   C 3 .   ? 8.550   -7.261  -0.661  1.00 56.72  ?  346 HOH   A O   1 
HETATM 1202 O O   . HOH   C 3 .   ? -5.872  1.205   7.517   1.00 45.88  ?  347 HOH   A O   1 
HETATM 1203 O O   . HOH   C 3 .   ? 2.567   -10.055 12.158  1.00 59.31  ?  348 HOH   A O   1 
HETATM 1204 O O   . HOH   C 3 .   ? -2.905  7.729   -7.280  1.00 46.08  ?  349 HOH   A O   1 
HETATM 1205 O O   . HOH   C 3 .   ? 4.332   8.428   -10.361 1.00 42.61  ?  350 HOH   A O   1 
HETATM 1206 O O   . HOH   C 3 .   ? 11.968  -3.322  -11.939 1.00 49.11  ?  351 HOH   A O   1 
HETATM 1207 O O   . HOH   C 3 .   ? -13.087 6.784   -2.106  1.00 55.84  ?  352 HOH   A O   1 
HETATM 1208 O O   . HOH   C 3 .   ? -3.468  -9.201  -5.839  1.00 33.08  ?  353 HOH   A O   1 
HETATM 1209 O O   . HOH   C 3 .   ? 7.393   -6.254  -14.396 1.00 44.59  ?  354 HOH   A O   1 
HETATM 1210 O O   . HOH   C 3 .   ? -17.544 0.210   1.729   1.00 75.51  ?  355 HOH   A O   1 
HETATM 1211 O O   . HOH   C 3 .   ? 9.598   12.357  -3.375  1.00 56.46  ?  356 HOH   A O   1 
HETATM 1212 O O   . HOH   C 3 .   ? 4.993   13.155  0.687   1.00 50.21  ?  357 HOH   A O   1 
HETATM 1213 O O   . HOH   C 3 .   ? 12.620  4.383   -11.554 1.00 57.32  ?  358 HOH   A O   1 
HETATM 1214 O O   . HOH   C 3 .   ? 9.437   5.216   6.321   1.00 54.85  ?  359 HOH   A O   1 
HETATM 1215 O O   A HOH   C 3 .   ? -19.089 -7.880  -8.799  0.50 55.61  ?  360 HOH   A O   1 
HETATM 1216 O O   B HOH   C 3 .   ? -19.089 -7.880  -8.799  0.50 55.61  ?  360 HOH   A O   1 
HETATM 1217 O O   . HOH   C 3 .   ? 12.732  -5.505  5.494   1.00 52.69  ?  361 HOH   A O   1 
HETATM 1218 O O   . HOH   C 3 .   ? 13.398  -0.397  -11.094 1.00 42.82  ?  362 HOH   A O   1 
HETATM 1219 O O   . HOH   C 3 .   ? -11.772 -14.889 1.576   1.00 54.45  ?  363 HOH   A O   1 
HETATM 1220 O O   . HOH   C 3 .   ? 5.445   2.464   -15.947 1.00 33.67  ?  364 HOH   A O   1 
HETATM 1221 O O   . HOH   C 3 .   ? -14.379 6.656   6.695   1.00 62.84  ?  365 HOH   A O   1 
HETATM 1222 O O   . HOH   C 3 .   ? -14.584 5.086   -0.505  1.00 49.82  ?  366 HOH   A O   1 
HETATM 1223 O O   A HOH   C 3 .   ? 4.650   -10.728 4.613   0.40 40.36  ?  367 HOH   A O   1 
HETATM 1224 O O   B HOH   C 3 .   ? 4.654   -10.733 4.614   0.38 40.11  ?  367 HOH   A O   1 
HETATM 1225 O O   C HOH   C 3 .   ? 4.810   -10.919 4.234   0.12 32.62  ?  367 HOH   A O   1 
HETATM 1226 O O   D HOH   C 3 .   ? 4.804   -10.899 4.243   0.10 32.52  ?  367 HOH   A O   1 
HETATM 1227 O O   . HOH   C 3 .   ? 3.393   -10.405 -10.296 1.00 40.77  ?  368 HOH   A O   1 
HETATM 1228 O O   . HOH   C 3 .   ? 2.198   -10.543 -0.367  1.00 44.86  ?  369 HOH   A O   1 
HETATM 1229 O O   A HOH   C 3 .   ? 0.667   -1.861  9.171   0.40 49.60  ?  370 HOH   A O   1 
HETATM 1230 O O   B HOH   C 3 .   ? 0.669   -1.863  9.165   0.38 49.63  ?  370 HOH   A O   1 
HETATM 1231 O O   . HOH   C 3 .   ? 12.669  -3.935  -0.751  1.00 51.96  ?  371 HOH   A O   1 
HETATM 1232 O O   . HOH   C 3 .   ? 2.604   -11.771 -8.938  1.00 49.57  ?  372 HOH   A O   1 
HETATM 1233 O O   . HOH   C 3 .   ? -10.691 1.674   6.090   1.00 71.26  ?  373 HOH   A O   1 
HETATM 1234 O O   . HOH   C 3 .   ? 1.034   -3.619  -20.750 1.00 59.44  ?  374 HOH   A O   1 
HETATM 1235 O O   . HOH   C 3 .   ? -14.320 1.008   -8.419  1.00 48.47  ?  375 HOH   A O   1 
HETATM 1236 O O   . HOH   C 3 .   ? 9.621   1.726   2.936   1.00 51.13  ?  376 HOH   A O   1 
HETATM 1237 O O   . HOH   C 3 .   ? -7.791  1.707   -16.149 1.00 64.51  ?  377 HOH   A O   1 
HETATM 1238 O O   . HOH   C 3 .   ? -11.523 14.145  8.621   0.50 121.50 ?  378 HOH   A O   1 
HETATM 1239 O O   . HOH   C 3 .   ? -11.444 -13.990 -3.019  1.00 50.54  ?  379 HOH   A O   1 
HETATM 1240 O O   . HOH   C 3 .   ? -14.681 -10.854 -0.841  1.00 55.34  ?  380 HOH   A O   1 
HETATM 1241 O O   C HOH   C 3 .   ? -18.976 -8.685  -7.621  0.12 26.83  ?  381 HOH   A O   1 
HETATM 1242 O O   D HOH   C 3 .   ? -18.969 -8.681  -7.621  0.10 26.92  ?  381 HOH   A O   1 
HETATM 1243 O O   . HOH   C 3 .   ? 6.513   -8.542  -14.843 1.00 57.03  ?  382 HOH   A O   1 
# 
